data_5ZAU
#
_entry.id   5ZAU
#
loop_
_entity.id
_entity.type
_entity.pdbx_description
1 polymer 'Tyrosine-protein kinase Fyn'
2 polymer 'Monobody Binder'
#
loop_
_entity_poly.entity_id
_entity_poly.type
_entity_poly.pdbx_seq_one_letter_code
_entity_poly.pdbx_strand_id
1 'polypeptide(L)' TLFVALYDYEARTEDDLSFHKGEKFQILNSSEGDWWEARSLTTGETGYIPSNYVAPV A
2 'polypeptide(L)' MATVKFKYKGEEKQVDISKIVFVTRYGKQIFFRYDLGGGKPGFGVVSEKDAPKELLQKLEKQKK B
#
# COMPACT_ATOMS: atom_id res chain seq x y z
N THR A 1 -5.65 16.12 -11.97
CA THR A 1 -4.40 15.65 -11.35
C THR A 1 -4.10 14.22 -11.76
N LEU A 2 -3.12 14.03 -12.61
CA LEU A 2 -2.73 12.70 -13.05
C LEU A 2 -1.51 12.23 -12.28
N PHE A 3 -1.49 10.96 -11.93
CA PHE A 3 -0.38 10.38 -11.20
C PHE A 3 0.40 9.41 -12.08
N VAL A 4 1.71 9.52 -12.06
CA VAL A 4 2.57 8.65 -12.85
C VAL A 4 3.31 7.66 -11.97
N ALA A 5 3.39 6.42 -12.42
CA ALA A 5 4.09 5.38 -11.68
C ALA A 5 5.59 5.51 -11.82
N LEU A 6 6.29 5.62 -10.71
CA LEU A 6 7.74 5.76 -10.71
C LEU A 6 8.38 4.39 -10.85
N TYR A 7 7.76 3.38 -10.27
CA TYR A 7 8.28 2.03 -10.33
C TYR A 7 7.17 1.06 -10.69
N ASP A 8 7.55 -0.08 -11.27
CA ASP A 8 6.58 -1.11 -11.66
C ASP A 8 6.23 -1.97 -10.47
N TYR A 9 4.98 -2.42 -10.43
CA TYR A 9 4.50 -3.26 -9.33
C TYR A 9 3.40 -4.18 -9.81
N GLU A 10 3.54 -5.46 -9.50
CA GLU A 10 2.54 -6.45 -9.87
C GLU A 10 1.62 -6.69 -8.69
N ALA A 11 0.32 -6.67 -8.93
CA ALA A 11 -0.65 -6.87 -7.88
C ALA A 11 -0.55 -8.26 -7.28
N ARG A 12 -0.78 -8.35 -5.98
CA ARG A 12 -0.72 -9.61 -5.27
C ARG A 12 -2.12 -10.19 -5.12
N THR A 13 -3.11 -9.36 -5.43
CA THR A 13 -4.50 -9.75 -5.35
C THR A 13 -5.28 -9.03 -6.44
N GLU A 14 -6.61 -9.05 -6.35
CA GLU A 14 -7.44 -8.36 -7.33
C GLU A 14 -7.87 -7.00 -6.76
N ASP A 15 -7.46 -6.76 -5.52
CA ASP A 15 -7.76 -5.52 -4.83
C ASP A 15 -6.81 -4.44 -5.33
N ASP A 16 -5.53 -4.80 -5.37
CA ASP A 16 -4.50 -3.91 -5.85
C ASP A 16 -4.37 -4.07 -7.36
N LEU A 17 -3.88 -3.04 -8.04
CA LEU A 17 -3.75 -3.09 -9.49
C LEU A 17 -2.29 -3.14 -9.92
N SER A 18 -2.01 -3.95 -10.93
CA SER A 18 -0.68 -4.08 -11.48
C SER A 18 -0.41 -2.93 -12.45
N PHE A 19 0.79 -2.39 -12.41
CA PHE A 19 1.16 -1.29 -13.29
C PHE A 19 2.65 -1.28 -13.57
N HIS A 20 3.05 -0.52 -14.57
CA HIS A 20 4.45 -0.41 -14.95
C HIS A 20 4.91 1.04 -14.86
N LYS A 21 6.22 1.22 -14.92
CA LYS A 21 6.81 2.54 -14.84
C LYS A 21 6.30 3.43 -15.99
N GLY A 22 5.71 4.56 -15.64
CA GLY A 22 5.19 5.45 -16.65
C GLY A 22 3.68 5.39 -16.77
N GLU A 23 3.06 4.52 -15.98
CA GLU A 23 1.61 4.38 -15.98
C GLU A 23 0.93 5.63 -15.45
N LYS A 24 -0.17 6.01 -16.07
CA LYS A 24 -0.93 7.18 -15.66
C LYS A 24 -2.27 6.75 -15.08
N PHE A 25 -2.56 7.17 -13.86
CA PHE A 25 -3.81 6.78 -13.20
C PHE A 25 -4.71 7.97 -12.92
N GLN A 26 -6.00 7.72 -13.00
CA GLN A 26 -7.01 8.72 -12.70
C GLN A 26 -7.52 8.45 -11.29
N ILE A 27 -7.04 9.23 -10.33
CA ILE A 27 -7.43 9.06 -8.94
C ILE A 27 -8.93 9.24 -8.75
N LEU A 28 -9.61 8.18 -8.34
CA LEU A 28 -11.04 8.23 -8.12
C LEU A 28 -11.34 8.65 -6.69
N ASN A 29 -10.75 7.96 -5.73
CA ASN A 29 -10.96 8.27 -4.32
C ASN A 29 -9.64 8.31 -3.57
N SER A 30 -9.16 9.50 -3.27
CA SER A 30 -7.92 9.66 -2.54
C SER A 30 -8.18 9.76 -1.04
N SER A 31 -9.46 9.86 -0.68
CA SER A 31 -9.86 9.98 0.71
C SER A 31 -10.13 8.60 1.33
N GLU A 32 -9.76 7.55 0.60
CA GLU A 32 -9.97 6.18 1.08
C GLU A 32 -8.97 5.85 2.19
N GLY A 33 -7.83 6.54 2.18
CA GLY A 33 -6.81 6.31 3.18
C GLY A 33 -5.42 6.44 2.60
N ASP A 34 -4.59 5.43 2.82
CA ASP A 34 -3.23 5.44 2.29
C ASP A 34 -3.25 4.96 0.85
N TRP A 35 -3.94 3.85 0.62
CA TRP A 35 -4.07 3.28 -0.71
C TRP A 35 -5.28 3.91 -1.39
N TRP A 36 -5.09 4.44 -2.57
CA TRP A 36 -6.17 5.09 -3.29
C TRP A 36 -6.65 4.24 -4.45
N GLU A 37 -7.95 4.22 -4.65
CA GLU A 37 -8.53 3.47 -5.75
C GLU A 37 -8.52 4.38 -6.99
N ALA A 38 -7.83 3.95 -8.02
CA ALA A 38 -7.74 4.76 -9.23
C ALA A 38 -8.02 3.93 -10.47
N ARG A 39 -8.29 4.63 -11.55
CA ARG A 39 -8.57 4.01 -12.83
C ARG A 39 -7.45 4.35 -13.79
N SER A 40 -6.78 3.34 -14.33
CA SER A 40 -5.69 3.55 -15.27
C SER A 40 -6.19 4.27 -16.52
N LEU A 41 -5.37 5.14 -17.07
CA LEU A 41 -5.72 5.87 -18.27
C LEU A 41 -5.35 5.05 -19.51
N THR A 42 -4.50 4.05 -19.32
CA THR A 42 -4.07 3.21 -20.43
C THR A 42 -4.96 1.98 -20.58
N THR A 43 -5.17 1.25 -19.48
CA THR A 43 -5.99 0.05 -19.52
C THR A 43 -7.46 0.38 -19.27
N GLY A 44 -7.70 1.27 -18.33
CA GLY A 44 -9.06 1.66 -17.99
C GLY A 44 -9.62 0.81 -16.87
N GLU A 45 -8.76 0.00 -16.26
CA GLU A 45 -9.17 -0.87 -15.16
C GLU A 45 -9.12 -0.13 -13.83
N THR A 46 -9.79 -0.68 -12.84
CA THR A 46 -9.83 -0.07 -11.51
C THR A 46 -9.14 -0.95 -10.48
N GLY A 47 -8.61 -0.31 -9.45
CA GLY A 47 -7.93 -1.03 -8.40
C GLY A 47 -7.16 -0.11 -7.47
N TYR A 48 -6.71 -0.62 -6.35
CA TYR A 48 -5.95 0.17 -5.39
C TYR A 48 -4.50 0.32 -5.83
N ILE A 49 -3.98 1.53 -5.76
CA ILE A 49 -2.60 1.80 -6.14
C ILE A 49 -1.83 2.37 -4.96
N PRO A 50 -0.59 1.90 -4.77
CA PRO A 50 0.27 2.37 -3.69
C PRO A 50 0.77 3.79 -3.96
N SER A 51 0.47 4.69 -3.03
CA SER A 51 0.84 6.10 -3.14
C SER A 51 2.36 6.31 -3.12
N ASN A 52 3.11 5.32 -2.64
CA ASN A 52 4.56 5.43 -2.57
C ASN A 52 5.21 5.12 -3.91
N TYR A 53 4.49 4.41 -4.78
CA TYR A 53 5.03 4.03 -6.09
C TYR A 53 4.64 5.04 -7.17
N VAL A 54 3.71 5.94 -6.84
CA VAL A 54 3.27 6.93 -7.81
C VAL A 54 3.64 8.33 -7.38
N ALA A 55 3.66 9.24 -8.35
CA ALA A 55 3.97 10.63 -8.11
C ALA A 55 3.05 11.52 -8.94
N PRO A 56 2.54 12.61 -8.35
CA PRO A 56 1.65 13.53 -9.05
C PRO A 56 2.37 14.35 -10.12
N VAL A 57 1.75 14.48 -11.27
CA VAL A 57 2.34 15.25 -12.36
C VAL A 57 1.87 16.70 -12.28
N MET B 1 2.18 -14.28 14.83
CA MET B 1 3.64 -14.05 14.76
C MET B 1 4.02 -12.74 15.45
N ALA B 2 3.55 -11.61 14.92
CA ALA B 2 3.87 -10.32 15.49
C ALA B 2 2.86 -9.24 15.10
N THR B 3 2.86 -8.16 15.85
CA THR B 3 1.97 -7.03 15.60
C THR B 3 2.76 -5.86 15.03
N VAL B 4 2.44 -5.45 13.82
CA VAL B 4 3.14 -4.36 13.15
C VAL B 4 2.52 -3.01 13.48
N LYS B 5 3.36 -2.04 13.79
CA LYS B 5 2.91 -0.69 14.12
C LYS B 5 3.06 0.20 12.89
N PHE B 6 2.08 1.05 12.67
CA PHE B 6 2.10 1.94 11.52
C PHE B 6 1.39 3.25 11.85
N LYS B 7 1.41 4.18 10.89
CA LYS B 7 0.76 5.46 11.05
C LYS B 7 -0.23 5.69 9.92
N TYR B 8 -1.44 5.15 10.08
CA TYR B 8 -2.49 5.27 9.06
C TYR B 8 -2.88 6.74 8.88
N LYS B 9 -2.23 7.40 7.93
CA LYS B 9 -2.49 8.82 7.63
C LYS B 9 -2.41 9.68 8.89
N GLY B 10 -1.59 9.26 9.85
CA GLY B 10 -1.43 10.00 11.08
C GLY B 10 -1.97 9.25 12.29
N GLU B 11 -2.79 8.25 12.04
CA GLU B 11 -3.36 7.44 13.12
C GLU B 11 -2.45 6.29 13.48
N GLU B 12 -1.71 6.44 14.58
CA GLU B 12 -0.81 5.39 15.04
C GLU B 12 -1.60 4.18 15.51
N LYS B 13 -1.33 3.03 14.92
CA LYS B 13 -2.03 1.81 15.27
C LYS B 13 -1.14 0.60 15.08
N GLN B 14 -1.48 -0.49 15.76
CA GLN B 14 -0.73 -1.73 15.65
C GLN B 14 -1.65 -2.87 15.26
N VAL B 15 -1.37 -3.49 14.12
CA VAL B 15 -2.19 -4.61 13.66
C VAL B 15 -1.32 -5.83 13.38
N ASP B 16 -1.86 -7.00 13.70
CA ASP B 16 -1.15 -8.26 13.51
C ASP B 16 -0.81 -8.48 12.04
N ILE B 17 0.41 -8.97 11.80
CA ILE B 17 0.87 -9.24 10.44
C ILE B 17 -0.01 -10.30 9.77
N SER B 18 -0.63 -11.14 10.58
CA SER B 18 -1.49 -12.20 10.09
C SER B 18 -2.78 -11.65 9.49
N LYS B 19 -3.03 -10.36 9.69
CA LYS B 19 -4.24 -9.73 9.17
C LYS B 19 -3.96 -8.85 7.97
N ILE B 20 -2.73 -8.92 7.47
CA ILE B 20 -2.33 -8.14 6.30
C ILE B 20 -2.59 -8.94 5.02
N VAL B 21 -3.12 -8.27 4.01
CA VAL B 21 -3.42 -8.91 2.74
C VAL B 21 -2.21 -8.86 1.79
N PHE B 22 -1.75 -7.65 1.48
CA PHE B 22 -0.61 -7.47 0.60
C PHE B 22 0.33 -6.42 1.15
N VAL B 23 1.62 -6.55 0.81
CA VAL B 23 2.64 -5.61 1.28
C VAL B 23 3.44 -5.07 0.10
N THR B 24 3.53 -3.75 -0.01
CA THR B 24 4.26 -3.13 -1.09
C THR B 24 5.35 -2.20 -0.57
N ARG B 25 6.59 -2.67 -0.60
CA ARG B 25 7.72 -1.87 -0.14
C ARG B 25 8.29 -1.09 -1.31
N TYR B 26 8.62 0.17 -1.07
CA TYR B 26 9.18 1.03 -2.11
C TYR B 26 10.69 1.15 -1.98
N GLY B 27 11.20 0.87 -0.80
CA GLY B 27 12.62 0.98 -0.56
C GLY B 27 12.91 2.20 0.29
N LYS B 28 11.84 2.93 0.57
CA LYS B 28 11.89 4.13 1.39
C LYS B 28 10.71 4.11 2.37
N GLN B 29 9.55 3.70 1.87
CA GLN B 29 8.33 3.61 2.67
C GLN B 29 7.58 2.33 2.32
N ILE B 30 7.07 1.64 3.34
CA ILE B 30 6.31 0.42 3.12
C ILE B 30 4.82 0.69 3.27
N PHE B 31 4.05 0.33 2.25
CA PHE B 31 2.60 0.52 2.28
C PHE B 31 1.90 -0.84 2.21
N PHE B 32 0.87 -1.03 3.02
CA PHE B 32 0.15 -2.29 3.03
C PHE B 32 -1.30 -2.08 3.45
N ARG B 33 -2.10 -3.15 3.37
CA ARG B 33 -3.49 -3.11 3.77
C ARG B 33 -3.80 -4.27 4.70
N TYR B 34 -4.63 -4.01 5.72
CA TYR B 34 -4.99 -5.02 6.68
C TYR B 34 -6.50 -5.17 6.77
N ASP B 35 -6.93 -6.37 7.13
CA ASP B 35 -8.36 -6.66 7.26
C ASP B 35 -8.67 -7.10 8.69
N LEU B 36 -9.17 -6.18 9.51
CA LEU B 36 -9.49 -6.50 10.89
C LEU B 36 -10.78 -7.31 10.98
N GLY B 37 -10.83 -8.23 11.92
CA GLY B 37 -12.01 -9.07 12.10
C GLY B 37 -13.12 -8.34 12.82
N GLY B 38 -12.83 -7.13 13.29
CA GLY B 38 -13.81 -6.34 13.98
C GLY B 38 -14.69 -5.53 13.03
N GLY B 39 -14.76 -5.98 11.78
CA GLY B 39 -15.57 -5.30 10.79
C GLY B 39 -15.07 -3.90 10.49
N LYS B 40 -13.76 -3.76 10.35
CA LYS B 40 -13.15 -2.47 10.06
C LYS B 40 -11.75 -2.64 9.48
N PRO B 41 -11.64 -2.61 8.15
CA PRO B 41 -10.36 -2.74 7.46
C PRO B 41 -9.70 -1.38 7.28
N GLY B 42 -8.44 -1.37 6.87
CA GLY B 42 -7.73 -0.13 6.69
C GLY B 42 -6.40 -0.32 6.03
N PHE B 43 -5.63 0.76 5.96
CA PHE B 43 -4.31 0.72 5.34
C PHE B 43 -3.26 1.09 6.36
N GLY B 44 -2.00 0.84 6.04
CA GLY B 44 -0.92 1.17 6.94
C GLY B 44 0.36 1.47 6.22
N VAL B 45 1.06 2.49 6.68
CA VAL B 45 2.33 2.88 6.10
C VAL B 45 3.42 2.92 7.17
N VAL B 46 4.52 2.22 6.89
CA VAL B 46 5.64 2.16 7.82
C VAL B 46 6.91 2.69 7.14
N SER B 47 7.52 3.68 7.76
CA SER B 47 8.75 4.26 7.23
C SER B 47 9.90 3.28 7.40
N GLU B 48 10.67 3.08 6.34
CA GLU B 48 11.80 2.16 6.40
C GLU B 48 13.01 2.83 7.04
N LYS B 49 12.84 4.08 7.46
CA LYS B 49 13.91 4.83 8.08
C LYS B 49 13.58 5.18 9.53
N ASP B 50 12.30 5.44 9.79
CA ASP B 50 11.86 5.83 11.13
C ASP B 50 11.20 4.68 11.88
N ALA B 51 11.59 3.45 11.56
CA ALA B 51 11.02 2.28 12.22
C ALA B 51 12.05 1.16 12.32
N PRO B 52 11.93 0.31 13.36
CA PRO B 52 12.82 -0.83 13.58
C PRO B 52 12.89 -1.77 12.38
N LYS B 53 14.11 -2.07 11.95
CA LYS B 53 14.33 -2.94 10.79
C LYS B 53 13.83 -4.36 11.05
N GLU B 54 13.81 -4.75 12.31
CA GLU B 54 13.35 -6.08 12.71
C GLU B 54 11.92 -6.34 12.19
N LEU B 55 11.06 -5.33 12.32
CA LEU B 55 9.68 -5.44 11.87
C LEU B 55 9.58 -5.32 10.35
N LEU B 56 10.51 -4.55 9.77
CA LEU B 56 10.53 -4.36 8.33
C LEU B 56 10.89 -5.66 7.61
N GLN B 57 11.70 -6.48 8.28
CA GLN B 57 12.12 -7.77 7.73
C GLN B 57 10.98 -8.79 7.81
N LYS B 58 9.90 -8.40 8.47
CA LYS B 58 8.74 -9.28 8.61
C LYS B 58 7.68 -8.89 7.60
N LEU B 59 7.69 -7.62 7.19
CA LEU B 59 6.73 -7.11 6.22
C LEU B 59 7.03 -7.64 4.82
N GLU B 60 8.20 -7.32 4.29
CA GLU B 60 8.57 -7.79 2.98
C GLU B 60 9.54 -8.96 3.10
N LYS B 61 9.05 -10.13 2.73
CA LYS B 61 9.84 -11.35 2.80
C LYS B 61 10.20 -11.80 1.39
N GLN B 62 11.03 -12.84 1.31
CA GLN B 62 11.46 -13.35 0.01
C GLN B 62 10.27 -13.92 -0.76
N LYS B 63 10.12 -13.45 -2.00
CA LYS B 63 9.03 -13.89 -2.87
C LYS B 63 7.67 -13.56 -2.26
N LYS B 64 7.45 -12.27 -1.99
CA LYS B 64 6.22 -11.81 -1.39
C LYS B 64 5.16 -11.54 -2.45
N THR A 1 -5.19 16.78 -11.95
CA THR A 1 -4.01 16.22 -11.26
C THR A 1 -3.88 14.73 -11.52
N LEU A 2 -3.05 14.38 -12.49
CA LEU A 2 -2.83 12.97 -12.82
C LEU A 2 -1.65 12.44 -12.04
N PHE A 3 -1.58 11.12 -11.89
CA PHE A 3 -0.48 10.49 -11.17
C PHE A 3 0.25 9.52 -12.08
N VAL A 4 1.57 9.58 -12.07
CA VAL A 4 2.38 8.70 -12.90
C VAL A 4 3.15 7.69 -12.03
N ALA A 5 3.24 6.46 -12.51
CA ALA A 5 3.95 5.40 -11.80
C ALA A 5 5.45 5.62 -11.85
N LEU A 6 6.08 5.70 -10.69
CA LEU A 6 7.51 5.90 -10.59
C LEU A 6 8.25 4.58 -10.74
N TYR A 7 7.58 3.50 -10.38
CA TYR A 7 8.15 2.17 -10.48
C TYR A 7 7.09 1.17 -10.89
N ASP A 8 7.45 -0.10 -10.92
CA ASP A 8 6.52 -1.15 -11.31
C ASP A 8 6.11 -1.95 -10.10
N TYR A 9 4.89 -2.49 -10.14
CA TYR A 9 4.37 -3.29 -9.04
C TYR A 9 3.44 -4.36 -9.56
N GLU A 10 3.70 -5.60 -9.14
CA GLU A 10 2.87 -6.73 -9.54
C GLU A 10 1.82 -6.98 -8.48
N ALA A 11 0.56 -6.94 -8.90
CA ALA A 11 -0.56 -7.14 -7.98
C ALA A 11 -0.54 -8.52 -7.36
N ARG A 12 -0.95 -8.58 -6.11
CA ARG A 12 -0.99 -9.83 -5.36
C ARG A 12 -2.39 -10.43 -5.40
N THR A 13 -3.39 -9.57 -5.30
CA THR A 13 -4.77 -10.01 -5.30
C THR A 13 -5.56 -9.32 -6.41
N GLU A 14 -6.88 -9.35 -6.30
CA GLU A 14 -7.74 -8.72 -7.29
C GLU A 14 -8.16 -7.32 -6.81
N ASP A 15 -7.84 -7.00 -5.57
CA ASP A 15 -8.17 -5.70 -5.00
C ASP A 15 -7.15 -4.66 -5.44
N ASP A 16 -5.90 -5.07 -5.48
CA ASP A 16 -4.80 -4.21 -5.90
C ASP A 16 -4.58 -4.40 -7.40
N LEU A 17 -4.11 -3.37 -8.07
CA LEU A 17 -3.90 -3.43 -9.51
C LEU A 17 -2.42 -3.34 -9.87
N SER A 18 -2.02 -4.10 -10.87
CA SER A 18 -0.65 -4.11 -11.34
C SER A 18 -0.42 -2.93 -12.28
N PHE A 19 0.80 -2.40 -12.29
CA PHE A 19 1.12 -1.27 -13.15
C PHE A 19 2.60 -1.23 -13.47
N HIS A 20 2.93 -0.53 -14.55
CA HIS A 20 4.30 -0.38 -15.00
C HIS A 20 4.74 1.07 -14.87
N LYS A 21 6.03 1.28 -14.70
CA LYS A 21 6.59 2.62 -14.56
C LYS A 21 6.29 3.45 -15.81
N GLY A 22 5.70 4.62 -15.61
CA GLY A 22 5.37 5.48 -16.72
C GLY A 22 3.88 5.59 -16.97
N GLU A 23 3.12 4.64 -16.43
CA GLU A 23 1.67 4.64 -16.60
C GLU A 23 1.04 5.81 -15.86
N LYS A 24 0.00 6.37 -16.46
CA LYS A 24 -0.73 7.48 -15.86
C LYS A 24 -2.04 6.98 -15.27
N PHE A 25 -2.30 7.34 -14.03
CA PHE A 25 -3.51 6.90 -13.35
C PHE A 25 -4.39 8.06 -12.94
N GLN A 26 -5.70 7.85 -13.05
CA GLN A 26 -6.68 8.85 -12.66
C GLN A 26 -7.27 8.46 -11.31
N ILE A 27 -6.83 9.15 -10.26
CA ILE A 27 -7.30 8.87 -8.91
C ILE A 27 -8.79 9.14 -8.77
N LEU A 28 -9.53 8.10 -8.41
CA LEU A 28 -10.97 8.20 -8.24
C LEU A 28 -11.29 8.75 -6.85
N ASN A 29 -10.62 8.19 -5.83
CA ASN A 29 -10.82 8.64 -4.45
C ASN A 29 -9.54 8.46 -3.66
N SER A 30 -9.22 9.45 -2.85
CA SER A 30 -8.00 9.42 -2.04
C SER A 30 -8.33 9.44 -0.55
N SER A 31 -9.57 9.74 -0.22
CA SER A 31 -10.00 9.83 1.17
C SER A 31 -10.43 8.46 1.72
N GLU A 32 -9.61 7.44 1.48
CA GLU A 32 -9.90 6.10 1.96
C GLU A 32 -8.71 5.53 2.73
N GLY A 33 -7.62 6.29 2.77
CA GLY A 33 -6.44 5.86 3.48
C GLY A 33 -5.18 6.19 2.72
N ASP A 34 -4.18 5.33 2.82
CA ASP A 34 -2.91 5.55 2.12
C ASP A 34 -2.94 4.89 0.74
N TRP A 35 -3.81 3.91 0.58
CA TRP A 35 -3.97 3.24 -0.70
C TRP A 35 -5.17 3.85 -1.40
N TRP A 36 -4.96 4.43 -2.57
CA TRP A 36 -6.03 5.08 -3.29
C TRP A 36 -6.54 4.24 -4.45
N GLU A 37 -7.80 4.48 -4.79
CA GLU A 37 -8.44 3.81 -5.91
C GLU A 37 -8.20 4.65 -7.15
N ALA A 38 -7.64 4.05 -8.19
CA ALA A 38 -7.34 4.80 -9.40
C ALA A 38 -7.62 4.01 -10.66
N ARG A 39 -8.04 4.72 -11.69
CA ARG A 39 -8.33 4.12 -12.97
C ARG A 39 -7.16 4.34 -13.92
N SER A 40 -6.60 3.25 -14.43
CA SER A 40 -5.48 3.34 -15.36
C SER A 40 -5.95 3.99 -16.66
N LEU A 41 -5.21 4.97 -17.14
CA LEU A 41 -5.58 5.64 -18.38
C LEU A 41 -5.18 4.80 -19.57
N THR A 42 -4.41 3.74 -19.32
CA THR A 42 -3.95 2.85 -20.37
C THR A 42 -5.04 1.88 -20.79
N THR A 43 -5.45 1.02 -19.87
CA THR A 43 -6.45 0.00 -20.15
C THR A 43 -7.82 0.38 -19.61
N GLY A 44 -7.85 1.20 -18.58
CA GLY A 44 -9.11 1.59 -17.98
C GLY A 44 -9.43 0.78 -16.74
N GLU A 45 -8.51 -0.11 -16.39
CA GLU A 45 -8.68 -0.98 -15.22
C GLU A 45 -8.59 -0.16 -13.93
N THR A 46 -9.35 -0.56 -12.93
CA THR A 46 -9.36 0.11 -11.64
C THR A 46 -8.70 -0.75 -10.57
N GLY A 47 -8.63 -0.24 -9.37
CA GLY A 47 -8.01 -0.97 -8.29
C GLY A 47 -7.24 -0.08 -7.35
N TYR A 48 -6.83 -0.62 -6.22
CA TYR A 48 -6.08 0.15 -5.24
C TYR A 48 -4.59 0.15 -5.59
N ILE A 49 -4.00 1.33 -5.60
CA ILE A 49 -2.60 1.48 -5.92
C ILE A 49 -1.85 2.18 -4.78
N PRO A 50 -0.58 1.82 -4.58
CA PRO A 50 0.26 2.42 -3.54
C PRO A 50 0.71 3.83 -3.91
N SER A 51 0.24 4.81 -3.14
CA SER A 51 0.56 6.20 -3.40
C SER A 51 2.06 6.50 -3.30
N ASN A 52 2.82 5.60 -2.72
CA ASN A 52 4.27 5.80 -2.56
C ASN A 52 5.00 5.39 -3.84
N TYR A 53 4.28 4.78 -4.77
CA TYR A 53 4.86 4.35 -6.03
C TYR A 53 4.45 5.25 -7.17
N VAL A 54 3.64 6.26 -6.87
CA VAL A 54 3.18 7.19 -7.89
C VAL A 54 3.45 8.63 -7.49
N ALA A 55 3.54 9.50 -8.48
CA ALA A 55 3.79 10.91 -8.25
C ALA A 55 2.87 11.76 -9.12
N PRO A 56 2.39 12.90 -8.60
CA PRO A 56 1.50 13.80 -9.34
C PRO A 56 2.22 14.48 -10.51
N VAL A 57 1.63 14.42 -11.68
CA VAL A 57 2.20 15.02 -12.86
C VAL A 57 1.94 16.52 -12.87
N MET B 1 2.24 -15.04 14.34
CA MET B 1 3.66 -14.64 14.46
C MET B 1 3.79 -13.44 15.41
N ALA B 2 3.54 -12.24 14.90
CA ALA B 2 3.64 -11.04 15.70
C ALA B 2 2.81 -9.92 15.11
N THR B 3 2.66 -8.84 15.89
CA THR B 3 1.89 -7.69 15.47
C THR B 3 2.81 -6.56 14.99
N VAL B 4 2.35 -5.82 14.00
CA VAL B 4 3.12 -4.71 13.47
C VAL B 4 2.45 -3.38 13.84
N LYS B 5 3.24 -2.45 14.32
CA LYS B 5 2.72 -1.14 14.72
C LYS B 5 2.96 -0.12 13.63
N PHE B 6 1.90 0.52 13.17
CA PHE B 6 2.01 1.53 12.12
C PHE B 6 1.32 2.81 12.53
N LYS B 7 1.58 3.88 11.78
CA LYS B 7 1.00 5.18 12.06
C LYS B 7 0.06 5.58 10.93
N TYR B 8 -1.19 5.16 11.03
CA TYR B 8 -2.18 5.46 10.02
C TYR B 8 -2.69 6.89 10.16
N LYS B 9 -2.02 7.82 9.48
CA LYS B 9 -2.38 9.23 9.52
C LYS B 9 -2.47 9.75 10.96
N GLY B 10 -1.55 9.28 11.80
CA GLY B 10 -1.55 9.70 13.18
C GLY B 10 -2.06 8.64 14.13
N GLU B 11 -2.90 7.74 13.63
CA GLU B 11 -3.47 6.68 14.45
C GLU B 11 -2.51 5.49 14.53
N GLU B 12 -1.86 5.34 15.68
CA GLU B 12 -0.94 4.23 15.89
C GLU B 12 -1.73 2.98 16.22
N LYS B 13 -1.64 1.97 15.37
CA LYS B 13 -2.37 0.73 15.57
C LYS B 13 -1.46 -0.48 15.42
N GLN B 14 -1.86 -1.60 16.03
CA GLN B 14 -1.08 -2.83 15.95
C GLN B 14 -1.91 -3.94 15.33
N VAL B 15 -1.50 -4.40 14.16
CA VAL B 15 -2.22 -5.46 13.48
C VAL B 15 -1.25 -6.61 13.17
N ASP B 16 -1.75 -7.84 13.28
CA ASP B 16 -0.95 -9.03 13.02
C ASP B 16 -0.37 -9.01 11.61
N ILE B 17 0.87 -9.48 11.49
CA ILE B 17 1.55 -9.52 10.20
C ILE B 17 0.82 -10.43 9.21
N SER B 18 0.19 -11.48 9.73
CA SER B 18 -0.54 -12.43 8.90
C SER B 18 -1.93 -11.91 8.55
N LYS B 19 -2.24 -10.71 9.00
CA LYS B 19 -3.52 -10.09 8.69
C LYS B 19 -3.34 -9.02 7.63
N ILE B 20 -2.16 -9.03 7.02
CA ILE B 20 -1.81 -8.10 5.97
C ILE B 20 -1.88 -8.80 4.62
N VAL B 21 -2.51 -8.17 3.64
CA VAL B 21 -2.66 -8.77 2.32
C VAL B 21 -1.42 -8.53 1.46
N PHE B 22 -1.24 -7.30 0.99
CA PHE B 22 -0.10 -6.98 0.15
C PHE B 22 0.79 -5.92 0.80
N VAL B 23 2.07 -5.95 0.46
CA VAL B 23 3.06 -5.02 0.99
C VAL B 23 3.86 -4.39 -0.15
N THR B 24 3.97 -3.07 -0.16
CA THR B 24 4.71 -2.37 -1.21
C THR B 24 5.62 -1.29 -0.60
N ARG B 25 6.92 -1.40 -0.86
CA ARG B 25 7.87 -0.43 -0.34
C ARG B 25 8.63 0.26 -1.48
N TYR B 26 8.60 1.59 -1.50
CA TYR B 26 9.28 2.36 -2.53
C TYR B 26 10.71 2.66 -2.11
N GLY B 27 10.96 2.62 -0.81
CA GLY B 27 12.29 2.90 -0.30
C GLY B 27 12.27 4.01 0.73
N LYS B 28 11.10 4.60 0.92
CA LYS B 28 10.93 5.67 1.90
C LYS B 28 9.95 5.22 2.98
N GLN B 29 8.76 4.87 2.55
CA GLN B 29 7.73 4.38 3.45
C GLN B 29 7.15 3.10 2.89
N ILE B 30 6.70 2.22 3.78
CA ILE B 30 6.11 0.96 3.37
C ILE B 30 4.60 1.01 3.45
N PHE B 31 3.95 0.71 2.34
CA PHE B 31 2.50 0.74 2.25
C PHE B 31 1.97 -0.70 2.27
N PHE B 32 0.96 -0.95 3.09
CA PHE B 32 0.38 -2.28 3.18
C PHE B 32 -1.08 -2.23 3.60
N ARG B 33 -1.84 -3.26 3.26
CA ARG B 33 -3.25 -3.33 3.61
C ARG B 33 -3.47 -4.41 4.65
N TYR B 34 -4.20 -4.08 5.70
CA TYR B 34 -4.48 -5.03 6.76
C TYR B 34 -5.97 -5.36 6.80
N ASP B 35 -6.30 -6.43 7.49
CA ASP B 35 -7.68 -6.86 7.65
C ASP B 35 -7.94 -7.20 9.12
N LEU B 36 -9.13 -6.88 9.60
CA LEU B 36 -9.48 -7.15 11.00
C LEU B 36 -10.75 -7.96 11.10
N GLY B 37 -10.78 -8.86 12.07
CA GLY B 37 -11.95 -9.70 12.29
C GLY B 37 -13.10 -8.92 12.90
N GLY B 38 -12.80 -7.72 13.40
CA GLY B 38 -13.83 -6.89 14.01
C GLY B 38 -14.70 -6.20 12.97
N GLY B 39 -14.50 -6.58 11.71
CA GLY B 39 -15.28 -6.01 10.63
C GLY B 39 -14.84 -4.60 10.26
N LYS B 40 -13.53 -4.41 10.15
CA LYS B 40 -13.00 -3.10 9.80
C LYS B 40 -11.58 -3.20 9.27
N PRO B 41 -11.42 -3.35 7.94
CA PRO B 41 -10.12 -3.43 7.31
C PRO B 41 -9.58 -2.03 7.02
N GLY B 42 -8.35 -1.95 6.53
CA GLY B 42 -7.77 -0.66 6.23
C GLY B 42 -6.37 -0.76 5.72
N PHE B 43 -5.68 0.36 5.69
CA PHE B 43 -4.30 0.40 5.21
C PHE B 43 -3.38 0.93 6.31
N GLY B 44 -2.10 0.58 6.21
CA GLY B 44 -1.13 1.03 7.17
C GLY B 44 0.14 1.48 6.51
N VAL B 45 0.89 2.34 7.17
CA VAL B 45 2.14 2.84 6.62
C VAL B 45 3.20 3.00 7.71
N VAL B 46 4.44 2.65 7.38
CA VAL B 46 5.56 2.77 8.29
C VAL B 46 6.73 3.44 7.58
N SER B 47 7.58 4.11 8.35
CA SER B 47 8.73 4.79 7.78
C SER B 47 9.94 3.85 7.80
N GLU B 48 10.74 3.92 6.74
CA GLU B 48 11.93 3.08 6.63
C GLU B 48 13.10 3.69 7.40
N LYS B 49 12.93 4.94 7.85
CA LYS B 49 13.99 5.63 8.56
C LYS B 49 13.60 5.92 10.02
N ASP B 50 12.34 5.68 10.35
CA ASP B 50 11.86 5.95 11.70
C ASP B 50 11.33 4.69 12.36
N ALA B 51 11.76 3.54 11.86
CA ALA B 51 11.32 2.26 12.40
C ALA B 51 12.45 1.24 12.32
N PRO B 52 12.59 0.39 13.35
CA PRO B 52 13.62 -0.64 13.39
C PRO B 52 13.60 -1.54 12.15
N LYS B 53 14.77 -1.94 11.68
CA LYS B 53 14.89 -2.79 10.50
C LYS B 53 14.14 -4.10 10.68
N GLU B 54 14.06 -4.56 11.92
CA GLU B 54 13.36 -5.79 12.25
C GLU B 54 11.92 -5.77 11.74
N LEU B 55 11.23 -4.65 11.95
CA LEU B 55 9.84 -4.52 11.51
C LEU B 55 9.76 -4.39 9.99
N LEU B 56 10.71 -3.66 9.42
CA LEU B 56 10.74 -3.45 7.98
C LEU B 56 10.97 -4.76 7.23
N GLN B 57 11.87 -5.59 7.76
CA GLN B 57 12.18 -6.88 7.16
C GLN B 57 11.07 -7.89 7.38
N LYS B 58 10.16 -7.58 8.30
CA LYS B 58 9.03 -8.46 8.59
C LYS B 58 7.95 -8.28 7.54
N LEU B 59 7.77 -7.05 7.10
CA LEU B 59 6.76 -6.73 6.11
C LEU B 59 7.18 -7.20 4.72
N GLU B 60 8.41 -6.89 4.33
CA GLU B 60 8.90 -7.29 3.02
C GLU B 60 9.54 -8.68 3.09
N LYS B 61 8.76 -9.68 2.72
CA LYS B 61 9.24 -11.06 2.73
C LYS B 61 9.55 -11.53 1.32
N GLN B 62 9.86 -12.81 1.16
CA GLN B 62 10.17 -13.37 -0.14
C GLN B 62 8.91 -13.40 -1.01
N LYS B 63 9.08 -13.08 -2.29
CA LYS B 63 7.96 -13.04 -3.24
C LYS B 63 6.95 -11.99 -2.80
N LYS B 64 7.45 -10.80 -2.53
CA LYS B 64 6.61 -9.69 -2.09
C LYS B 64 6.05 -8.93 -3.28
N THR A 1 -6.27 15.43 -10.91
CA THR A 1 -4.80 15.31 -10.85
C THR A 1 -4.35 13.95 -11.34
N LEU A 2 -3.34 13.93 -12.21
CA LEU A 2 -2.82 12.68 -12.75
C LEU A 2 -1.56 12.26 -12.01
N PHE A 3 -1.43 10.97 -11.79
CA PHE A 3 -0.26 10.43 -11.11
C PHE A 3 0.47 9.45 -12.03
N VAL A 4 1.79 9.50 -12.00
CA VAL A 4 2.59 8.62 -12.83
C VAL A 4 3.30 7.57 -11.98
N ALA A 5 3.36 6.35 -12.49
CA ALA A 5 4.01 5.26 -11.78
C ALA A 5 5.52 5.41 -11.79
N LEU A 6 6.10 5.58 -10.61
CA LEU A 6 7.54 5.74 -10.47
C LEU A 6 8.25 4.45 -10.80
N TYR A 7 7.61 3.32 -10.48
CA TYR A 7 8.15 2.00 -10.74
C TYR A 7 7.02 1.03 -11.06
N ASP A 8 7.39 -0.18 -11.44
CA ASP A 8 6.40 -1.20 -11.77
C ASP A 8 5.98 -1.93 -10.50
N TYR A 9 4.72 -2.31 -10.43
CA TYR A 9 4.20 -3.01 -9.27
C TYR A 9 3.50 -4.30 -9.67
N GLU A 10 3.97 -5.41 -9.11
CA GLU A 10 3.40 -6.72 -9.37
C GLU A 10 2.20 -6.95 -8.45
N ALA A 11 1.03 -7.08 -9.05
CA ALA A 11 -0.20 -7.29 -8.29
C ALA A 11 -0.18 -8.63 -7.56
N ARG A 12 -0.82 -8.69 -6.42
CA ARG A 12 -0.87 -9.90 -5.63
C ARG A 12 -2.30 -10.44 -5.54
N THR A 13 -3.26 -9.53 -5.47
CA THR A 13 -4.66 -9.90 -5.37
C THR A 13 -5.49 -9.16 -6.42
N GLU A 14 -6.81 -9.17 -6.26
CA GLU A 14 -7.70 -8.49 -7.19
C GLU A 14 -8.06 -7.10 -6.71
N ASP A 15 -7.74 -6.80 -5.45
CA ASP A 15 -8.05 -5.50 -4.88
C ASP A 15 -6.99 -4.46 -5.28
N ASP A 16 -5.76 -4.92 -5.40
CA ASP A 16 -4.65 -4.07 -5.79
C ASP A 16 -4.50 -4.10 -7.31
N LEU A 17 -4.03 -3.00 -7.87
CA LEU A 17 -3.88 -2.89 -9.33
C LEU A 17 -2.41 -2.89 -9.74
N SER A 18 -2.10 -3.66 -10.78
CA SER A 18 -0.76 -3.76 -11.31
C SER A 18 -0.53 -2.69 -12.37
N PHE A 19 0.69 -2.19 -12.46
CA PHE A 19 1.02 -1.17 -13.44
C PHE A 19 2.50 -1.17 -13.76
N HIS A 20 2.86 -0.51 -14.86
CA HIS A 20 4.25 -0.42 -15.30
C HIS A 20 4.75 1.00 -15.13
N LYS A 21 6.07 1.15 -15.03
CA LYS A 21 6.68 2.47 -14.88
C LYS A 21 6.30 3.38 -16.05
N GLY A 22 5.80 4.55 -15.74
CA GLY A 22 5.41 5.49 -16.78
C GLY A 22 3.90 5.55 -16.99
N GLU A 23 3.19 4.62 -16.37
CA GLU A 23 1.73 4.57 -16.49
C GLU A 23 1.08 5.74 -15.74
N LYS A 24 -0.04 6.22 -16.27
CA LYS A 24 -0.76 7.33 -15.65
C LYS A 24 -2.14 6.86 -15.20
N PHE A 25 -2.55 7.31 -14.03
CA PHE A 25 -3.84 6.90 -13.47
C PHE A 25 -4.70 8.11 -13.10
N GLN A 26 -6.00 7.91 -13.18
CA GLN A 26 -6.96 8.94 -12.82
C GLN A 26 -7.44 8.67 -11.40
N ILE A 27 -7.06 9.55 -10.47
CA ILE A 27 -7.43 9.41 -9.07
C ILE A 27 -8.94 9.53 -8.88
N LEU A 28 -9.56 8.48 -8.36
CA LEU A 28 -10.99 8.48 -8.12
C LEU A 28 -11.28 8.68 -6.64
N ASN A 29 -10.84 7.75 -5.81
CA ASN A 29 -11.06 7.83 -4.38
C ASN A 29 -9.74 7.88 -3.63
N SER A 30 -9.42 9.06 -3.10
CA SER A 30 -8.19 9.26 -2.35
C SER A 30 -8.50 9.64 -0.91
N SER A 31 -9.69 9.29 -0.44
CA SER A 31 -10.09 9.65 0.93
C SER A 31 -10.24 8.42 1.82
N GLU A 32 -10.01 7.23 1.28
CA GLU A 32 -10.14 6.02 2.09
C GLU A 32 -8.97 5.88 3.05
N GLY A 33 -7.78 6.26 2.60
CA GLY A 33 -6.61 6.18 3.45
C GLY A 33 -5.33 6.43 2.70
N ASP A 34 -4.35 5.57 2.93
CA ASP A 34 -3.05 5.69 2.29
C ASP A 34 -3.08 5.08 0.89
N TRP A 35 -3.89 4.05 0.71
CA TRP A 35 -4.03 3.41 -0.59
C TRP A 35 -5.20 4.04 -1.32
N TRP A 36 -4.93 4.59 -2.49
CA TRP A 36 -5.98 5.26 -3.26
C TRP A 36 -6.46 4.40 -4.40
N GLU A 37 -7.74 4.52 -4.71
CA GLU A 37 -8.33 3.78 -5.81
C GLU A 37 -8.33 4.66 -7.05
N ALA A 38 -7.66 4.21 -8.09
CA ALA A 38 -7.58 4.98 -9.31
C ALA A 38 -7.80 4.13 -10.54
N ARG A 39 -8.18 4.79 -11.62
CA ARG A 39 -8.42 4.12 -12.89
C ARG A 39 -7.25 4.37 -13.82
N SER A 40 -6.64 3.30 -14.33
CA SER A 40 -5.52 3.43 -15.23
C SER A 40 -5.98 4.06 -16.55
N LEU A 41 -5.19 4.98 -17.06
CA LEU A 41 -5.54 5.64 -18.31
C LEU A 41 -5.00 4.84 -19.48
N THR A 42 -4.29 3.76 -19.16
CA THR A 42 -3.72 2.89 -20.18
C THR A 42 -4.61 1.68 -20.45
N THR A 43 -5.01 1.00 -19.39
CA THR A 43 -5.86 -0.18 -19.52
C THR A 43 -7.33 0.14 -19.20
N GLY A 44 -7.54 1.14 -18.36
CA GLY A 44 -8.89 1.53 -17.99
C GLY A 44 -9.36 0.82 -16.74
N GLU A 45 -8.55 -0.10 -16.25
CA GLU A 45 -8.87 -0.87 -15.06
C GLU A 45 -8.84 0.00 -13.81
N THR A 46 -9.67 -0.34 -12.84
CA THR A 46 -9.74 0.42 -11.61
C THR A 46 -9.40 -0.45 -10.40
N GLY A 47 -8.45 0.00 -9.61
CA GLY A 47 -8.04 -0.75 -8.43
C GLY A 47 -7.24 0.12 -7.48
N TYR A 48 -6.89 -0.43 -6.34
CA TYR A 48 -6.12 0.31 -5.35
C TYR A 48 -4.64 0.30 -5.69
N ILE A 49 -4.04 1.48 -5.74
CA ILE A 49 -2.63 1.61 -6.07
C ILE A 49 -1.87 2.25 -4.92
N PRO A 50 -0.64 1.78 -4.68
CA PRO A 50 0.20 2.33 -3.62
C PRO A 50 0.66 3.75 -3.96
N SER A 51 0.14 4.72 -3.20
CA SER A 51 0.44 6.13 -3.42
C SER A 51 1.94 6.43 -3.28
N ASN A 52 2.68 5.54 -2.63
CA ASN A 52 4.12 5.73 -2.44
C ASN A 52 4.90 5.31 -3.70
N TYR A 53 4.19 4.68 -4.63
CA TYR A 53 4.81 4.21 -5.87
C TYR A 53 4.48 5.13 -7.04
N VAL A 54 3.65 6.14 -6.78
CA VAL A 54 3.26 7.08 -7.82
C VAL A 54 3.61 8.51 -7.42
N ALA A 55 3.72 9.38 -8.41
CA ALA A 55 4.04 10.78 -8.18
C ALA A 55 3.20 11.66 -9.08
N PRO A 56 2.86 12.89 -8.62
CA PRO A 56 2.06 13.83 -9.41
C PRO A 56 2.78 14.27 -10.69
N VAL A 57 2.04 14.31 -11.80
CA VAL A 57 2.60 14.72 -13.08
C VAL A 57 2.63 16.24 -13.19
N MET B 1 1.92 -15.31 13.82
CA MET B 1 3.38 -15.18 13.61
C MET B 1 3.92 -13.99 14.39
N ALA B 2 3.50 -12.79 14.00
CA ALA B 2 3.95 -11.58 14.67
C ALA B 2 2.99 -10.43 14.43
N THR B 3 2.85 -9.58 15.41
CA THR B 3 2.00 -8.41 15.33
C THR B 3 2.81 -7.21 14.86
N VAL B 4 2.44 -6.65 13.73
CA VAL B 4 3.16 -5.50 13.17
C VAL B 4 2.62 -4.20 13.75
N LYS B 5 3.55 -3.36 14.20
CA LYS B 5 3.18 -2.05 14.75
C LYS B 5 3.42 -0.98 13.70
N PHE B 6 2.37 -0.27 13.35
CA PHE B 6 2.46 0.77 12.34
C PHE B 6 1.62 1.97 12.73
N LYS B 7 1.53 2.93 11.82
CA LYS B 7 0.76 4.13 12.06
C LYS B 7 -0.25 4.33 10.94
N TYR B 8 -1.42 4.82 11.29
CA TYR B 8 -2.45 5.06 10.30
C TYR B 8 -2.94 6.50 10.39
N LYS B 9 -2.41 7.34 9.51
CA LYS B 9 -2.78 8.75 9.44
C LYS B 9 -2.54 9.47 10.77
N GLY B 10 -1.54 9.04 11.52
CA GLY B 10 -1.25 9.70 12.78
C GLY B 10 -1.20 8.75 13.97
N GLU B 11 -2.27 8.02 14.20
CA GLU B 11 -2.34 7.10 15.34
C GLU B 11 -1.59 5.79 15.07
N GLU B 12 -1.20 5.10 16.14
CA GLU B 12 -0.48 3.84 16.02
C GLU B 12 -1.43 2.66 16.14
N LYS B 13 -1.18 1.62 15.35
CA LYS B 13 -2.00 0.41 15.36
C LYS B 13 -1.13 -0.83 15.31
N GLN B 14 -1.63 -1.93 15.87
CA GLN B 14 -0.91 -3.19 15.89
C GLN B 14 -1.79 -4.29 15.31
N VAL B 15 -1.41 -4.80 14.14
CA VAL B 15 -2.19 -5.85 13.48
C VAL B 15 -1.31 -7.02 13.07
N ASP B 16 -1.84 -8.23 13.21
CA ASP B 16 -1.11 -9.44 12.85
C ASP B 16 -0.78 -9.44 11.37
N ILE B 17 0.41 -9.95 11.03
CA ILE B 17 0.84 -10.01 9.64
C ILE B 17 -0.08 -10.92 8.83
N SER B 18 -0.71 -11.87 9.53
CA SER B 18 -1.63 -12.82 8.90
C SER B 18 -2.93 -12.15 8.50
N LYS B 19 -3.14 -10.93 8.97
CA LYS B 19 -4.36 -10.19 8.65
C LYS B 19 -4.09 -9.19 7.54
N ILE B 20 -2.86 -9.21 7.03
CA ILE B 20 -2.47 -8.32 5.95
C ILE B 20 -2.58 -9.03 4.61
N VAL B 21 -3.17 -8.36 3.63
CA VAL B 21 -3.34 -8.94 2.31
C VAL B 21 -2.05 -8.81 1.50
N PHE B 22 -1.76 -7.60 1.07
CA PHE B 22 -0.56 -7.34 0.27
C PHE B 22 0.34 -6.32 0.96
N VAL B 23 1.64 -6.49 0.76
CA VAL B 23 2.66 -5.60 1.34
C VAL B 23 3.54 -5.04 0.23
N THR B 24 3.49 -3.73 0.04
CA THR B 24 4.26 -3.09 -1.00
C THR B 24 5.24 -2.05 -0.45
N ARG B 25 6.53 -2.34 -0.57
CA ARG B 25 7.56 -1.41 -0.09
C ARG B 25 8.18 -0.68 -1.28
N TYR B 26 8.28 0.63 -1.16
CA TYR B 26 8.85 1.45 -2.23
C TYR B 26 10.36 1.60 -2.04
N GLY B 27 10.81 1.47 -0.80
CA GLY B 27 12.22 1.62 -0.51
C GLY B 27 12.44 2.78 0.43
N LYS B 28 11.35 3.47 0.73
CA LYS B 28 11.36 4.60 1.64
C LYS B 28 10.19 4.47 2.61
N GLN B 29 9.07 4.00 2.07
CA GLN B 29 7.87 3.79 2.87
C GLN B 29 7.25 2.44 2.52
N ILE B 30 6.70 1.76 3.51
CA ILE B 30 6.06 0.48 3.31
C ILE B 30 4.55 0.66 3.38
N PHE B 31 3.87 0.28 2.31
CA PHE B 31 2.42 0.41 2.23
C PHE B 31 1.77 -0.96 2.19
N PHE B 32 0.82 -1.19 3.07
CA PHE B 32 0.11 -2.46 3.09
C PHE B 32 -1.35 -2.26 3.49
N ARG B 33 -2.15 -3.30 3.30
CA ARG B 33 -3.57 -3.25 3.63
C ARG B 33 -3.93 -4.41 4.54
N TYR B 34 -4.60 -4.12 5.64
CA TYR B 34 -4.96 -5.16 6.60
C TYR B 34 -6.48 -5.25 6.77
N ASP B 35 -6.91 -6.37 7.34
CA ASP B 35 -8.32 -6.62 7.59
C ASP B 35 -8.50 -6.99 9.06
N LEU B 36 -9.49 -6.39 9.71
CA LEU B 36 -9.74 -6.68 11.11
C LEU B 36 -11.07 -7.41 11.28
N GLY B 37 -11.08 -8.39 12.20
CA GLY B 37 -12.28 -9.16 12.46
C GLY B 37 -13.38 -8.34 13.10
N GLY B 38 -13.06 -7.11 13.46
CA GLY B 38 -14.03 -6.23 14.06
C GLY B 38 -14.92 -5.56 13.03
N GLY B 39 -14.79 -6.00 11.78
CA GLY B 39 -15.58 -5.43 10.72
C GLY B 39 -15.11 -4.05 10.31
N LYS B 40 -13.80 -3.91 10.11
CA LYS B 40 -13.23 -2.63 9.72
C LYS B 40 -11.82 -2.81 9.16
N PRO B 41 -11.69 -2.82 7.82
CA PRO B 41 -10.38 -2.96 7.17
C PRO B 41 -9.63 -1.63 7.16
N GLY B 42 -8.34 -1.66 6.88
CA GLY B 42 -7.59 -0.43 6.87
C GLY B 42 -6.27 -0.55 6.14
N PHE B 43 -5.45 0.49 6.25
CA PHE B 43 -4.15 0.53 5.60
C PHE B 43 -3.07 0.80 6.63
N GLY B 44 -1.85 0.44 6.29
CA GLY B 44 -0.75 0.66 7.21
C GLY B 44 0.46 1.20 6.48
N VAL B 45 1.07 2.24 7.04
CA VAL B 45 2.25 2.84 6.44
C VAL B 45 3.40 2.85 7.44
N VAL B 46 4.53 2.28 7.03
CA VAL B 46 5.70 2.24 7.89
C VAL B 46 6.87 2.94 7.21
N SER B 47 7.59 3.73 7.99
CA SER B 47 8.74 4.47 7.48
C SER B 47 9.97 3.58 7.47
N GLU B 48 10.67 3.53 6.34
CA GLU B 48 11.87 2.73 6.23
C GLU B 48 13.10 3.59 6.55
N LYS B 49 12.84 4.83 6.95
CA LYS B 49 13.92 5.75 7.27
C LYS B 49 14.14 5.82 8.78
N ASP B 50 13.05 5.93 9.53
CA ASP B 50 13.12 6.02 10.98
C ASP B 50 12.14 5.07 11.66
N ALA B 51 12.53 3.80 11.74
CA ALA B 51 11.72 2.77 12.37
C ALA B 51 12.55 1.51 12.60
N PRO B 52 12.15 0.67 13.58
CA PRO B 52 12.87 -0.58 13.89
C PRO B 52 12.96 -1.52 12.70
N LYS B 53 14.18 -1.97 12.39
CA LYS B 53 14.40 -2.87 11.26
C LYS B 53 13.70 -4.20 11.49
N GLU B 54 13.51 -4.55 12.75
CA GLU B 54 12.84 -5.79 13.12
C GLU B 54 11.44 -5.84 12.50
N LEU B 55 10.80 -4.67 12.40
CA LEU B 55 9.47 -4.58 11.83
C LEU B 55 9.55 -4.48 10.31
N LEU B 56 10.55 -3.75 9.83
CA LEU B 56 10.75 -3.55 8.40
C LEU B 56 11.02 -4.88 7.70
N GLN B 57 11.92 -5.67 8.26
CA GLN B 57 12.30 -6.97 7.69
C GLN B 57 11.23 -8.03 7.95
N LYS B 58 10.22 -7.68 8.73
CA LYS B 58 9.15 -8.62 9.04
C LYS B 58 8.01 -8.47 8.04
N LEU B 59 7.93 -7.30 7.42
CA LEU B 59 6.89 -7.03 6.45
C LEU B 59 7.27 -7.58 5.08
N GLU B 60 8.43 -7.20 4.59
CA GLU B 60 8.90 -7.67 3.30
C GLU B 60 9.74 -8.93 3.48
N LYS B 61 9.11 -10.08 3.37
CA LYS B 61 9.79 -11.35 3.51
C LYS B 61 10.37 -11.77 2.17
N GLN B 62 11.26 -12.76 2.20
CA GLN B 62 11.90 -13.24 0.98
C GLN B 62 10.86 -13.84 0.03
N LYS B 63 10.94 -13.43 -1.24
CA LYS B 63 10.04 -13.91 -2.28
C LYS B 63 8.58 -13.56 -1.96
N LYS B 64 8.34 -12.30 -1.63
CA LYS B 64 7.01 -11.83 -1.31
C LYS B 64 6.22 -11.51 -2.58
N THR A 1 -5.52 16.62 -9.88
CA THR A 1 -4.12 16.23 -9.64
C THR A 1 -3.81 14.88 -10.28
N LEU A 2 -2.96 14.89 -11.30
CA LEU A 2 -2.58 13.66 -11.99
C LEU A 2 -1.35 13.04 -11.34
N PHE A 3 -1.30 11.72 -11.34
CA PHE A 3 -0.19 10.99 -10.75
C PHE A 3 0.46 10.08 -11.78
N VAL A 4 1.77 9.92 -11.68
CA VAL A 4 2.51 9.07 -12.60
C VAL A 4 3.27 7.99 -11.84
N ALA A 5 3.31 6.79 -12.43
CA ALA A 5 3.99 5.66 -11.80
C ALA A 5 5.50 5.81 -11.91
N LEU A 6 6.17 5.83 -10.77
CA LEU A 6 7.62 5.97 -10.74
C LEU A 6 8.28 4.62 -11.01
N TYR A 7 7.63 3.56 -10.58
CA TYR A 7 8.13 2.20 -10.76
C TYR A 7 6.97 1.25 -11.02
N ASP A 8 7.27 0.06 -11.51
CA ASP A 8 6.26 -0.95 -11.78
C ASP A 8 5.81 -1.57 -10.48
N TYR A 9 4.58 -2.06 -10.44
CA TYR A 9 4.03 -2.67 -9.24
C TYR A 9 3.65 -4.13 -9.49
N GLU A 10 4.14 -5.01 -8.63
CA GLU A 10 3.83 -6.43 -8.76
C GLU A 10 2.66 -6.78 -7.85
N ALA A 11 1.46 -6.74 -8.43
CA ALA A 11 0.24 -7.05 -7.69
C ALA A 11 0.12 -8.53 -7.41
N ARG A 12 -0.74 -8.87 -6.47
CA ARG A 12 -0.96 -10.26 -6.10
C ARG A 12 -2.43 -10.62 -6.18
N THR A 13 -3.27 -9.75 -5.64
CA THR A 13 -4.72 -10.00 -5.63
C THR A 13 -5.41 -9.15 -6.70
N GLU A 14 -6.74 -9.25 -6.77
CA GLU A 14 -7.50 -8.50 -7.75
C GLU A 14 -7.88 -7.11 -7.24
N ASP A 15 -7.67 -6.86 -5.96
CA ASP A 15 -8.00 -5.56 -5.38
C ASP A 15 -6.89 -4.56 -5.70
N ASP A 16 -5.66 -5.04 -5.63
CA ASP A 16 -4.49 -4.22 -5.93
C ASP A 16 -4.29 -4.18 -7.44
N LEU A 17 -4.25 -2.96 -7.98
CA LEU A 17 -4.11 -2.77 -9.42
C LEU A 17 -2.68 -2.97 -9.89
N SER A 18 -2.52 -3.69 -10.99
CA SER A 18 -1.22 -3.95 -11.57
C SER A 18 -0.91 -2.93 -12.65
N PHE A 19 0.18 -2.18 -12.48
CA PHE A 19 0.54 -1.16 -13.45
C PHE A 19 2.03 -1.20 -13.75
N HIS A 20 2.43 -0.52 -14.81
CA HIS A 20 3.82 -0.47 -15.22
C HIS A 20 4.43 0.90 -14.98
N LYS A 21 5.75 0.97 -15.10
CA LYS A 21 6.49 2.21 -14.90
C LYS A 21 6.15 3.23 -15.97
N GLY A 22 5.92 4.47 -15.54
CA GLY A 22 5.61 5.55 -16.47
C GLY A 22 4.14 5.62 -16.85
N GLU A 23 3.32 4.76 -16.26
CA GLU A 23 1.89 4.74 -16.57
C GLU A 23 1.16 5.83 -15.79
N LYS A 24 0.06 6.31 -16.37
CA LYS A 24 -0.75 7.34 -15.74
C LYS A 24 -2.14 6.80 -15.44
N PHE A 25 -2.71 7.22 -14.33
CA PHE A 25 -4.04 6.76 -13.92
C PHE A 25 -4.86 7.91 -13.37
N GLN A 26 -6.18 7.74 -13.39
CA GLN A 26 -7.08 8.74 -12.87
C GLN A 26 -7.48 8.36 -11.44
N ILE A 27 -7.06 9.18 -10.49
CA ILE A 27 -7.36 8.92 -9.08
C ILE A 27 -8.84 9.17 -8.82
N LEU A 28 -9.53 8.11 -8.42
CA LEU A 28 -10.96 8.21 -8.16
C LEU A 28 -11.21 8.71 -6.74
N ASN A 29 -10.77 7.92 -5.75
CA ASN A 29 -10.97 8.28 -4.36
C ASN A 29 -9.64 8.46 -3.64
N SER A 30 -9.21 9.71 -3.53
CA SER A 30 -7.96 10.05 -2.86
C SER A 30 -8.18 10.20 -1.36
N SER A 31 -9.45 10.36 -0.97
CA SER A 31 -9.80 10.53 0.43
C SER A 31 -10.01 9.17 1.10
N GLU A 32 -9.54 8.12 0.43
CA GLU A 32 -9.65 6.77 0.96
C GLU A 32 -8.72 6.59 2.16
N GLY A 33 -7.51 7.08 2.02
CA GLY A 33 -6.51 6.98 3.07
C GLY A 33 -5.12 6.99 2.50
N ASP A 34 -4.42 5.87 2.63
CA ASP A 34 -3.06 5.77 2.10
C ASP A 34 -3.10 5.09 0.73
N TRP A 35 -3.86 4.01 0.65
CA TRP A 35 -4.01 3.29 -0.61
C TRP A 35 -5.25 3.83 -1.32
N TRP A 36 -5.03 4.52 -2.43
CA TRP A 36 -6.13 5.11 -3.17
C TRP A 36 -6.55 4.21 -4.32
N GLU A 37 -7.82 4.28 -4.67
CA GLU A 37 -8.35 3.50 -5.77
C GLU A 37 -8.33 4.36 -7.02
N ALA A 38 -7.67 3.88 -8.07
CA ALA A 38 -7.58 4.63 -9.30
C ALA A 38 -7.89 3.76 -10.51
N ARG A 39 -8.15 4.40 -11.63
CA ARG A 39 -8.45 3.69 -12.86
C ARG A 39 -7.35 3.94 -13.88
N SER A 40 -6.83 2.86 -14.45
CA SER A 40 -5.77 2.97 -15.45
C SER A 40 -6.30 3.58 -16.74
N LEU A 41 -5.45 4.32 -17.43
CA LEU A 41 -5.83 4.94 -18.69
C LEU A 41 -5.41 4.03 -19.84
N THR A 42 -4.76 2.93 -19.50
CA THR A 42 -4.29 1.98 -20.49
C THR A 42 -5.29 0.85 -20.69
N THR A 43 -5.47 0.04 -19.66
CA THR A 43 -6.38 -1.09 -19.72
C THR A 43 -7.79 -0.70 -19.28
N GLY A 44 -7.87 0.39 -18.51
CA GLY A 44 -9.16 0.86 -18.02
C GLY A 44 -9.59 0.10 -16.78
N GLU A 45 -8.66 -0.64 -16.19
CA GLU A 45 -8.94 -1.42 -14.99
C GLU A 45 -9.02 -0.51 -13.76
N THR A 46 -9.79 -0.96 -12.77
CA THR A 46 -9.97 -0.20 -11.54
C THR A 46 -9.41 -1.01 -10.36
N GLY A 47 -8.68 -0.34 -9.47
CA GLY A 47 -8.13 -1.02 -8.32
C GLY A 47 -7.35 -0.08 -7.42
N TYR A 48 -6.85 -0.60 -6.31
CA TYR A 48 -6.08 0.19 -5.37
C TYR A 48 -4.62 0.24 -5.79
N ILE A 49 -4.01 1.41 -5.66
CA ILE A 49 -2.61 1.59 -6.05
C ILE A 49 -1.81 2.18 -4.89
N PRO A 50 -0.58 1.69 -4.69
CA PRO A 50 0.30 2.20 -3.63
C PRO A 50 0.76 3.63 -3.92
N SER A 51 0.46 4.54 -3.01
CA SER A 51 0.81 5.95 -3.15
C SER A 51 2.32 6.19 -3.12
N ASN A 52 3.07 5.19 -2.72
CA ASN A 52 4.52 5.32 -2.65
C ASN A 52 5.17 4.96 -3.98
N TYR A 53 4.37 4.44 -4.91
CA TYR A 53 4.86 4.07 -6.23
C TYR A 53 4.53 5.14 -7.25
N VAL A 54 3.58 6.00 -6.91
CA VAL A 54 3.16 7.07 -7.79
C VAL A 54 3.48 8.43 -7.19
N ALA A 55 3.65 9.42 -8.04
CA ALA A 55 3.96 10.77 -7.58
C ALA A 55 3.17 11.78 -8.37
N PRO A 56 2.74 12.88 -7.73
CA PRO A 56 1.98 13.94 -8.38
C PRO A 56 2.82 14.65 -9.44
N VAL A 57 2.31 14.68 -10.66
CA VAL A 57 3.00 15.34 -11.77
C VAL A 57 3.08 16.83 -11.53
N MET B 1 0.24 -14.58 14.90
CA MET B 1 1.68 -14.39 14.60
C MET B 1 2.28 -13.29 15.48
N ALA B 2 1.93 -12.03 15.19
CA ALA B 2 2.45 -10.89 15.96
C ALA B 2 1.72 -9.61 15.60
N THR B 3 1.96 -8.56 16.39
CA THR B 3 1.33 -7.26 16.17
C THR B 3 2.35 -6.26 15.63
N VAL B 4 1.92 -5.43 14.68
CA VAL B 4 2.78 -4.43 14.08
C VAL B 4 2.29 -3.02 14.41
N LYS B 5 3.21 -2.14 14.76
CA LYS B 5 2.88 -0.76 15.10
C LYS B 5 3.27 0.17 13.96
N PHE B 6 2.34 1.00 13.53
CA PHE B 6 2.57 1.92 12.44
C PHE B 6 1.96 3.29 12.75
N LYS B 7 2.17 4.24 11.86
CA LYS B 7 1.64 5.58 12.03
C LYS B 7 0.79 5.99 10.84
N TYR B 8 -0.49 5.68 10.89
CA TYR B 8 -1.41 6.02 9.81
C TYR B 8 -1.78 7.49 9.89
N LYS B 9 -1.31 8.27 8.93
CA LYS B 9 -1.59 9.72 8.89
C LYS B 9 -1.10 10.41 10.16
N GLY B 10 -0.13 9.80 10.83
CA GLY B 10 0.40 10.37 12.06
C GLY B 10 -0.16 9.71 13.30
N GLU B 11 -1.24 8.95 13.13
CA GLU B 11 -1.87 8.28 14.26
C GLU B 11 -1.21 6.93 14.54
N GLU B 12 -0.80 6.72 15.78
CA GLU B 12 -0.16 5.48 16.17
C GLU B 12 -1.20 4.38 16.32
N LYS B 13 -1.05 3.32 15.55
CA LYS B 13 -1.98 2.20 15.60
C LYS B 13 -1.23 0.88 15.55
N GLN B 14 -1.79 -0.14 16.19
CA GLN B 14 -1.16 -1.45 16.23
C GLN B 14 -2.14 -2.51 15.75
N VAL B 15 -1.80 -3.15 14.64
CA VAL B 15 -2.64 -4.19 14.08
C VAL B 15 -1.82 -5.46 13.87
N ASP B 16 -2.45 -6.62 14.08
CA ASP B 16 -1.77 -7.89 13.91
C ASP B 16 -1.38 -8.07 12.45
N ILE B 17 -0.15 -8.52 12.23
CA ILE B 17 0.39 -8.73 10.90
C ILE B 17 -0.44 -9.76 10.12
N SER B 18 -1.10 -10.65 10.85
CA SER B 18 -1.92 -11.68 10.24
C SER B 18 -3.22 -11.09 9.67
N LYS B 19 -3.49 -9.83 9.99
CA LYS B 19 -4.68 -9.15 9.49
C LYS B 19 -4.33 -8.25 8.33
N ILE B 20 -3.12 -8.42 7.80
CA ILE B 20 -2.65 -7.64 6.67
C ILE B 20 -2.80 -8.44 5.38
N VAL B 21 -3.37 -7.80 4.36
CA VAL B 21 -3.58 -8.47 3.08
C VAL B 21 -2.29 -8.51 2.26
N PHE B 22 -1.80 -7.33 1.88
CA PHE B 22 -0.58 -7.24 1.09
C PHE B 22 0.31 -6.12 1.62
N VAL B 23 1.61 -6.23 1.35
CA VAL B 23 2.59 -5.24 1.78
C VAL B 23 3.42 -4.78 0.57
N THR B 24 3.75 -3.51 0.54
CA THR B 24 4.54 -2.95 -0.56
C THR B 24 5.62 -1.99 -0.06
N ARG B 25 6.87 -2.33 -0.32
CA ARG B 25 7.98 -1.49 0.10
C ARG B 25 8.67 -0.86 -1.12
N TYR B 26 8.61 0.47 -1.20
CA TYR B 26 9.20 1.20 -2.30
C TYR B 26 10.69 1.47 -2.07
N GLY B 27 11.10 1.41 -0.80
CA GLY B 27 12.49 1.68 -0.47
C GLY B 27 12.64 2.97 0.28
N LYS B 28 11.51 3.50 0.73
CA LYS B 28 11.46 4.75 1.49
C LYS B 28 10.47 4.59 2.62
N GLN B 29 9.28 4.15 2.26
CA GLN B 29 8.21 3.93 3.22
C GLN B 29 7.51 2.61 2.87
N ILE B 30 7.11 1.89 3.89
CA ILE B 30 6.42 0.62 3.71
C ILE B 30 4.91 0.83 3.80
N PHE B 31 4.20 0.46 2.76
CA PHE B 31 2.76 0.62 2.72
C PHE B 31 2.06 -0.73 2.72
N PHE B 32 1.01 -0.88 3.50
CA PHE B 32 0.26 -2.12 3.56
C PHE B 32 -1.21 -1.86 3.84
N ARG B 33 -2.03 -2.89 3.69
CA ARG B 33 -3.46 -2.78 3.93
C ARG B 33 -3.90 -3.86 4.92
N TYR B 34 -4.66 -3.46 5.94
CA TYR B 34 -5.13 -4.39 6.95
C TYR B 34 -6.64 -4.34 7.09
N ASP B 35 -7.18 -5.34 7.76
CA ASP B 35 -8.61 -5.43 8.00
C ASP B 35 -8.89 -5.80 9.45
N LEU B 36 -9.63 -4.96 10.15
CA LEU B 36 -9.96 -5.21 11.55
C LEU B 36 -11.25 -6.00 11.70
N GLY B 37 -11.32 -6.82 12.74
CA GLY B 37 -12.49 -7.64 12.98
C GLY B 37 -13.68 -6.82 13.43
N GLY B 38 -13.43 -5.57 13.80
CA GLY B 38 -14.49 -4.69 14.25
C GLY B 38 -15.23 -4.03 13.10
N GLY B 39 -15.02 -4.54 11.89
CA GLY B 39 -15.68 -3.99 10.73
C GLY B 39 -15.11 -2.64 10.35
N LYS B 40 -13.80 -2.59 10.15
CA LYS B 40 -13.13 -1.35 9.78
C LYS B 40 -11.81 -1.63 9.08
N PRO B 41 -11.81 -1.66 7.74
CA PRO B 41 -10.60 -1.88 6.97
C PRO B 41 -9.76 -0.60 6.90
N GLY B 42 -8.44 -0.74 6.94
CA GLY B 42 -7.60 0.42 6.90
C GLY B 42 -6.28 0.17 6.20
N PHE B 43 -5.41 1.16 6.26
CA PHE B 43 -4.09 1.08 5.64
C PHE B 43 -3.02 1.46 6.65
N GLY B 44 -1.80 1.06 6.39
CA GLY B 44 -0.72 1.38 7.30
C GLY B 44 0.56 1.71 6.57
N VAL B 45 1.31 2.65 7.12
CA VAL B 45 2.58 3.06 6.55
C VAL B 45 3.64 3.10 7.64
N VAL B 46 4.78 2.48 7.34
CA VAL B 46 5.89 2.41 8.27
C VAL B 46 7.15 3.00 7.62
N SER B 47 7.84 3.85 8.36
CA SER B 47 9.06 4.47 7.86
C SER B 47 10.16 3.42 7.73
N GLU B 48 10.91 3.45 6.64
CA GLU B 48 11.97 2.48 6.42
C GLU B 48 13.27 2.96 7.04
N LYS B 49 13.36 4.26 7.30
CA LYS B 49 14.55 4.83 7.90
C LYS B 49 14.28 5.25 9.34
N ASP B 50 13.07 5.74 9.58
CA ASP B 50 12.67 6.20 10.91
C ASP B 50 11.90 5.11 11.64
N ALA B 51 12.47 3.92 11.71
CA ALA B 51 11.84 2.79 12.40
C ALA B 51 12.83 1.64 12.54
N PRO B 52 12.67 0.80 13.58
CA PRO B 52 13.55 -0.35 13.80
C PRO B 52 13.41 -1.40 12.70
N LYS B 53 14.53 -1.98 12.30
CA LYS B 53 14.54 -3.02 11.25
C LYS B 53 13.71 -4.23 11.66
N GLU B 54 13.50 -4.37 12.96
CA GLU B 54 12.72 -5.48 13.50
C GLU B 54 11.34 -5.55 12.86
N LEU B 55 10.67 -4.40 12.75
CA LEU B 55 9.33 -4.34 12.17
C LEU B 55 9.42 -4.39 10.65
N LEU B 56 10.45 -3.77 10.10
CA LEU B 56 10.66 -3.73 8.66
C LEU B 56 10.82 -5.13 8.09
N GLN B 57 11.61 -5.95 8.78
CA GLN B 57 11.88 -7.32 8.34
C GLN B 57 10.69 -8.24 8.58
N LYS B 58 9.67 -7.73 9.25
CA LYS B 58 8.47 -8.52 9.51
C LYS B 58 7.45 -8.29 8.42
N LEU B 59 7.42 -7.06 7.89
CA LEU B 59 6.51 -6.70 6.83
C LEU B 59 7.09 -7.14 5.48
N GLU B 60 8.40 -7.02 5.36
CA GLU B 60 9.10 -7.42 4.14
C GLU B 60 9.29 -8.92 4.10
N LYS B 61 8.37 -9.62 3.46
CA LYS B 61 8.46 -11.07 3.34
C LYS B 61 8.88 -11.46 1.93
N GLN B 62 9.70 -12.50 1.83
CA GLN B 62 10.17 -12.97 0.54
C GLN B 62 9.00 -13.56 -0.24
N LYS B 63 8.83 -13.07 -1.47
CA LYS B 63 7.74 -13.51 -2.36
C LYS B 63 6.40 -13.11 -1.75
N LYS B 64 6.18 -11.81 -1.66
CA LYS B 64 4.95 -11.28 -1.09
C LYS B 64 3.83 -11.31 -2.12
N THR A 1 -5.54 16.40 -10.28
CA THR A 1 -4.11 16.03 -10.21
C THR A 1 -3.89 14.61 -10.72
N LEU A 2 -3.04 14.47 -11.72
CA LEU A 2 -2.74 13.17 -12.29
C LEU A 2 -1.53 12.56 -11.62
N PHE A 3 -1.49 11.25 -11.51
CA PHE A 3 -0.38 10.57 -10.88
C PHE A 3 0.27 9.60 -11.86
N VAL A 4 1.59 9.62 -11.90
CA VAL A 4 2.34 8.76 -12.80
C VAL A 4 3.16 7.75 -11.97
N ALA A 5 3.21 6.51 -12.44
CA ALA A 5 3.95 5.46 -11.77
C ALA A 5 5.45 5.66 -11.88
N LEU A 6 6.12 5.71 -10.74
CA LEU A 6 7.56 5.88 -10.70
C LEU A 6 8.27 4.57 -10.96
N TYR A 7 7.64 3.49 -10.50
CA TYR A 7 8.18 2.15 -10.68
C TYR A 7 7.06 1.18 -10.98
N ASP A 8 7.43 0.01 -11.49
CA ASP A 8 6.46 -1.02 -11.82
C ASP A 8 5.96 -1.69 -10.55
N TYR A 9 4.71 -2.12 -10.55
CA TYR A 9 4.12 -2.75 -9.38
C TYR A 9 3.45 -4.07 -9.74
N GLU A 10 3.66 -5.08 -8.91
CA GLU A 10 3.08 -6.40 -9.10
C GLU A 10 1.82 -6.54 -8.25
N ALA A 11 0.74 -7.01 -8.87
CA ALA A 11 -0.51 -7.18 -8.15
C ALA A 11 -0.53 -8.54 -7.45
N ARG A 12 -1.06 -8.56 -6.24
CA ARG A 12 -1.11 -9.80 -5.48
C ARG A 12 -2.53 -10.34 -5.39
N THR A 13 -3.51 -9.44 -5.44
CA THR A 13 -4.90 -9.85 -5.34
C THR A 13 -5.73 -9.18 -6.44
N GLU A 14 -7.04 -9.17 -6.25
CA GLU A 14 -7.94 -8.57 -7.21
C GLU A 14 -8.41 -7.19 -6.73
N ASP A 15 -7.79 -6.72 -5.66
CA ASP A 15 -8.12 -5.40 -5.11
C ASP A 15 -7.05 -4.40 -5.52
N ASP A 16 -5.81 -4.84 -5.51
CA ASP A 16 -4.70 -4.01 -5.92
C ASP A 16 -4.48 -4.16 -7.42
N LEU A 17 -4.01 -3.13 -8.07
CA LEU A 17 -3.80 -3.18 -9.51
C LEU A 17 -2.34 -3.02 -9.89
N SER A 18 -1.89 -3.88 -10.79
CA SER A 18 -0.51 -3.86 -11.26
C SER A 18 -0.34 -2.83 -12.37
N PHE A 19 0.86 -2.29 -12.49
CA PHE A 19 1.16 -1.29 -13.51
C PHE A 19 2.66 -1.22 -13.75
N HIS A 20 3.05 -0.49 -14.79
CA HIS A 20 4.45 -0.36 -15.14
C HIS A 20 4.91 1.08 -14.93
N LYS A 21 6.22 1.29 -14.92
CA LYS A 21 6.79 2.61 -14.74
C LYS A 21 6.37 3.53 -15.89
N GLY A 22 5.71 4.63 -15.54
CA GLY A 22 5.25 5.56 -16.55
C GLY A 22 3.75 5.52 -16.74
N GLU A 23 3.10 4.60 -16.04
CA GLU A 23 1.66 4.44 -16.10
C GLU A 23 0.94 5.64 -15.51
N LYS A 24 -0.01 6.19 -16.26
CA LYS A 24 -0.79 7.33 -15.79
C LYS A 24 -2.08 6.83 -15.15
N PHE A 25 -2.30 7.24 -13.91
CA PHE A 25 -3.49 6.80 -13.19
C PHE A 25 -4.37 7.98 -12.80
N GLN A 26 -5.67 7.78 -12.96
CA GLN A 26 -6.65 8.80 -12.58
C GLN A 26 -7.25 8.41 -11.24
N ILE A 27 -6.84 9.12 -10.21
CA ILE A 27 -7.33 8.84 -8.86
C ILE A 27 -8.82 9.13 -8.74
N LEU A 28 -9.59 8.10 -8.41
CA LEU A 28 -11.03 8.25 -8.27
C LEU A 28 -11.39 8.46 -6.81
N ASN A 29 -10.71 7.76 -5.92
CA ASN A 29 -10.97 7.88 -4.49
C ASN A 29 -9.65 7.94 -3.71
N SER A 30 -9.28 9.15 -3.32
CA SER A 30 -8.05 9.37 -2.58
C SER A 30 -8.34 9.61 -1.10
N SER A 31 -9.59 9.84 -0.78
CA SER A 31 -10.01 10.10 0.59
C SER A 31 -10.18 8.81 1.38
N GLU A 32 -9.88 7.67 0.75
CA GLU A 32 -10.01 6.38 1.42
C GLU A 32 -9.01 6.26 2.56
N GLY A 33 -7.76 6.61 2.27
CA GLY A 33 -6.72 6.54 3.28
C GLY A 33 -5.34 6.61 2.67
N ASP A 34 -4.52 5.61 2.95
CA ASP A 34 -3.16 5.56 2.42
C ASP A 34 -3.20 5.12 0.97
N TRP A 35 -3.75 3.94 0.73
CA TRP A 35 -3.88 3.41 -0.63
C TRP A 35 -5.06 4.09 -1.31
N TRP A 36 -4.90 4.47 -2.56
CA TRP A 36 -5.96 5.16 -3.28
C TRP A 36 -6.53 4.32 -4.39
N GLU A 37 -7.81 4.53 -4.68
CA GLU A 37 -8.49 3.84 -5.76
C GLU A 37 -8.34 4.64 -7.03
N ALA A 38 -7.60 4.10 -7.99
CA ALA A 38 -7.37 4.81 -9.22
C ALA A 38 -7.72 3.96 -10.44
N ARG A 39 -8.04 4.63 -11.53
CA ARG A 39 -8.37 3.97 -12.77
C ARG A 39 -7.26 4.17 -13.77
N SER A 40 -6.84 3.10 -14.42
CA SER A 40 -5.79 3.17 -15.42
C SER A 40 -6.33 3.82 -16.68
N LEU A 41 -5.59 4.79 -17.21
CA LEU A 41 -5.99 5.47 -18.43
C LEU A 41 -5.54 4.67 -19.65
N THR A 42 -4.71 3.67 -19.40
CA THR A 42 -4.18 2.83 -20.45
C THR A 42 -5.08 1.62 -20.71
N THR A 43 -5.23 0.77 -19.70
CA THR A 43 -6.05 -0.44 -19.84
C THR A 43 -7.51 -0.17 -19.47
N GLY A 44 -7.72 0.75 -18.53
CA GLY A 44 -9.07 1.06 -18.10
C GLY A 44 -9.44 0.36 -16.81
N GLU A 45 -8.53 -0.48 -16.31
CA GLU A 45 -8.78 -1.21 -15.08
C GLU A 45 -8.80 -0.28 -13.86
N THR A 46 -9.52 -0.70 -12.83
CA THR A 46 -9.64 0.09 -11.61
C THR A 46 -9.27 -0.75 -10.38
N GLY A 47 -8.48 -0.16 -9.49
CA GLY A 47 -8.08 -0.86 -8.28
C GLY A 47 -7.26 0.01 -7.37
N TYR A 48 -6.79 -0.56 -6.27
CA TYR A 48 -5.97 0.17 -5.32
C TYR A 48 -4.52 0.17 -5.77
N ILE A 49 -3.91 1.35 -5.77
CA ILE A 49 -2.52 1.47 -6.19
C ILE A 49 -1.67 2.08 -5.08
N PRO A 50 -0.43 1.59 -4.93
CA PRO A 50 0.50 2.10 -3.91
C PRO A 50 0.85 3.56 -4.18
N SER A 51 0.38 4.43 -3.30
CA SER A 51 0.60 5.87 -3.41
C SER A 51 2.08 6.24 -3.33
N ASN A 52 2.89 5.32 -2.79
CA ASN A 52 4.32 5.56 -2.65
C ASN A 52 5.06 5.25 -3.94
N TYR A 53 4.39 4.56 -4.86
CA TYR A 53 5.00 4.18 -6.13
C TYR A 53 4.60 5.14 -7.25
N VAL A 54 3.79 6.13 -6.91
CA VAL A 54 3.33 7.10 -7.89
C VAL A 54 3.69 8.52 -7.46
N ALA A 55 3.69 9.44 -8.42
CA ALA A 55 4.00 10.83 -8.15
C ALA A 55 3.10 11.74 -8.98
N PRO A 56 2.73 12.92 -8.44
CA PRO A 56 1.88 13.88 -9.16
C PRO A 56 2.59 14.47 -10.37
N VAL A 57 1.89 14.54 -11.49
CA VAL A 57 2.45 15.09 -12.72
C VAL A 57 2.57 16.60 -12.62
N MET B 1 2.24 -14.60 14.34
CA MET B 1 3.69 -14.33 14.26
C MET B 1 4.08 -13.14 15.13
N ALA B 2 3.70 -11.94 14.70
CA ALA B 2 4.04 -10.73 15.44
C ALA B 2 3.10 -9.58 15.09
N THR B 3 2.92 -8.67 16.04
CA THR B 3 2.07 -7.51 15.84
C THR B 3 2.88 -6.33 15.34
N VAL B 4 2.38 -5.64 14.32
CA VAL B 4 3.07 -4.50 13.76
C VAL B 4 2.31 -3.21 14.06
N LYS B 5 3.04 -2.17 14.47
CA LYS B 5 2.44 -0.89 14.78
C LYS B 5 2.68 0.09 13.65
N PHE B 6 1.62 0.69 13.15
CA PHE B 6 1.72 1.64 12.06
C PHE B 6 0.99 2.93 12.40
N LYS B 7 1.24 3.97 11.62
CA LYS B 7 0.62 5.27 11.84
C LYS B 7 -0.43 5.52 10.77
N TYR B 8 -1.65 5.08 11.05
CA TYR B 8 -2.77 5.25 10.12
C TYR B 8 -3.26 6.68 10.12
N LYS B 9 -2.62 7.50 9.31
CA LYS B 9 -2.97 8.92 9.18
C LYS B 9 -2.94 9.62 10.53
N GLY B 10 -2.02 9.21 11.39
CA GLY B 10 -1.90 9.82 12.70
C GLY B 10 -2.26 8.87 13.83
N GLU B 11 -3.16 7.93 13.55
CA GLU B 11 -3.60 6.98 14.56
C GLU B 11 -2.68 5.76 14.59
N GLU B 12 -2.01 5.56 15.71
CA GLU B 12 -1.11 4.43 15.87
C GLU B 12 -1.90 3.19 16.26
N LYS B 13 -1.91 2.21 15.37
CA LYS B 13 -2.63 0.97 15.63
C LYS B 13 -1.69 -0.21 15.46
N GLN B 14 -1.96 -1.27 16.21
CA GLN B 14 -1.14 -2.47 16.16
C GLN B 14 -1.94 -3.64 15.64
N VAL B 15 -1.65 -4.05 14.42
CA VAL B 15 -2.35 -5.16 13.80
C VAL B 15 -1.37 -6.28 13.47
N ASP B 16 -1.82 -7.52 13.61
CA ASP B 16 -0.97 -8.66 13.31
C ASP B 16 -0.61 -8.68 11.84
N ILE B 17 0.65 -9.03 11.55
CA ILE B 17 1.13 -9.09 10.18
C ILE B 17 0.38 -10.16 9.39
N SER B 18 -0.17 -11.14 10.09
CA SER B 18 -0.93 -12.21 9.47
C SER B 18 -2.28 -11.70 8.96
N LYS B 19 -2.68 -10.53 9.43
CA LYS B 19 -3.94 -9.93 9.05
C LYS B 19 -3.72 -8.88 7.96
N ILE B 20 -2.55 -8.93 7.34
CA ILE B 20 -2.19 -8.00 6.27
C ILE B 20 -2.30 -8.71 4.92
N VAL B 21 -2.93 -8.04 3.97
CA VAL B 21 -3.11 -8.61 2.63
C VAL B 21 -1.83 -8.51 1.80
N PHE B 22 -1.48 -7.31 1.38
CA PHE B 22 -0.29 -7.10 0.58
C PHE B 22 0.58 -6.00 1.17
N VAL B 23 1.89 -6.13 1.01
CA VAL B 23 2.85 -5.16 1.53
C VAL B 23 3.77 -4.68 0.40
N THR B 24 3.86 -3.36 0.24
CA THR B 24 4.70 -2.81 -0.80
C THR B 24 5.64 -1.72 -0.27
N ARG B 25 6.94 -1.97 -0.39
CA ARG B 25 7.96 -1.03 0.07
C ARG B 25 8.50 -0.23 -1.12
N TYR B 26 8.88 1.02 -0.87
CA TYR B 26 9.40 1.89 -1.93
C TYR B 26 10.80 2.40 -1.64
N GLY B 27 11.16 2.46 -0.36
CA GLY B 27 12.48 2.95 -0.01
C GLY B 27 12.38 4.29 0.71
N LYS B 28 11.19 4.58 1.20
CA LYS B 28 10.89 5.81 1.90
C LYS B 28 9.82 5.54 2.95
N GLN B 29 8.76 4.90 2.50
CA GLN B 29 7.64 4.54 3.36
C GLN B 29 6.99 3.25 2.84
N ILE B 30 6.71 2.33 3.76
CA ILE B 30 6.09 1.07 3.41
C ILE B 30 4.58 1.17 3.51
N PHE B 31 3.88 0.75 2.46
CA PHE B 31 2.44 0.80 2.43
C PHE B 31 1.85 -0.60 2.37
N PHE B 32 0.83 -0.86 3.17
CA PHE B 32 0.17 -2.16 3.19
C PHE B 32 -1.29 -2.03 3.57
N ARG B 33 -2.03 -3.12 3.43
CA ARG B 33 -3.45 -3.14 3.76
C ARG B 33 -3.73 -4.18 4.84
N TYR B 34 -4.49 -3.79 5.86
CA TYR B 34 -4.81 -4.68 6.95
C TYR B 34 -6.31 -4.91 7.07
N ASP B 35 -6.67 -5.98 7.76
CA ASP B 35 -8.08 -6.32 7.98
C ASP B 35 -8.30 -6.67 9.45
N LEU B 36 -9.28 -6.05 10.06
CA LEU B 36 -9.58 -6.29 11.47
C LEU B 36 -10.94 -6.97 11.61
N GLY B 37 -10.93 -8.15 12.23
CA GLY B 37 -12.15 -8.91 12.44
C GLY B 37 -13.21 -8.15 13.21
N GLY B 38 -12.80 -7.06 13.86
CA GLY B 38 -13.71 -6.24 14.63
C GLY B 38 -14.70 -5.50 13.75
N GLY B 39 -14.42 -5.46 12.45
CA GLY B 39 -15.31 -4.78 11.52
C GLY B 39 -14.80 -3.44 11.06
N LYS B 40 -13.49 -3.36 10.79
CA LYS B 40 -12.89 -2.12 10.34
C LYS B 40 -11.56 -2.37 9.64
N PRO B 41 -11.60 -2.58 8.31
CA PRO B 41 -10.39 -2.79 7.52
C PRO B 41 -9.81 -1.45 7.08
N GLY B 42 -8.53 -1.43 6.70
CA GLY B 42 -7.92 -0.20 6.28
C GLY B 42 -6.52 -0.41 5.76
N PHE B 43 -5.72 0.64 5.80
CA PHE B 43 -4.35 0.59 5.32
C PHE B 43 -3.39 1.01 6.42
N GLY B 44 -2.11 0.84 6.16
CA GLY B 44 -1.10 1.22 7.13
C GLY B 44 0.17 1.66 6.46
N VAL B 45 0.80 2.69 7.00
CA VAL B 45 2.04 3.20 6.45
C VAL B 45 3.12 3.31 7.54
N VAL B 46 4.30 2.81 7.22
CA VAL B 46 5.43 2.86 8.14
C VAL B 46 6.63 3.47 7.44
N SER B 47 7.20 4.51 8.04
CA SER B 47 8.35 5.18 7.48
C SER B 47 9.58 4.28 7.54
N GLU B 48 10.45 4.39 6.55
CA GLU B 48 11.66 3.60 6.50
C GLU B 48 12.86 4.41 6.98
N LYS B 49 12.59 5.60 7.49
CA LYS B 49 13.64 6.48 7.96
C LYS B 49 13.57 6.70 9.47
N ASP B 50 12.39 7.08 9.96
CA ASP B 50 12.21 7.35 11.39
C ASP B 50 11.54 6.18 12.11
N ALA B 51 11.78 4.97 11.65
CA ALA B 51 11.20 3.79 12.27
C ALA B 51 12.26 2.72 12.47
N PRO B 52 12.11 1.89 13.53
CA PRO B 52 13.06 0.81 13.84
C PRO B 52 13.07 -0.29 12.77
N LYS B 53 14.26 -0.81 12.50
CA LYS B 53 14.43 -1.87 11.51
C LYS B 53 13.73 -3.15 11.97
N GLU B 54 13.56 -3.26 13.29
CA GLU B 54 12.91 -4.41 13.90
C GLU B 54 11.49 -4.60 13.34
N LEU B 55 10.86 -3.49 12.95
CA LEU B 55 9.52 -3.55 12.39
C LEU B 55 9.58 -3.59 10.87
N LEU B 56 10.53 -2.86 10.30
CA LEU B 56 10.70 -2.79 8.85
C LEU B 56 11.07 -4.16 8.28
N GLN B 57 11.90 -4.91 9.00
CA GLN B 57 12.34 -6.22 8.56
C GLN B 57 11.20 -7.24 8.62
N LYS B 58 10.15 -6.91 9.34
CA LYS B 58 9.00 -7.80 9.46
C LYS B 58 8.04 -7.58 8.31
N LEU B 59 7.89 -6.32 7.90
CA LEU B 59 7.00 -5.98 6.81
C LEU B 59 7.53 -6.52 5.48
N GLU B 60 8.83 -6.41 5.28
CA GLU B 60 9.46 -6.90 4.07
C GLU B 60 9.77 -8.38 4.19
N LYS B 61 8.92 -9.21 3.61
CA LYS B 61 9.11 -10.64 3.64
C LYS B 61 9.48 -11.14 2.25
N GLN B 62 10.12 -12.29 2.19
CA GLN B 62 10.52 -12.86 0.91
C GLN B 62 9.31 -13.32 0.12
N LYS B 63 9.31 -13.01 -1.18
CA LYS B 63 8.22 -13.37 -2.08
C LYS B 63 6.95 -12.59 -1.70
N LYS B 64 7.11 -11.29 -1.52
CA LYS B 64 6.00 -10.42 -1.17
C LYS B 64 5.15 -10.09 -2.40
N THR A 1 -5.79 15.99 -10.65
CA THR A 1 -4.35 15.69 -10.54
C THR A 1 -4.06 14.29 -11.07
N LEU A 2 -2.99 14.16 -11.85
CA LEU A 2 -2.61 12.88 -12.41
C LEU A 2 -1.33 12.37 -11.74
N PHE A 3 -1.24 11.07 -11.58
CA PHE A 3 -0.09 10.45 -10.94
C PHE A 3 0.62 9.53 -11.91
N VAL A 4 1.94 9.59 -11.92
CA VAL A 4 2.75 8.75 -12.79
C VAL A 4 3.43 7.67 -11.97
N ALA A 5 3.46 6.46 -12.51
CA ALA A 5 4.08 5.33 -11.85
C ALA A 5 5.60 5.50 -11.82
N LEU A 6 6.15 5.58 -10.61
CA LEU A 6 7.59 5.73 -10.43
C LEU A 6 8.30 4.47 -10.91
N TYR A 7 7.82 3.32 -10.44
CA TYR A 7 8.40 2.05 -10.80
C TYR A 7 7.28 1.05 -11.07
N ASP A 8 7.63 -0.10 -11.60
CA ASP A 8 6.65 -1.15 -11.90
C ASP A 8 6.14 -1.75 -10.60
N TYR A 9 4.83 -1.92 -10.50
CA TYR A 9 4.25 -2.47 -9.29
C TYR A 9 3.68 -3.86 -9.55
N GLU A 10 4.18 -4.84 -8.81
CA GLU A 10 3.70 -6.19 -8.93
C GLU A 10 2.54 -6.38 -7.96
N ALA A 11 1.38 -6.73 -8.49
CA ALA A 11 0.20 -6.92 -7.67
C ALA A 11 0.24 -8.27 -6.96
N ARG A 12 -0.47 -8.34 -5.85
CA ARG A 12 -0.53 -9.55 -5.06
C ARG A 12 -1.93 -10.16 -5.16
N THR A 13 -2.94 -9.32 -5.12
CA THR A 13 -4.32 -9.78 -5.19
C THR A 13 -5.03 -9.16 -6.38
N GLU A 14 -6.36 -9.17 -6.34
CA GLU A 14 -7.17 -8.60 -7.41
C GLU A 14 -7.67 -7.22 -7.00
N ASP A 15 -7.36 -6.83 -5.77
CA ASP A 15 -7.76 -5.53 -5.25
C ASP A 15 -6.76 -4.46 -5.65
N ASP A 16 -5.49 -4.80 -5.51
CA ASP A 16 -4.41 -3.89 -5.86
C ASP A 16 -4.17 -3.93 -7.36
N LEU A 17 -4.13 -2.76 -7.97
CA LEU A 17 -3.95 -2.63 -9.40
C LEU A 17 -2.49 -2.76 -9.81
N SER A 18 -2.24 -3.69 -10.73
CA SER A 18 -0.91 -3.93 -11.25
C SER A 18 -0.64 -2.98 -12.41
N PHE A 19 0.50 -2.31 -12.40
CA PHE A 19 0.84 -1.38 -13.47
C PHE A 19 2.33 -1.35 -13.72
N HIS A 20 2.71 -0.73 -14.84
CA HIS A 20 4.10 -0.62 -15.24
C HIS A 20 4.62 0.80 -15.03
N LYS A 21 5.93 0.94 -15.03
CA LYS A 21 6.58 2.23 -14.84
C LYS A 21 6.24 3.20 -15.98
N GLY A 22 5.88 4.42 -15.63
CA GLY A 22 5.56 5.41 -16.63
C GLY A 22 4.09 5.54 -16.94
N GLU A 23 3.27 4.66 -16.35
CA GLU A 23 1.84 4.69 -16.59
C GLU A 23 1.17 5.80 -15.77
N LYS A 24 0.03 6.27 -16.26
CA LYS A 24 -0.73 7.32 -15.59
C LYS A 24 -2.14 6.82 -15.26
N PHE A 25 -2.65 7.20 -14.11
CA PHE A 25 -3.98 6.78 -13.69
C PHE A 25 -4.76 7.96 -13.13
N GLN A 26 -6.08 7.85 -13.19
CA GLN A 26 -6.96 8.88 -12.68
C GLN A 26 -7.47 8.50 -11.30
N ILE A 27 -7.17 9.33 -10.32
CA ILE A 27 -7.58 9.07 -8.94
C ILE A 27 -9.07 9.27 -8.77
N LEU A 28 -9.76 8.22 -8.34
CA LEU A 28 -11.20 8.27 -8.14
C LEU A 28 -11.51 8.61 -6.69
N ASN A 29 -10.86 7.93 -5.76
CA ASN A 29 -11.09 8.17 -4.34
C ASN A 29 -9.78 8.27 -3.57
N SER A 30 -9.39 9.49 -3.23
CA SER A 30 -8.17 9.73 -2.49
C SER A 30 -8.45 9.84 -0.99
N SER A 31 -9.73 9.93 -0.64
CA SER A 31 -10.13 10.05 0.75
C SER A 31 -10.28 8.67 1.40
N GLU A 32 -10.01 7.63 0.63
CA GLU A 32 -10.10 6.26 1.12
C GLU A 32 -9.08 6.03 2.24
N GLY A 33 -7.95 6.70 2.14
CA GLY A 33 -6.92 6.56 3.14
C GLY A 33 -5.54 6.64 2.54
N ASP A 34 -4.84 5.52 2.52
CA ASP A 34 -3.49 5.47 1.96
C ASP A 34 -3.54 4.84 0.57
N TRP A 35 -4.17 3.69 0.46
CA TRP A 35 -4.31 3.03 -0.83
C TRP A 35 -5.51 3.66 -1.54
N TRP A 36 -5.23 4.47 -2.55
CA TRP A 36 -6.28 5.16 -3.27
C TRP A 36 -6.79 4.32 -4.45
N GLU A 37 -8.08 4.44 -4.72
CA GLU A 37 -8.70 3.74 -5.82
C GLU A 37 -8.54 4.59 -7.08
N ALA A 38 -7.81 4.07 -8.05
CA ALA A 38 -7.58 4.79 -9.28
C ALA A 38 -7.96 3.97 -10.50
N ARG A 39 -8.28 4.66 -11.58
CA ARG A 39 -8.66 4.02 -12.81
C ARG A 39 -7.56 4.20 -13.85
N SER A 40 -7.09 3.10 -14.41
CA SER A 40 -6.02 3.13 -15.40
C SER A 40 -6.48 3.90 -16.63
N LEU A 41 -5.64 4.82 -17.07
CA LEU A 41 -5.94 5.62 -18.25
C LEU A 41 -5.48 4.90 -19.50
N THR A 42 -4.79 3.78 -19.29
CA THR A 42 -4.28 2.97 -20.38
C THR A 42 -5.39 2.08 -20.91
N THR A 43 -5.88 1.19 -20.07
CA THR A 43 -6.94 0.27 -20.45
C THR A 43 -8.27 0.71 -19.85
N GLY A 44 -8.32 0.74 -18.52
CA GLY A 44 -9.54 1.14 -17.83
C GLY A 44 -9.66 0.44 -16.48
N GLU A 45 -8.75 -0.50 -16.23
CA GLU A 45 -8.73 -1.26 -14.98
C GLU A 45 -8.79 -0.34 -13.76
N THR A 46 -9.63 -0.69 -12.80
CA THR A 46 -9.79 0.09 -11.59
C THR A 46 -9.37 -0.74 -10.38
N GLY A 47 -8.56 -0.16 -9.51
CA GLY A 47 -8.11 -0.87 -8.33
C GLY A 47 -7.33 0.02 -7.38
N TYR A 48 -6.87 -0.58 -6.30
CA TYR A 48 -6.10 0.13 -5.29
C TYR A 48 -4.66 0.30 -5.77
N ILE A 49 -4.18 1.53 -5.77
CA ILE A 49 -2.81 1.81 -6.19
C ILE A 49 -1.96 2.28 -5.03
N PRO A 50 -0.73 1.75 -4.91
CA PRO A 50 0.21 2.14 -3.86
C PRO A 50 0.71 3.56 -4.05
N SER A 51 0.38 4.42 -3.09
CA SER A 51 0.76 5.83 -3.12
C SER A 51 2.28 6.03 -3.04
N ASN A 52 2.99 4.98 -2.66
CA ASN A 52 4.44 5.04 -2.53
C ASN A 52 5.12 4.67 -3.85
N TYR A 53 4.33 4.30 -4.85
CA TYR A 53 4.86 3.93 -6.16
C TYR A 53 4.45 4.93 -7.23
N VAL A 54 3.81 6.02 -6.81
CA VAL A 54 3.37 7.04 -7.75
C VAL A 54 3.81 8.43 -7.32
N ALA A 55 4.02 9.31 -8.28
CA ALA A 55 4.44 10.66 -8.00
C ALA A 55 3.57 11.64 -8.79
N PRO A 56 3.30 12.82 -8.21
CA PRO A 56 2.49 13.85 -8.85
C PRO A 56 3.18 14.42 -10.09
N VAL A 57 2.49 14.36 -11.22
CA VAL A 57 3.03 14.87 -12.47
C VAL A 57 3.11 16.39 -12.43
N MET B 1 0.04 -14.65 14.61
CA MET B 1 1.49 -14.34 14.48
C MET B 1 1.89 -13.20 15.41
N ALA B 2 1.61 -11.97 14.99
CA ALA B 2 1.94 -10.80 15.78
C ALA B 2 1.15 -9.59 15.31
N THR B 3 1.01 -8.61 16.20
CA THR B 3 0.30 -7.39 15.90
C THR B 3 1.29 -6.30 15.48
N VAL B 4 1.01 -5.62 14.38
CA VAL B 4 1.89 -4.59 13.88
C VAL B 4 1.35 -3.19 14.18
N LYS B 5 2.23 -2.29 14.58
CA LYS B 5 1.86 -0.93 14.90
C LYS B 5 2.20 -0.02 13.72
N PHE B 6 1.22 0.75 13.27
CA PHE B 6 1.42 1.65 12.14
C PHE B 6 0.82 3.02 12.41
N LYS B 7 1.02 3.93 11.49
CA LYS B 7 0.49 5.28 11.61
C LYS B 7 -0.44 5.58 10.44
N TYR B 8 -1.74 5.60 10.70
CA TYR B 8 -2.72 5.88 9.66
C TYR B 8 -3.05 7.36 9.66
N LYS B 9 -2.37 8.11 8.80
CA LYS B 9 -2.57 9.55 8.67
C LYS B 9 -2.29 10.27 9.99
N GLY B 10 -1.30 9.75 10.72
CA GLY B 10 -0.94 10.33 12.00
C GLY B 10 -1.48 9.55 13.17
N GLU B 11 -2.57 8.81 12.95
CA GLU B 11 -3.19 8.03 14.00
C GLU B 11 -2.48 6.68 14.16
N GLU B 12 -1.80 6.50 15.28
CA GLU B 12 -1.09 5.26 15.56
C GLU B 12 -2.06 4.17 15.98
N LYS B 13 -2.06 3.08 15.23
CA LYS B 13 -2.95 1.95 15.50
C LYS B 13 -2.20 0.64 15.39
N GLN B 14 -2.77 -0.41 15.96
CA GLN B 14 -2.15 -1.73 15.93
C GLN B 14 -3.11 -2.76 15.37
N VAL B 15 -2.72 -3.43 14.30
CA VAL B 15 -3.56 -4.45 13.67
C VAL B 15 -2.73 -5.71 13.41
N ASP B 16 -3.36 -6.87 13.59
CA ASP B 16 -2.69 -8.15 13.37
C ASP B 16 -2.43 -8.38 11.90
N ILE B 17 -1.28 -8.96 11.61
CA ILE B 17 -0.89 -9.24 10.22
C ILE B 17 -1.87 -10.22 9.57
N SER B 18 -2.52 -11.04 10.39
CA SER B 18 -3.48 -12.01 9.92
C SER B 18 -4.72 -11.33 9.35
N LYS B 19 -4.90 -10.07 9.70
CA LYS B 19 -6.05 -9.29 9.22
C LYS B 19 -5.64 -8.41 8.05
N ILE B 20 -4.39 -8.53 7.62
CA ILE B 20 -3.89 -7.74 6.51
C ILE B 20 -4.08 -8.51 5.20
N VAL B 21 -4.67 -7.85 4.21
CA VAL B 21 -4.93 -8.47 2.92
C VAL B 21 -3.65 -8.57 2.09
N PHE B 22 -3.07 -7.43 1.76
CA PHE B 22 -1.85 -7.41 0.97
C PHE B 22 -0.88 -6.35 1.49
N VAL B 23 0.41 -6.59 1.27
CA VAL B 23 1.46 -5.67 1.72
C VAL B 23 2.43 -5.39 0.59
N THR B 24 2.83 -4.13 0.46
CA THR B 24 3.77 -3.74 -0.59
C THR B 24 4.75 -2.67 -0.10
N ARG B 25 6.04 -2.95 -0.25
CA ARG B 25 7.08 -2.03 0.17
C ARG B 25 7.70 -1.36 -1.06
N TYR B 26 8.29 -0.18 -0.87
CA TYR B 26 8.90 0.56 -1.98
C TYR B 26 10.38 0.84 -1.71
N GLY B 27 10.72 1.08 -0.45
CA GLY B 27 12.09 1.41 -0.10
C GLY B 27 12.14 2.77 0.57
N LYS B 28 11.03 3.11 1.20
CA LYS B 28 10.84 4.37 1.90
C LYS B 28 9.82 4.16 3.00
N GLN B 29 8.64 3.72 2.59
CA GLN B 29 7.55 3.43 3.50
C GLN B 29 6.78 2.21 3.01
N ILE B 30 6.34 1.37 3.94
CA ILE B 30 5.58 0.17 3.60
C ILE B 30 4.10 0.46 3.70
N PHE B 31 3.37 0.10 2.66
CA PHE B 31 1.92 0.33 2.62
C PHE B 31 1.18 -1.00 2.62
N PHE B 32 0.08 -1.07 3.37
CA PHE B 32 -0.72 -2.28 3.42
C PHE B 32 -2.19 -1.95 3.73
N ARG B 33 -3.06 -2.90 3.43
CA ARG B 33 -4.50 -2.76 3.65
C ARG B 33 -4.98 -3.89 4.54
N TYR B 34 -5.76 -3.57 5.57
CA TYR B 34 -6.26 -4.58 6.48
C TYR B 34 -7.77 -4.52 6.61
N ASP B 35 -8.33 -5.55 7.21
CA ASP B 35 -9.78 -5.65 7.44
C ASP B 35 -10.04 -6.19 8.84
N LEU B 36 -10.88 -5.49 9.59
CA LEU B 36 -11.18 -5.90 10.95
C LEU B 36 -12.52 -6.61 11.03
N GLY B 37 -12.60 -7.62 11.89
CA GLY B 37 -13.82 -8.39 12.05
C GLY B 37 -14.91 -7.60 12.75
N GLY B 38 -14.58 -6.38 13.16
CA GLY B 38 -15.55 -5.54 13.83
C GLY B 38 -16.49 -4.86 12.85
N GLY B 39 -16.18 -4.99 11.56
CA GLY B 39 -17.01 -4.38 10.54
C GLY B 39 -16.47 -3.06 10.08
N LYS B 40 -15.15 -2.98 9.89
CA LYS B 40 -14.50 -1.76 9.46
C LYS B 40 -13.09 -2.04 8.96
N PRO B 41 -12.85 -1.83 7.65
CA PRO B 41 -11.53 -2.03 7.06
C PRO B 41 -10.65 -0.78 7.21
N GLY B 42 -9.37 -0.90 6.90
CA GLY B 42 -8.49 0.24 7.02
C GLY B 42 -7.18 0.06 6.30
N PHE B 43 -6.31 1.04 6.42
CA PHE B 43 -5.00 1.00 5.77
C PHE B 43 -3.93 1.40 6.79
N GLY B 44 -2.68 1.12 6.46
CA GLY B 44 -1.60 1.45 7.35
C GLY B 44 -0.29 1.65 6.62
N VAL B 45 0.56 2.50 7.18
CA VAL B 45 1.85 2.78 6.57
C VAL B 45 2.93 2.96 7.64
N VAL B 46 4.11 2.41 7.37
CA VAL B 46 5.24 2.51 8.28
C VAL B 46 6.49 2.89 7.50
N SER B 47 7.24 3.85 8.00
CA SER B 47 8.46 4.27 7.33
C SER B 47 9.60 3.31 7.65
N GLU B 48 10.35 2.93 6.61
CA GLU B 48 11.47 2.01 6.76
C GLU B 48 12.69 2.75 7.32
N LYS B 49 12.45 3.61 8.29
CA LYS B 49 13.52 4.39 8.91
C LYS B 49 13.30 4.47 10.41
N ASP B 50 12.19 5.07 10.82
CA ASP B 50 11.86 5.25 12.24
C ASP B 50 11.42 3.95 12.88
N ALA B 51 10.82 3.07 12.09
CA ALA B 51 10.33 1.80 12.62
C ALA B 51 11.42 0.72 12.56
N PRO B 52 11.56 -0.07 13.64
CA PRO B 52 12.55 -1.15 13.70
C PRO B 52 12.39 -2.16 12.56
N LYS B 53 13.50 -2.68 12.07
CA LYS B 53 13.49 -3.64 10.97
C LYS B 53 12.74 -4.92 11.33
N GLU B 54 12.67 -5.23 12.62
CA GLU B 54 11.97 -6.43 13.06
C GLU B 54 10.51 -6.36 12.63
N LEU B 55 9.97 -5.15 12.62
CA LEU B 55 8.58 -4.93 12.22
C LEU B 55 8.46 -4.91 10.71
N LEU B 56 9.44 -4.30 10.06
CA LEU B 56 9.46 -4.19 8.60
C LEU B 56 9.57 -5.57 7.95
N GLN B 57 10.38 -6.44 8.56
CA GLN B 57 10.57 -7.79 8.05
C GLN B 57 9.32 -8.65 8.28
N LYS B 58 8.43 -8.17 9.13
CA LYS B 58 7.19 -8.89 9.41
C LYS B 58 6.18 -8.59 8.32
N LEU B 59 6.36 -7.45 7.67
CA LEU B 59 5.46 -7.02 6.61
C LEU B 59 5.93 -7.54 5.26
N GLU B 60 7.18 -7.30 4.90
CA GLU B 60 7.70 -7.78 3.63
C GLU B 60 8.19 -9.20 3.77
N LYS B 61 7.42 -10.13 3.23
CA LYS B 61 7.78 -11.53 3.27
C LYS B 61 8.21 -11.97 1.89
N GLN B 62 8.87 -13.12 1.81
CA GLN B 62 9.33 -13.65 0.53
C GLN B 62 8.17 -13.85 -0.43
N LYS B 63 8.33 -13.31 -1.64
CA LYS B 63 7.31 -13.40 -2.68
C LYS B 63 6.06 -12.62 -2.29
N LYS B 64 6.15 -11.29 -2.41
CA LYS B 64 5.05 -10.42 -2.07
C LYS B 64 4.05 -10.37 -3.21
N THR A 1 -5.77 16.08 -11.08
CA THR A 1 -4.89 15.24 -10.24
C THR A 1 -4.46 13.99 -10.98
N LEU A 2 -3.36 14.10 -11.71
CA LEU A 2 -2.82 12.98 -12.46
C LEU A 2 -1.60 12.41 -11.76
N PHE A 3 -1.53 11.09 -11.70
CA PHE A 3 -0.39 10.44 -11.05
C PHE A 3 0.28 9.45 -11.99
N VAL A 4 1.61 9.47 -11.98
CA VAL A 4 2.40 8.59 -12.82
C VAL A 4 3.16 7.58 -11.96
N ALA A 5 3.23 6.35 -12.45
CA ALA A 5 3.93 5.28 -11.75
C ALA A 5 5.44 5.47 -11.83
N LEU A 6 6.07 5.61 -10.67
CA LEU A 6 7.51 5.79 -10.59
C LEU A 6 8.24 4.50 -10.94
N TYR A 7 7.66 3.39 -10.51
CA TYR A 7 8.22 2.07 -10.79
C TYR A 7 7.10 1.09 -11.08
N ASP A 8 7.48 -0.10 -11.54
CA ASP A 8 6.51 -1.15 -11.85
C ASP A 8 5.98 -1.75 -10.55
N TYR A 9 4.74 -2.21 -10.57
CA TYR A 9 4.15 -2.78 -9.37
C TYR A 9 3.64 -4.19 -9.61
N GLU A 10 4.12 -5.12 -8.79
CA GLU A 10 3.72 -6.50 -8.86
C GLU A 10 2.61 -6.76 -7.85
N ALA A 11 1.38 -6.74 -8.33
CA ALA A 11 0.20 -6.93 -7.50
C ALA A 11 0.20 -8.29 -6.79
N ARG A 12 -0.50 -8.37 -5.67
CA ARG A 12 -0.57 -9.60 -4.89
C ARG A 12 -1.98 -10.17 -4.90
N THR A 13 -2.98 -9.31 -4.93
CA THR A 13 -4.36 -9.74 -4.91
C THR A 13 -5.15 -9.09 -6.04
N GLU A 14 -6.48 -9.18 -5.98
CA GLU A 14 -7.34 -8.59 -6.98
C GLU A 14 -7.81 -7.21 -6.52
N ASP A 15 -7.38 -6.83 -5.32
CA ASP A 15 -7.72 -5.54 -4.76
C ASP A 15 -6.76 -4.50 -5.30
N ASP A 16 -5.50 -4.87 -5.34
CA ASP A 16 -4.45 -4.00 -5.83
C ASP A 16 -4.24 -4.24 -7.33
N LEU A 17 -4.06 -3.15 -8.07
CA LEU A 17 -3.88 -3.23 -9.51
C LEU A 17 -2.41 -3.11 -9.90
N SER A 18 -1.98 -3.99 -10.78
CA SER A 18 -0.60 -3.99 -11.26
C SER A 18 -0.44 -3.01 -12.42
N PHE A 19 0.74 -2.41 -12.51
CA PHE A 19 1.02 -1.44 -13.57
C PHE A 19 2.51 -1.40 -13.88
N HIS A 20 2.84 -0.86 -15.04
CA HIS A 20 4.23 -0.77 -15.46
C HIS A 20 4.78 0.63 -15.24
N LYS A 21 6.11 0.75 -15.27
CA LYS A 21 6.78 2.03 -15.07
C LYS A 21 6.36 3.03 -16.15
N GLY A 22 5.76 4.12 -15.74
CA GLY A 22 5.32 5.13 -16.68
C GLY A 22 3.82 5.19 -16.82
N GLU A 23 3.13 4.32 -16.09
CA GLU A 23 1.67 4.26 -16.13
C GLU A 23 1.06 5.52 -15.51
N LYS A 24 -0.01 6.01 -16.10
CA LYS A 24 -0.69 7.19 -15.58
C LYS A 24 -2.13 6.85 -15.24
N PHE A 25 -2.59 7.30 -14.07
CA PHE A 25 -3.94 6.99 -13.64
C PHE A 25 -4.70 8.24 -13.23
N GLN A 26 -6.03 8.13 -13.26
CA GLN A 26 -6.92 9.21 -12.87
C GLN A 26 -7.39 8.92 -11.45
N ILE A 27 -6.93 9.72 -10.50
CA ILE A 27 -7.28 9.53 -9.09
C ILE A 27 -8.77 9.73 -8.85
N LEU A 28 -9.45 8.67 -8.42
CA LEU A 28 -10.87 8.74 -8.15
C LEU A 28 -11.13 8.78 -6.64
N ASN A 29 -10.63 7.77 -5.93
CA ASN A 29 -10.81 7.69 -4.48
C ASN A 29 -9.46 7.74 -3.78
N SER A 30 -9.21 8.82 -3.04
CA SER A 30 -7.95 8.99 -2.33
C SER A 30 -8.16 9.38 -0.87
N SER A 31 -9.35 9.86 -0.54
CA SER A 31 -9.65 10.27 0.83
C SER A 31 -10.02 9.10 1.73
N GLU A 32 -10.18 7.91 1.13
CA GLU A 32 -10.54 6.72 1.88
C GLU A 32 -9.42 6.33 2.84
N GLY A 33 -8.22 6.20 2.32
CA GLY A 33 -7.09 5.83 3.13
C GLY A 33 -5.79 6.04 2.40
N ASP A 34 -4.74 5.36 2.86
CA ASP A 34 -3.43 5.47 2.23
C ASP A 34 -3.43 4.82 0.86
N TRP A 35 -4.19 3.74 0.72
CA TRP A 35 -4.29 3.05 -0.56
C TRP A 35 -5.37 3.72 -1.39
N TRP A 36 -4.96 4.35 -2.48
CA TRP A 36 -5.88 5.06 -3.34
C TRP A 36 -6.40 4.15 -4.46
N GLU A 37 -7.65 4.37 -4.83
CA GLU A 37 -8.27 3.61 -5.90
C GLU A 37 -8.43 4.54 -7.10
N ALA A 38 -7.74 4.22 -8.18
CA ALA A 38 -7.78 5.05 -9.37
C ALA A 38 -8.00 4.23 -10.62
N ARG A 39 -8.37 4.92 -11.69
CA ARG A 39 -8.59 4.27 -12.97
C ARG A 39 -7.43 4.53 -13.90
N SER A 40 -6.88 3.47 -14.47
CA SER A 40 -5.76 3.59 -15.39
C SER A 40 -6.20 4.32 -16.65
N LEU A 41 -5.38 5.27 -17.10
CA LEU A 41 -5.69 6.02 -18.30
C LEU A 41 -5.29 5.22 -19.53
N THR A 42 -4.46 4.20 -19.31
CA THR A 42 -3.99 3.34 -20.38
C THR A 42 -5.03 2.31 -20.77
N THR A 43 -5.31 1.36 -19.88
CA THR A 43 -6.27 0.31 -20.16
C THR A 43 -7.68 0.67 -19.70
N GLY A 44 -7.77 1.40 -18.60
CA GLY A 44 -9.08 1.79 -18.08
C GLY A 44 -9.43 1.02 -16.82
N GLU A 45 -8.59 0.06 -16.46
CA GLU A 45 -8.81 -0.77 -15.28
C GLU A 45 -8.76 0.09 -14.02
N THR A 46 -9.63 -0.24 -13.07
CA THR A 46 -9.69 0.50 -11.82
C THR A 46 -9.37 -0.42 -10.63
N GLY A 47 -8.51 0.07 -9.74
CA GLY A 47 -8.13 -0.73 -8.58
C GLY A 47 -7.29 0.07 -7.60
N TYR A 48 -6.87 -0.58 -6.52
CA TYR A 48 -6.04 0.09 -5.51
C TYR A 48 -4.60 0.18 -5.98
N ILE A 49 -4.03 1.36 -5.87
CA ILE A 49 -2.66 1.59 -6.27
C ILE A 49 -1.83 2.14 -5.10
N PRO A 50 -0.61 1.63 -4.92
CA PRO A 50 0.28 2.07 -3.85
C PRO A 50 0.69 3.53 -4.03
N SER A 51 0.31 4.37 -3.08
CA SER A 51 0.61 5.80 -3.12
C SER A 51 2.11 6.09 -3.05
N ASN A 52 2.86 5.12 -2.56
CA ASN A 52 4.31 5.27 -2.42
C ASN A 52 5.04 4.88 -3.70
N TYR A 53 4.27 4.50 -4.72
CA TYR A 53 4.86 4.11 -6.01
C TYR A 53 4.43 5.05 -7.12
N VAL A 54 3.61 6.05 -6.78
CA VAL A 54 3.12 7.00 -7.76
C VAL A 54 3.41 8.44 -7.35
N ALA A 55 3.56 9.32 -8.33
CA ALA A 55 3.83 10.73 -8.08
C ALA A 55 3.02 11.60 -9.04
N PRO A 56 2.66 12.83 -8.62
CA PRO A 56 1.88 13.75 -9.45
C PRO A 56 2.63 14.13 -10.74
N VAL A 57 1.88 14.27 -11.82
CA VAL A 57 2.45 14.61 -13.12
C VAL A 57 2.55 16.13 -13.27
N MET B 1 0.29 -13.51 16.36
CA MET B 1 1.77 -13.50 16.32
C MET B 1 2.33 -12.35 17.15
N ALA B 2 2.06 -11.12 16.72
CA ALA B 2 2.54 -9.93 17.42
C ALA B 2 1.76 -8.69 17.00
N THR B 3 1.83 -7.66 17.82
CA THR B 3 1.14 -6.41 17.54
C THR B 3 2.11 -5.38 16.98
N VAL B 4 1.72 -4.71 15.92
CA VAL B 4 2.57 -3.71 15.28
C VAL B 4 1.97 -2.32 15.37
N LYS B 5 2.83 -1.34 15.65
CA LYS B 5 2.41 0.04 15.76
C LYS B 5 2.66 0.76 14.43
N PHE B 6 1.69 1.53 13.98
CA PHE B 6 1.80 2.25 12.72
C PHE B 6 1.05 3.57 12.78
N LYS B 7 1.07 4.31 11.69
CA LYS B 7 0.39 5.58 11.61
C LYS B 7 -0.69 5.53 10.54
N TYR B 8 -1.82 6.16 10.81
CA TYR B 8 -2.91 6.20 9.84
C TYR B 8 -3.67 7.51 9.94
N LYS B 9 -3.53 8.34 8.90
CA LYS B 9 -4.20 9.65 8.81
C LYS B 9 -3.66 10.63 9.85
N GLY B 10 -2.69 10.20 10.63
CA GLY B 10 -2.12 11.07 11.65
C GLY B 10 -2.00 10.37 12.98
N GLU B 11 -3.09 9.78 13.44
CA GLU B 11 -3.10 9.07 14.71
C GLU B 11 -2.34 7.76 14.59
N GLU B 12 -1.67 7.37 15.66
CA GLU B 12 -0.90 6.14 15.69
C GLU B 12 -1.78 5.00 16.20
N LYS B 13 -1.92 3.96 15.41
CA LYS B 13 -2.74 2.82 15.77
C LYS B 13 -1.89 1.56 15.90
N GLN B 14 -2.40 0.59 16.65
CA GLN B 14 -1.70 -0.66 16.88
C GLN B 14 -2.61 -1.84 16.58
N VAL B 15 -2.22 -2.63 15.59
CA VAL B 15 -2.99 -3.81 15.19
C VAL B 15 -2.06 -4.99 15.01
N ASP B 16 -2.56 -6.20 15.27
CA ASP B 16 -1.77 -7.41 15.14
C ASP B 16 -1.46 -7.67 13.67
N ILE B 17 -0.22 -8.08 13.42
CA ILE B 17 0.23 -8.37 12.06
C ILE B 17 -0.56 -9.53 11.45
N SER B 18 -1.12 -10.36 12.32
CA SER B 18 -1.90 -11.51 11.89
C SER B 18 -3.26 -11.07 11.35
N LYS B 19 -3.57 -9.80 11.52
CA LYS B 19 -4.83 -9.24 11.06
C LYS B 19 -4.60 -8.36 9.83
N ILE B 20 -3.40 -8.45 9.27
CA ILE B 20 -3.04 -7.67 8.09
C ILE B 20 -3.16 -8.55 6.85
N VAL B 21 -3.70 -7.99 5.78
CA VAL B 21 -3.88 -8.73 4.54
C VAL B 21 -2.57 -8.83 3.76
N PHE B 22 -2.17 -7.73 3.14
CA PHE B 22 -0.94 -7.70 2.37
C PHE B 22 -0.05 -6.54 2.82
N VAL B 23 1.25 -6.68 2.59
CA VAL B 23 2.22 -5.65 2.98
C VAL B 23 3.08 -5.26 1.79
N THR B 24 3.13 -3.98 1.49
CA THR B 24 3.92 -3.48 0.37
C THR B 24 4.99 -2.49 0.82
N ARG B 25 6.24 -2.83 0.59
CA ARG B 25 7.36 -1.97 0.97
C ARG B 25 7.94 -1.29 -0.27
N TYR B 26 8.38 -0.05 -0.12
CA TYR B 26 8.96 0.71 -1.24
C TYR B 26 10.43 1.02 -0.99
N GLY B 27 10.82 1.10 0.28
CA GLY B 27 12.19 1.42 0.61
C GLY B 27 12.29 2.74 1.33
N LYS B 28 11.15 3.23 1.78
CA LYS B 28 11.05 4.50 2.50
C LYS B 28 9.98 4.38 3.57
N GLN B 29 8.80 3.96 3.12
CA GLN B 29 7.64 3.77 3.99
C GLN B 29 6.87 2.53 3.55
N ILE B 30 6.48 1.73 4.51
CA ILE B 30 5.72 0.51 4.23
C ILE B 30 4.23 0.79 4.33
N PHE B 31 3.48 0.32 3.35
CA PHE B 31 2.03 0.51 3.33
C PHE B 31 1.33 -0.84 3.32
N PHE B 32 0.26 -0.96 4.10
CA PHE B 32 -0.47 -2.21 4.19
C PHE B 32 -1.95 -1.98 4.50
N ARG B 33 -2.71 -3.06 4.48
CA ARG B 33 -4.14 -3.01 4.77
C ARG B 33 -4.46 -4.04 5.86
N TYR B 34 -5.11 -3.59 6.93
CA TYR B 34 -5.45 -4.49 8.02
C TYR B 34 -6.96 -4.61 8.18
N ASP B 35 -7.37 -5.69 8.82
CA ASP B 35 -8.77 -5.96 9.05
C ASP B 35 -9.01 -6.20 10.55
N LEU B 36 -9.78 -5.31 11.17
CA LEU B 36 -10.08 -5.43 12.59
C LEU B 36 -11.26 -6.36 12.83
N GLY B 37 -11.14 -7.20 13.84
CA GLY B 37 -12.20 -8.15 14.17
C GLY B 37 -13.46 -7.46 14.66
N GLY B 38 -13.36 -6.18 14.96
CA GLY B 38 -14.50 -5.42 15.42
C GLY B 38 -15.36 -4.93 14.27
N GLY B 39 -14.99 -5.30 13.06
CA GLY B 39 -15.75 -4.90 11.89
C GLY B 39 -15.34 -3.55 11.36
N LYS B 40 -14.04 -3.33 11.24
CA LYS B 40 -13.54 -2.06 10.74
C LYS B 40 -12.18 -2.23 10.07
N PRO B 41 -12.16 -2.40 8.74
CA PRO B 41 -10.92 -2.53 7.98
C PRO B 41 -10.25 -1.18 7.77
N GLY B 42 -8.93 -1.17 7.64
CA GLY B 42 -8.24 0.09 7.45
C GLY B 42 -6.88 -0.09 6.81
N PHE B 43 -6.11 0.99 6.77
CA PHE B 43 -4.78 0.98 6.18
C PHE B 43 -3.76 1.51 7.19
N GLY B 44 -2.49 1.30 6.92
CA GLY B 44 -1.47 1.79 7.82
C GLY B 44 -0.13 1.96 7.14
N VAL B 45 0.65 2.92 7.62
CA VAL B 45 1.96 3.18 7.07
C VAL B 45 3.03 3.13 8.17
N VAL B 46 4.16 2.51 7.84
CA VAL B 46 5.28 2.41 8.77
C VAL B 46 6.55 2.95 8.12
N SER B 47 7.12 3.98 8.72
CA SER B 47 8.34 4.59 8.21
C SER B 47 9.54 3.67 8.45
N GLU B 48 10.18 3.25 7.36
CA GLU B 48 11.33 2.33 7.43
C GLU B 48 12.58 2.99 8.02
N LYS B 49 12.51 4.30 8.24
CA LYS B 49 13.65 5.03 8.80
C LYS B 49 13.44 5.35 10.27
N ASP B 50 12.20 5.42 10.70
CA ASP B 50 11.89 5.77 12.08
C ASP B 50 11.57 4.56 12.94
N ALA B 51 10.80 3.63 12.39
CA ALA B 51 10.41 2.43 13.13
C ALA B 51 11.57 1.47 13.29
N PRO B 52 11.63 0.73 14.42
CA PRO B 52 12.69 -0.25 14.67
C PRO B 52 12.70 -1.34 13.60
N LYS B 53 13.89 -1.85 13.30
CA LYS B 53 14.05 -2.88 12.27
C LYS B 53 13.27 -4.14 12.59
N GLU B 54 13.00 -4.38 13.87
CA GLU B 54 12.24 -5.55 14.28
C GLU B 54 10.85 -5.56 13.62
N LEU B 55 10.20 -4.41 13.62
CA LEU B 55 8.87 -4.29 13.03
C LEU B 55 8.96 -4.36 11.52
N LEU B 56 10.02 -3.78 10.97
CA LEU B 56 10.24 -3.76 9.53
C LEU B 56 10.45 -5.15 8.96
N GLN B 57 11.22 -5.97 9.67
CA GLN B 57 11.51 -7.33 9.24
C GLN B 57 10.32 -8.25 9.53
N LYS B 58 9.44 -7.80 10.41
CA LYS B 58 8.26 -8.57 10.76
C LYS B 58 7.21 -8.41 9.68
N LEU B 59 7.00 -7.16 9.27
CA LEU B 59 6.02 -6.84 8.22
C LEU B 59 6.49 -7.35 6.87
N GLU B 60 7.74 -7.07 6.52
CA GLU B 60 8.28 -7.52 5.25
C GLU B 60 8.74 -8.96 5.34
N LYS B 61 7.91 -9.87 4.87
CA LYS B 61 8.22 -11.28 4.89
C LYS B 61 8.79 -11.69 3.54
N GLN B 62 9.74 -12.62 3.56
CA GLN B 62 10.38 -13.09 2.34
C GLN B 62 9.36 -13.77 1.42
N LYS B 63 9.38 -13.37 0.14
CA LYS B 63 8.48 -13.90 -0.87
C LYS B 63 7.03 -13.49 -0.60
N LYS B 64 6.58 -12.44 -1.27
CA LYS B 64 5.23 -11.95 -1.09
C LYS B 64 4.23 -12.84 -1.85
N THR A 1 -5.30 16.53 -11.84
CA THR A 1 -4.23 15.88 -11.04
C THR A 1 -3.98 14.46 -11.52
N LEU A 2 -2.88 14.26 -12.25
CA LEU A 2 -2.54 12.95 -12.77
C LEU A 2 -1.35 12.38 -12.00
N PHE A 3 -1.41 11.08 -11.74
CA PHE A 3 -0.34 10.40 -11.02
C PHE A 3 0.37 9.42 -11.95
N VAL A 4 1.69 9.50 -11.99
CA VAL A 4 2.48 8.63 -12.83
C VAL A 4 3.25 7.62 -11.97
N ALA A 5 3.32 6.38 -12.44
CA ALA A 5 4.01 5.33 -11.73
C ALA A 5 5.52 5.53 -11.80
N LEU A 6 6.16 5.65 -10.63
CA LEU A 6 7.59 5.85 -10.55
C LEU A 6 8.32 4.56 -10.86
N TYR A 7 7.71 3.44 -10.49
CA TYR A 7 8.28 2.13 -10.71
C TYR A 7 7.16 1.13 -10.89
N ASP A 8 7.50 -0.07 -11.34
CA ASP A 8 6.51 -1.12 -11.56
C ASP A 8 6.12 -1.73 -10.22
N TYR A 9 4.84 -2.00 -10.07
CA TYR A 9 4.34 -2.58 -8.83
C TYR A 9 4.10 -4.08 -8.98
N GLU A 10 4.65 -4.84 -8.06
CA GLU A 10 4.47 -6.29 -8.07
C GLU A 10 3.10 -6.64 -7.52
N ALA A 11 2.15 -6.94 -8.41
CA ALA A 11 0.79 -7.28 -8.03
C ALA A 11 0.76 -8.38 -6.98
N ARG A 12 -0.16 -8.25 -6.04
CA ARG A 12 -0.31 -9.21 -4.96
C ARG A 12 -1.56 -10.07 -5.16
N THR A 13 -2.70 -9.41 -5.23
CA THR A 13 -3.97 -10.10 -5.40
C THR A 13 -4.78 -9.44 -6.51
N GLU A 14 -6.06 -9.77 -6.58
CA GLU A 14 -6.94 -9.18 -7.58
C GLU A 14 -7.56 -7.92 -7.00
N ASP A 15 -7.30 -7.69 -5.71
CA ASP A 15 -7.81 -6.53 -5.01
C ASP A 15 -7.01 -5.28 -5.39
N ASP A 16 -5.70 -5.45 -5.42
CA ASP A 16 -4.80 -4.35 -5.79
C ASP A 16 -4.70 -4.24 -7.29
N LEU A 17 -4.41 -3.04 -7.78
CA LEU A 17 -4.31 -2.81 -9.22
C LEU A 17 -2.89 -3.04 -9.71
N SER A 18 -2.77 -3.79 -10.80
CA SER A 18 -1.48 -4.07 -11.39
C SER A 18 -1.15 -3.02 -12.44
N PHE A 19 0.00 -2.38 -12.32
CA PHE A 19 0.41 -1.35 -13.26
C PHE A 19 1.92 -1.35 -13.46
N HIS A 20 2.36 -0.66 -14.50
CA HIS A 20 3.78 -0.58 -14.81
C HIS A 20 4.27 0.87 -14.74
N LYS A 21 5.58 1.03 -14.73
CA LYS A 21 6.20 2.34 -14.68
C LYS A 21 5.92 3.14 -15.96
N GLY A 22 5.50 4.39 -15.79
CA GLY A 22 5.21 5.23 -16.94
C GLY A 22 3.72 5.36 -17.20
N GLU A 23 2.93 4.62 -16.46
CA GLU A 23 1.48 4.66 -16.61
C GLU A 23 0.88 5.86 -15.88
N LYS A 24 -0.23 6.35 -16.40
CA LYS A 24 -0.95 7.47 -15.80
C LYS A 24 -2.29 6.99 -15.28
N PHE A 25 -2.59 7.28 -14.03
CA PHE A 25 -3.84 6.85 -13.43
C PHE A 25 -4.66 8.04 -12.96
N GLN A 26 -5.97 7.92 -13.09
CA GLN A 26 -6.88 8.96 -12.65
C GLN A 26 -7.43 8.57 -11.28
N ILE A 27 -7.03 9.31 -10.27
CA ILE A 27 -7.48 9.04 -8.91
C ILE A 27 -8.97 9.31 -8.79
N LEU A 28 -9.72 8.27 -8.45
CA LEU A 28 -11.16 8.40 -8.30
C LEU A 28 -11.50 8.85 -6.90
N ASN A 29 -10.74 8.35 -5.93
CA ASN A 29 -10.96 8.70 -4.53
C ASN A 29 -9.67 8.57 -3.73
N SER A 30 -9.14 9.70 -3.28
CA SER A 30 -7.92 9.71 -2.49
C SER A 30 -8.24 9.81 -1.01
N SER A 31 -9.53 9.81 -0.69
CA SER A 31 -9.98 9.92 0.70
C SER A 31 -10.01 8.56 1.39
N GLU A 32 -9.28 7.60 0.85
CA GLU A 32 -9.23 6.27 1.44
C GLU A 32 -8.22 6.24 2.58
N GLY A 33 -7.07 6.87 2.35
CA GLY A 33 -6.03 6.91 3.36
C GLY A 33 -4.65 6.70 2.76
N ASP A 34 -4.39 5.48 2.32
CA ASP A 34 -3.11 5.14 1.71
C ASP A 34 -3.34 4.58 0.32
N TRP A 35 -3.91 3.39 0.26
CA TRP A 35 -4.21 2.77 -1.03
C TRP A 35 -5.47 3.41 -1.60
N TRP A 36 -5.27 4.32 -2.53
CA TRP A 36 -6.39 5.06 -3.13
C TRP A 36 -6.97 4.32 -4.33
N GLU A 37 -8.23 4.63 -4.63
CA GLU A 37 -8.93 4.03 -5.76
C GLU A 37 -8.60 4.83 -7.01
N ALA A 38 -8.06 4.16 -8.02
CA ALA A 38 -7.71 4.84 -9.25
C ALA A 38 -8.00 3.99 -10.48
N ARG A 39 -8.24 4.68 -11.59
CA ARG A 39 -8.51 4.03 -12.86
C ARG A 39 -7.37 4.33 -13.82
N SER A 40 -6.75 3.29 -14.34
CA SER A 40 -5.65 3.47 -15.29
C SER A 40 -6.17 4.07 -16.58
N LEU A 41 -5.50 5.11 -17.06
CA LEU A 41 -5.89 5.77 -18.29
C LEU A 41 -5.32 5.00 -19.47
N THR A 42 -4.27 4.24 -19.20
CA THR A 42 -3.60 3.44 -20.20
C THR A 42 -4.45 2.23 -20.60
N THR A 43 -4.83 1.44 -19.62
CA THR A 43 -5.62 0.25 -19.86
C THR A 43 -7.11 0.56 -19.68
N GLY A 44 -7.49 0.84 -18.45
CA GLY A 44 -8.88 1.11 -18.13
C GLY A 44 -9.29 0.39 -16.88
N GLU A 45 -8.37 -0.39 -16.33
CA GLU A 45 -8.61 -1.16 -15.13
C GLU A 45 -8.76 -0.24 -13.92
N THR A 46 -9.58 -0.66 -12.96
CA THR A 46 -9.82 0.11 -11.75
C THR A 46 -9.44 -0.71 -10.52
N GLY A 47 -8.80 -0.07 -9.55
CA GLY A 47 -8.41 -0.77 -8.35
C GLY A 47 -7.62 0.12 -7.40
N TYR A 48 -7.13 -0.46 -6.32
CA TYR A 48 -6.37 0.29 -5.34
C TYR A 48 -4.89 0.30 -5.70
N ILE A 49 -4.26 1.45 -5.59
CA ILE A 49 -2.85 1.61 -5.89
C ILE A 49 -2.08 2.21 -4.73
N PRO A 50 -0.83 1.77 -4.51
CA PRO A 50 0.01 2.30 -3.44
C PRO A 50 0.51 3.71 -3.76
N SER A 51 0.19 4.67 -2.90
CA SER A 51 0.57 6.05 -3.10
C SER A 51 2.08 6.28 -2.89
N ASN A 52 2.80 5.23 -2.52
CA ASN A 52 4.23 5.35 -2.29
C ASN A 52 5.02 4.93 -3.54
N TYR A 53 4.29 4.55 -4.59
CA TYR A 53 4.93 4.13 -5.84
C TYR A 53 4.52 5.03 -7.00
N VAL A 54 3.69 6.03 -6.70
CA VAL A 54 3.22 6.95 -7.71
C VAL A 54 3.49 8.38 -7.29
N ALA A 55 3.62 9.27 -8.27
CA ALA A 55 3.88 10.68 -8.00
C ALA A 55 3.11 11.56 -8.96
N PRO A 56 2.69 12.75 -8.51
CA PRO A 56 1.95 13.70 -9.37
C PRO A 56 2.87 14.32 -10.41
N VAL A 57 2.33 14.54 -11.61
CA VAL A 57 3.11 15.14 -12.68
C VAL A 57 3.27 16.64 -12.45
N MET B 1 0.22 -14.95 14.47
CA MET B 1 1.69 -14.79 14.37
C MET B 1 2.19 -13.69 15.31
N ALA B 2 1.81 -12.45 15.03
CA ALA B 2 2.22 -11.32 15.85
C ALA B 2 1.41 -10.08 15.51
N THR B 3 1.58 -9.04 16.32
CA THR B 3 0.87 -7.78 16.13
C THR B 3 1.83 -6.71 15.62
N VAL B 4 1.44 -6.03 14.53
CA VAL B 4 2.27 -4.99 13.94
C VAL B 4 1.75 -3.61 14.31
N LYS B 5 2.65 -2.71 14.64
CA LYS B 5 2.28 -1.35 15.01
C LYS B 5 2.55 -0.40 13.84
N PHE B 6 1.61 0.51 13.61
CA PHE B 6 1.74 1.47 12.52
C PHE B 6 1.10 2.80 12.93
N LYS B 7 1.36 3.84 12.15
CA LYS B 7 0.80 5.15 12.44
C LYS B 7 -0.08 5.60 11.27
N TYR B 8 -1.33 5.19 11.29
CA TYR B 8 -2.27 5.55 10.24
C TYR B 8 -2.57 7.04 10.29
N LYS B 9 -1.86 7.80 9.46
CA LYS B 9 -2.03 9.24 9.36
C LYS B 9 -1.77 9.93 10.71
N GLY B 10 -0.96 9.29 11.54
CA GLY B 10 -0.64 9.83 12.84
C GLY B 10 -1.20 9.00 13.98
N GLU B 11 -2.29 8.29 13.71
CA GLU B 11 -2.93 7.47 14.73
C GLU B 11 -2.16 6.17 14.94
N GLU B 12 -1.58 6.02 16.13
CA GLU B 12 -0.84 4.82 16.47
C GLU B 12 -1.80 3.66 16.71
N LYS B 13 -1.81 2.70 15.79
CA LYS B 13 -2.69 1.55 15.90
C LYS B 13 -1.92 0.26 15.68
N GLN B 14 -2.45 -0.85 16.20
CA GLN B 14 -1.80 -2.15 16.07
C GLN B 14 -2.77 -3.20 15.53
N VAL B 15 -2.34 -3.94 14.53
CA VAL B 15 -3.15 -4.99 13.92
C VAL B 15 -2.30 -6.23 13.69
N ASP B 16 -2.91 -7.40 13.79
CA ASP B 16 -2.19 -8.66 13.58
C ASP B 16 -1.63 -8.73 12.16
N ILE B 17 -0.40 -9.17 12.05
CA ILE B 17 0.28 -9.28 10.76
C ILE B 17 -0.46 -10.25 9.82
N SER B 18 -1.10 -11.25 10.40
CA SER B 18 -1.83 -12.25 9.63
C SER B 18 -3.13 -11.68 9.07
N LYS B 19 -3.44 -10.45 9.45
CA LYS B 19 -4.66 -9.80 8.98
C LYS B 19 -4.33 -8.75 7.92
N ILE B 20 -3.08 -8.76 7.47
CA ILE B 20 -2.64 -7.82 6.46
C ILE B 20 -2.72 -8.51 5.09
N VAL B 21 -3.48 -7.92 4.19
CA VAL B 21 -3.68 -8.49 2.86
C VAL B 21 -2.41 -8.39 2.01
N PHE B 22 -1.93 -7.18 1.79
CA PHE B 22 -0.74 -6.98 0.98
C PHE B 22 0.15 -5.89 1.56
N VAL B 23 1.45 -6.02 1.31
CA VAL B 23 2.45 -5.07 1.78
C VAL B 23 3.29 -4.59 0.60
N THR B 24 3.59 -3.30 0.57
CA THR B 24 4.39 -2.73 -0.49
C THR B 24 5.43 -1.75 0.06
N ARG B 25 6.70 -2.04 -0.14
CA ARG B 25 7.78 -1.19 0.33
C ARG B 25 8.46 -0.48 -0.83
N TYR B 26 8.81 0.77 -0.63
CA TYR B 26 9.47 1.56 -1.68
C TYR B 26 10.88 1.94 -1.26
N GLY B 27 11.12 2.04 0.04
CA GLY B 27 12.43 2.44 0.53
C GLY B 27 12.37 3.78 1.23
N LYS B 28 11.21 4.06 1.83
CA LYS B 28 10.97 5.31 2.54
C LYS B 28 9.83 5.09 3.53
N GLN B 29 8.71 4.58 3.01
CA GLN B 29 7.54 4.30 3.81
C GLN B 29 6.91 2.98 3.37
N ILE B 30 6.64 2.12 4.33
CA ILE B 30 6.02 0.83 4.04
C ILE B 30 4.50 0.98 4.08
N PHE B 31 3.88 0.72 2.94
CA PHE B 31 2.43 0.84 2.81
C PHE B 31 1.78 -0.54 2.78
N PHE B 32 0.66 -0.69 3.46
CA PHE B 32 -0.05 -1.96 3.49
C PHE B 32 -1.51 -1.77 3.88
N ARG B 33 -2.31 -2.79 3.66
CA ARG B 33 -3.73 -2.75 4.01
C ARG B 33 -4.09 -3.94 4.86
N TYR B 34 -4.86 -3.71 5.91
CA TYR B 34 -5.27 -4.76 6.82
C TYR B 34 -6.79 -4.84 6.89
N ASP B 35 -7.27 -5.95 7.43
CA ASP B 35 -8.70 -6.15 7.59
C ASP B 35 -9.01 -6.73 8.97
N LEU B 36 -9.84 -6.02 9.72
CA LEU B 36 -10.21 -6.45 11.06
C LEU B 36 -11.56 -7.16 11.04
N GLY B 37 -11.69 -8.20 11.87
CA GLY B 37 -12.92 -8.96 11.94
C GLY B 37 -14.07 -8.15 12.51
N GLY B 38 -13.75 -7.03 13.14
CA GLY B 38 -14.77 -6.18 13.71
C GLY B 38 -15.39 -5.24 12.69
N GLY B 39 -15.12 -5.49 11.42
CA GLY B 39 -15.65 -4.65 10.37
C GLY B 39 -14.91 -3.33 10.25
N LYS B 40 -13.60 -3.42 10.17
CA LYS B 40 -12.77 -2.23 10.07
C LYS B 40 -11.65 -2.42 9.06
N PRO B 41 -11.89 -2.08 7.80
CA PRO B 41 -10.89 -2.17 6.75
C PRO B 41 -10.08 -0.88 6.67
N GLY B 42 -8.82 -0.94 7.07
CA GLY B 42 -8.00 0.24 7.05
C GLY B 42 -6.65 -0.01 6.41
N PHE B 43 -5.83 1.03 6.40
CA PHE B 43 -4.50 0.95 5.83
C PHE B 43 -3.45 1.26 6.88
N GLY B 44 -2.20 0.98 6.59
CA GLY B 44 -1.14 1.24 7.52
C GLY B 44 0.12 1.71 6.84
N VAL B 45 0.81 2.64 7.47
CA VAL B 45 2.04 3.19 6.93
C VAL B 45 3.12 3.26 8.01
N VAL B 46 4.29 2.73 7.71
CA VAL B 46 5.41 2.74 8.65
C VAL B 46 6.64 3.35 7.99
N SER B 47 7.22 4.34 8.65
CA SER B 47 8.40 5.01 8.14
C SER B 47 9.63 4.11 8.26
N GLU B 48 10.35 3.93 7.16
CA GLU B 48 11.53 3.06 7.15
C GLU B 48 12.78 3.80 7.63
N LYS B 49 12.61 4.82 8.47
CA LYS B 49 13.76 5.58 8.96
C LYS B 49 13.65 5.89 10.44
N ASP B 50 12.52 6.45 10.85
CA ASP B 50 12.32 6.82 12.26
C ASP B 50 11.59 5.74 13.05
N ALA B 51 11.61 4.52 12.53
CA ALA B 51 10.96 3.40 13.20
C ALA B 51 11.94 2.26 13.40
N PRO B 52 11.84 1.53 14.53
CA PRO B 52 12.71 0.38 14.83
C PRO B 52 12.76 -0.62 13.68
N LYS B 53 13.96 -1.12 13.41
CA LYS B 53 14.18 -2.08 12.32
C LYS B 53 13.36 -3.35 12.51
N GLU B 54 13.08 -3.70 13.76
CA GLU B 54 12.32 -4.90 14.05
C GLU B 54 10.94 -4.86 13.40
N LEU B 55 10.32 -3.69 13.39
CA LEU B 55 9.00 -3.52 12.79
C LEU B 55 9.09 -3.66 11.28
N LEU B 56 10.15 -3.11 10.71
CA LEU B 56 10.36 -3.16 9.27
C LEU B 56 10.65 -4.59 8.82
N GLN B 57 11.43 -5.31 9.63
CA GLN B 57 11.80 -6.69 9.33
C GLN B 57 10.59 -7.61 9.39
N LYS B 58 9.65 -7.28 10.26
CA LYS B 58 8.44 -8.08 10.41
C LYS B 58 7.42 -7.75 9.31
N LEU B 59 7.71 -6.71 8.54
CA LEU B 59 6.82 -6.29 7.47
C LEU B 59 7.24 -6.88 6.11
N GLU B 60 8.53 -6.81 5.81
CA GLU B 60 9.03 -7.33 4.54
C GLU B 60 9.47 -8.78 4.68
N LYS B 61 9.02 -9.61 3.74
CA LYS B 61 9.36 -11.03 3.73
C LYS B 61 10.00 -11.38 2.40
N GLN B 62 10.66 -12.53 2.35
CA GLN B 62 11.31 -12.96 1.12
C GLN B 62 10.27 -13.45 0.12
N LYS B 63 10.40 -12.97 -1.13
CA LYS B 63 9.49 -13.34 -2.21
C LYS B 63 8.06 -12.85 -1.90
N LYS B 64 7.91 -11.54 -1.80
CA LYS B 64 6.62 -10.95 -1.51
C LYS B 64 5.81 -10.80 -2.81
N THR A 1 -5.04 16.88 -12.20
CA THR A 1 -3.75 16.42 -11.65
C THR A 1 -3.60 14.91 -11.81
N LEU A 2 -2.85 14.50 -12.81
CA LEU A 2 -2.63 13.08 -13.07
C LEU A 2 -1.45 12.57 -12.27
N PHE A 3 -1.38 11.26 -12.09
CA PHE A 3 -0.29 10.64 -11.34
C PHE A 3 0.46 9.64 -12.21
N VAL A 4 1.77 9.69 -12.14
CA VAL A 4 2.61 8.79 -12.91
C VAL A 4 3.30 7.78 -12.00
N ALA A 5 3.37 6.53 -12.45
CA ALA A 5 4.01 5.48 -11.69
C ALA A 5 5.53 5.64 -11.68
N LEU A 6 6.11 5.69 -10.49
CA LEU A 6 7.55 5.84 -10.34
C LEU A 6 8.25 4.50 -10.45
N TYR A 7 7.57 3.46 -9.98
CA TYR A 7 8.11 2.11 -10.04
C TYR A 7 7.01 1.13 -10.41
N ASP A 8 7.41 0.02 -11.00
CA ASP A 8 6.45 -1.02 -11.39
C ASP A 8 5.94 -1.73 -10.16
N TYR A 9 4.72 -2.23 -10.22
CA TYR A 9 4.13 -2.93 -9.10
C TYR A 9 3.38 -4.17 -9.57
N GLU A 10 3.60 -5.28 -8.90
CA GLU A 10 2.95 -6.53 -9.25
C GLU A 10 1.78 -6.79 -8.31
N ALA A 11 0.64 -7.15 -8.88
CA ALA A 11 -0.55 -7.43 -8.09
C ALA A 11 -0.65 -8.90 -7.74
N ARG A 12 -1.23 -9.18 -6.59
CA ARG A 12 -1.40 -10.56 -6.15
C ARG A 12 -2.88 -10.88 -5.97
N THR A 13 -3.67 -9.84 -5.80
CA THR A 13 -5.09 -9.99 -5.62
C THR A 13 -5.84 -9.16 -6.66
N GLU A 14 -7.16 -9.18 -6.60
CA GLU A 14 -7.97 -8.42 -7.54
C GLU A 14 -8.32 -7.07 -6.94
N ASP A 15 -7.71 -6.78 -5.80
CA ASP A 15 -7.92 -5.51 -5.11
C ASP A 15 -6.85 -4.51 -5.53
N ASP A 16 -5.61 -5.00 -5.57
CA ASP A 16 -4.49 -4.17 -5.97
C ASP A 16 -4.33 -4.25 -7.48
N LEU A 17 -3.79 -3.19 -8.07
CA LEU A 17 -3.64 -3.15 -9.53
C LEU A 17 -2.17 -3.18 -9.94
N SER A 18 -1.84 -4.08 -10.84
CA SER A 18 -0.49 -4.21 -11.35
C SER A 18 -0.25 -3.22 -12.49
N PHE A 19 0.91 -2.61 -12.51
CA PHE A 19 1.23 -1.63 -13.55
C PHE A 19 2.74 -1.52 -13.76
N HIS A 20 3.11 -0.81 -14.80
CA HIS A 20 4.51 -0.60 -15.12
C HIS A 20 4.85 0.88 -14.99
N LYS A 21 6.13 1.17 -14.80
CA LYS A 21 6.59 2.54 -14.65
C LYS A 21 6.30 3.35 -15.92
N GLY A 22 5.73 4.53 -15.75
CA GLY A 22 5.43 5.37 -16.89
C GLY A 22 3.94 5.52 -17.14
N GLU A 23 3.15 4.59 -16.60
CA GLU A 23 1.71 4.64 -16.78
C GLU A 23 1.08 5.69 -15.89
N LYS A 24 -0.01 6.28 -16.35
CA LYS A 24 -0.72 7.30 -15.61
C LYS A 24 -2.11 6.81 -15.22
N PHE A 25 -2.55 7.21 -14.04
CA PHE A 25 -3.86 6.77 -13.54
C PHE A 25 -4.69 7.95 -13.08
N GLN A 26 -6.00 7.77 -13.12
CA GLN A 26 -6.92 8.78 -12.67
C GLN A 26 -7.39 8.41 -11.27
N ILE A 27 -7.03 9.22 -10.29
CA ILE A 27 -7.40 8.95 -8.90
C ILE A 27 -8.90 9.12 -8.69
N LEU A 28 -9.56 8.05 -8.28
CA LEU A 28 -10.98 8.08 -8.03
C LEU A 28 -11.24 8.57 -6.60
N ASN A 29 -10.58 7.91 -5.65
CA ASN A 29 -10.73 8.27 -4.25
C ASN A 29 -9.38 8.30 -3.55
N SER A 30 -8.91 9.50 -3.21
CA SER A 30 -7.65 9.67 -2.53
C SER A 30 -7.88 9.75 -1.02
N SER A 31 -9.14 9.82 -0.63
CA SER A 31 -9.52 9.90 0.76
C SER A 31 -9.86 8.51 1.31
N GLU A 32 -9.36 7.49 0.62
CA GLU A 32 -9.60 6.11 1.02
C GLU A 32 -8.91 5.81 2.34
N GLY A 33 -7.66 6.27 2.47
CA GLY A 33 -6.92 6.04 3.68
C GLY A 33 -5.42 6.09 3.44
N ASP A 34 -4.79 4.93 3.46
CA ASP A 34 -3.34 4.85 3.23
C ASP A 34 -3.08 4.44 1.79
N TRP A 35 -4.13 4.01 1.10
CA TRP A 35 -4.04 3.59 -0.28
C TRP A 35 -5.04 4.38 -1.12
N TRP A 36 -4.84 4.45 -2.42
CA TRP A 36 -5.72 5.20 -3.29
C TRP A 36 -6.37 4.31 -4.35
N GLU A 37 -7.65 4.56 -4.59
CA GLU A 37 -8.38 3.83 -5.61
C GLU A 37 -8.23 4.59 -6.92
N ALA A 38 -7.60 3.99 -7.91
CA ALA A 38 -7.38 4.66 -9.18
C ALA A 38 -7.86 3.86 -10.37
N ARG A 39 -8.07 4.56 -11.47
CA ARG A 39 -8.52 3.96 -12.71
C ARG A 39 -7.44 4.13 -13.77
N SER A 40 -7.07 3.03 -14.41
CA SER A 40 -6.04 3.06 -15.44
C SER A 40 -6.51 3.84 -16.66
N LEU A 41 -5.65 4.72 -17.15
CA LEU A 41 -5.97 5.52 -18.32
C LEU A 41 -5.47 4.80 -19.56
N THR A 42 -4.67 3.77 -19.34
CA THR A 42 -4.12 2.98 -20.43
C THR A 42 -5.14 1.93 -20.88
N THR A 43 -5.67 1.18 -19.93
CA THR A 43 -6.63 0.13 -20.24
C THR A 43 -8.02 0.49 -19.72
N GLY A 44 -8.11 0.77 -18.43
CA GLY A 44 -9.38 1.11 -17.82
C GLY A 44 -9.60 0.40 -16.51
N GLU A 45 -8.71 -0.55 -16.22
CA GLU A 45 -8.78 -1.34 -14.99
C GLU A 45 -8.79 -0.46 -13.75
N THR A 46 -9.50 -0.92 -12.73
CA THR A 46 -9.59 -0.19 -11.47
C THR A 46 -8.98 -1.00 -10.34
N GLY A 47 -8.32 -0.32 -9.42
CA GLY A 47 -7.69 -1.00 -8.31
C GLY A 47 -6.94 -0.06 -7.42
N TYR A 48 -6.45 -0.57 -6.31
CA TYR A 48 -5.69 0.24 -5.37
C TYR A 48 -4.23 0.30 -5.78
N ILE A 49 -3.70 1.51 -5.80
CA ILE A 49 -2.31 1.72 -6.15
C ILE A 49 -1.56 2.28 -4.95
N PRO A 50 -0.28 1.90 -4.78
CA PRO A 50 0.53 2.39 -3.67
C PRO A 50 0.74 3.90 -3.77
N SER A 51 0.18 4.62 -2.80
CA SER A 51 0.26 6.08 -2.74
C SER A 51 1.71 6.57 -2.65
N ASN A 52 2.62 5.67 -2.36
CA ASN A 52 4.04 6.01 -2.24
C ASN A 52 4.83 5.55 -3.46
N TYR A 53 4.12 5.17 -4.52
CA TYR A 53 4.77 4.72 -5.75
C TYR A 53 4.37 5.58 -6.93
N VAL A 54 3.59 6.62 -6.67
CA VAL A 54 3.13 7.51 -7.72
C VAL A 54 3.40 8.97 -7.36
N ALA A 55 3.66 9.77 -8.38
CA ALA A 55 3.92 11.19 -8.19
C ALA A 55 3.03 12.02 -9.10
N PRO A 56 2.54 13.16 -8.61
CA PRO A 56 1.68 14.06 -9.38
C PRO A 56 2.42 14.70 -10.54
N VAL A 57 1.77 14.76 -11.70
CA VAL A 57 2.38 15.34 -12.88
C VAL A 57 2.14 16.85 -12.87
N MET B 1 -1.00 -17.93 11.95
CA MET B 1 0.47 -17.83 11.77
C MET B 1 1.06 -16.84 12.77
N ALA B 2 0.95 -15.55 12.47
CA ALA B 2 1.48 -14.52 13.34
C ALA B 2 0.66 -13.25 13.24
N THR B 3 0.57 -12.54 14.35
CA THR B 3 -0.16 -11.29 14.41
C THR B 3 0.78 -10.10 14.25
N VAL B 4 0.41 -9.17 13.39
CA VAL B 4 1.22 -8.00 13.14
C VAL B 4 0.63 -6.77 13.82
N LYS B 5 1.48 -6.03 14.52
CA LYS B 5 1.06 -4.83 15.21
C LYS B 5 1.41 -3.61 14.36
N PHE B 6 0.45 -2.72 14.19
CA PHE B 6 0.65 -1.52 13.39
C PHE B 6 -0.14 -0.35 13.97
N LYS B 7 -0.12 0.76 13.25
CA LYS B 7 -0.82 1.96 13.68
C LYS B 7 -1.67 2.49 12.53
N TYR B 8 -2.97 2.64 12.77
CA TYR B 8 -3.86 3.16 11.75
C TYR B 8 -4.18 4.62 12.01
N LYS B 9 -3.40 5.51 11.39
CA LYS B 9 -3.58 6.95 11.52
C LYS B 9 -3.41 7.43 12.97
N GLY B 10 -2.89 6.56 13.82
CA GLY B 10 -2.69 6.93 15.21
C GLY B 10 -3.07 5.83 16.18
N GLU B 11 -4.11 5.07 15.84
CA GLU B 11 -4.55 3.99 16.74
C GLU B 11 -3.71 2.74 16.52
N GLU B 12 -3.33 2.09 17.61
CA GLU B 12 -2.54 0.87 17.55
C GLU B 12 -3.47 -0.31 17.33
N LYS B 13 -3.08 -1.24 16.47
CA LYS B 13 -3.90 -2.40 16.19
C LYS B 13 -3.05 -3.62 15.86
N GLN B 14 -3.58 -4.79 16.17
CA GLN B 14 -2.89 -6.05 15.91
C GLN B 14 -3.76 -6.94 15.05
N VAL B 15 -3.34 -7.15 13.81
CA VAL B 15 -4.08 -7.99 12.88
C VAL B 15 -3.15 -9.07 12.32
N ASP B 16 -3.68 -10.27 12.15
CA ASP B 16 -2.91 -11.39 11.64
C ASP B 16 -2.51 -11.19 10.19
N ILE B 17 -1.32 -11.68 9.86
CA ILE B 17 -0.76 -11.55 8.52
C ILE B 17 -1.66 -12.19 7.45
N SER B 18 -2.40 -13.22 7.84
CA SER B 18 -3.28 -13.92 6.90
C SER B 18 -4.52 -13.09 6.61
N LYS B 19 -4.72 -12.03 7.35
CA LYS B 19 -5.88 -11.15 7.16
C LYS B 19 -5.47 -9.90 6.40
N ILE B 20 -4.19 -9.86 6.02
CA ILE B 20 -3.66 -8.74 5.26
C ILE B 20 -3.61 -9.11 3.78
N VAL B 21 -4.46 -8.46 3.00
CA VAL B 21 -4.56 -8.73 1.58
C VAL B 21 -3.26 -8.41 0.83
N PHE B 22 -3.02 -7.13 0.58
CA PHE B 22 -1.83 -6.71 -0.14
C PHE B 22 -0.91 -5.88 0.75
N VAL B 23 0.40 -6.05 0.55
CA VAL B 23 1.40 -5.33 1.32
C VAL B 23 2.44 -4.74 0.36
N THR B 24 2.90 -3.52 0.64
CA THR B 24 3.89 -2.87 -0.21
C THR B 24 4.86 -2.03 0.63
N ARG B 25 6.14 -2.29 0.45
CA ARG B 25 7.20 -1.57 1.15
C ARG B 25 7.92 -0.66 0.16
N TYR B 26 8.49 0.44 0.66
CA TYR B 26 9.20 1.38 -0.22
C TYR B 26 10.60 1.71 0.31
N GLY B 27 10.82 1.45 1.60
CA GLY B 27 12.10 1.76 2.19
C GLY B 27 11.99 2.87 3.20
N LYS B 28 10.77 3.32 3.42
CA LYS B 28 10.49 4.41 4.36
C LYS B 28 9.40 3.96 5.32
N GLN B 29 8.29 3.49 4.76
CA GLN B 29 7.14 3.02 5.53
C GLN B 29 6.40 1.94 4.74
N ILE B 30 5.90 0.95 5.45
CA ILE B 30 5.17 -0.15 4.84
C ILE B 30 3.67 0.13 4.88
N PHE B 31 3.00 -0.06 3.76
CA PHE B 31 1.57 0.17 3.66
C PHE B 31 0.85 -1.12 3.29
N PHE B 32 -0.33 -1.34 3.87
CA PHE B 32 -1.12 -2.54 3.57
C PHE B 32 -2.57 -2.36 3.99
N ARG B 33 -3.42 -3.29 3.57
CA ARG B 33 -4.84 -3.27 3.92
C ARG B 33 -5.22 -4.57 4.60
N TYR B 34 -5.95 -4.46 5.70
CA TYR B 34 -6.36 -5.64 6.44
C TYR B 34 -7.87 -5.80 6.38
N ASP B 35 -8.32 -7.04 6.40
CA ASP B 35 -9.74 -7.36 6.38
C ASP B 35 -10.08 -8.20 7.59
N LEU B 36 -11.01 -7.72 8.40
CA LEU B 36 -11.42 -8.44 9.59
C LEU B 36 -12.71 -9.21 9.34
N GLY B 37 -12.74 -10.45 9.83
CA GLY B 37 -13.90 -11.31 9.66
C GLY B 37 -15.12 -10.77 10.38
N GLY B 38 -14.88 -9.87 11.33
CA GLY B 38 -15.96 -9.27 12.08
C GLY B 38 -16.65 -8.18 11.29
N GLY B 39 -16.07 -7.82 10.16
CA GLY B 39 -16.66 -6.79 9.33
C GLY B 39 -16.09 -5.42 9.62
N LYS B 40 -14.81 -5.25 9.35
CA LYS B 40 -14.13 -3.98 9.58
C LYS B 40 -12.85 -3.90 8.76
N PRO B 41 -12.96 -3.47 7.50
CA PRO B 41 -11.82 -3.34 6.62
C PRO B 41 -11.11 -1.99 6.81
N GLY B 42 -9.79 -2.03 6.85
CA GLY B 42 -9.03 -0.81 7.03
C GLY B 42 -7.62 -0.95 6.52
N PHE B 43 -6.84 0.10 6.70
CA PHE B 43 -5.45 0.10 6.25
C PHE B 43 -4.52 0.14 7.45
N GLY B 44 -3.24 -0.09 7.19
CA GLY B 44 -2.26 -0.07 8.24
C GLY B 44 -0.91 0.39 7.73
N VAL B 45 -0.23 1.21 8.51
CA VAL B 45 1.07 1.72 8.12
C VAL B 45 2.10 1.43 9.21
N VAL B 46 3.27 0.96 8.79
CA VAL B 46 4.34 0.63 9.72
C VAL B 46 5.63 1.32 9.32
N SER B 47 6.26 2.01 10.27
CA SER B 47 7.51 2.71 10.01
C SER B 47 8.66 1.72 9.94
N GLU B 48 9.43 1.77 8.86
CA GLU B 48 10.55 0.86 8.66
C GLU B 48 11.75 1.25 9.51
N LYS B 49 11.60 2.30 10.32
CA LYS B 49 12.69 2.77 11.17
C LYS B 49 12.28 2.81 12.63
N ASP B 50 11.02 3.13 12.89
CA ASP B 50 10.53 3.21 14.26
C ASP B 50 10.10 1.85 14.79
N ALA B 51 9.75 0.94 13.89
CA ALA B 51 9.32 -0.38 14.28
C ALA B 51 10.48 -1.37 14.22
N PRO B 52 10.48 -2.37 15.12
CA PRO B 52 11.52 -3.40 15.16
C PRO B 52 11.47 -4.31 13.93
N LYS B 53 12.60 -4.93 13.61
CA LYS B 53 12.69 -5.83 12.46
C LYS B 53 11.72 -7.00 12.62
N GLU B 54 11.41 -7.31 13.87
CA GLU B 54 10.49 -8.39 14.20
C GLU B 54 9.17 -8.27 13.44
N LEU B 55 8.68 -7.05 13.31
CA LEU B 55 7.43 -6.79 12.61
C LEU B 55 7.68 -6.59 11.12
N LEU B 56 8.74 -5.87 10.79
CA LEU B 56 9.09 -5.57 9.42
C LEU B 56 9.36 -6.84 8.61
N GLN B 57 9.98 -7.83 9.25
CA GLN B 57 10.29 -9.09 8.58
C GLN B 57 9.04 -9.95 8.40
N LYS B 58 7.95 -9.56 9.05
CA LYS B 58 6.69 -10.30 8.93
C LYS B 58 5.83 -9.68 7.85
N LEU B 59 6.13 -8.44 7.50
CA LEU B 59 5.39 -7.73 6.48
C LEU B 59 6.09 -7.86 5.13
N GLU B 60 7.29 -8.43 5.17
CA GLU B 60 8.08 -8.63 3.96
C GLU B 60 7.58 -9.88 3.23
N LYS B 61 6.39 -9.76 2.63
CA LYS B 61 5.80 -10.85 1.90
C LYS B 61 6.53 -11.05 0.58
N GLN B 62 7.37 -12.07 0.54
CA GLN B 62 8.13 -12.38 -0.67
C GLN B 62 7.21 -12.92 -1.75
N LYS B 63 7.58 -12.69 -3.01
CA LYS B 63 6.78 -13.12 -4.15
C LYS B 63 5.47 -12.36 -4.20
N LYS B 64 5.55 -11.11 -3.78
CA LYS B 64 4.41 -10.20 -3.75
C LYS B 64 4.82 -8.87 -4.35
N THR A 1 -6.23 15.53 -11.59
CA THR A 1 -4.84 15.31 -11.15
C THR A 1 -4.34 13.95 -11.61
N LEU A 2 -3.24 13.95 -12.35
CA LEU A 2 -2.67 12.71 -12.86
C LEU A 2 -1.39 12.37 -12.13
N PHE A 3 -1.23 11.09 -11.80
CA PHE A 3 -0.05 10.62 -11.10
C PHE A 3 0.71 9.64 -11.99
N VAL A 4 2.02 9.70 -11.93
CA VAL A 4 2.86 8.82 -12.74
C VAL A 4 3.58 7.80 -11.87
N ALA A 5 3.67 6.57 -12.35
CA ALA A 5 4.33 5.51 -11.62
C ALA A 5 5.85 5.66 -11.70
N LEU A 6 6.49 5.67 -10.54
CA LEU A 6 7.95 5.80 -10.47
C LEU A 6 8.61 4.46 -10.73
N TYR A 7 7.93 3.40 -10.33
CA TYR A 7 8.43 2.05 -10.51
C TYR A 7 7.27 1.14 -10.87
N ASP A 8 7.60 -0.08 -11.30
CA ASP A 8 6.58 -1.06 -11.66
C ASP A 8 6.03 -1.73 -10.42
N TYR A 9 4.72 -1.93 -10.37
CA TYR A 9 4.11 -2.56 -9.21
C TYR A 9 3.55 -3.94 -9.54
N GLU A 10 3.96 -4.92 -8.75
CA GLU A 10 3.49 -6.28 -8.91
C GLU A 10 2.33 -6.51 -7.94
N ALA A 11 1.16 -6.81 -8.47
CA ALA A 11 -0.02 -7.02 -7.65
C ALA A 11 0.02 -8.37 -6.97
N ARG A 12 -0.65 -8.48 -5.83
CA ARG A 12 -0.68 -9.72 -5.09
C ARG A 12 -2.10 -10.25 -4.98
N THR A 13 -3.06 -9.35 -4.85
CA THR A 13 -4.45 -9.73 -4.73
C THR A 13 -5.24 -9.24 -5.93
N GLU A 14 -6.49 -9.66 -6.03
CA GLU A 14 -7.36 -9.27 -7.14
C GLU A 14 -8.01 -7.92 -6.84
N ASP A 15 -7.43 -7.17 -5.92
CA ASP A 15 -7.97 -5.88 -5.54
C ASP A 15 -6.99 -4.75 -5.86
N ASP A 16 -5.71 -5.02 -5.70
CA ASP A 16 -4.68 -4.04 -6.00
C ASP A 16 -4.39 -4.07 -7.49
N LEU A 17 -4.17 -2.90 -8.08
CA LEU A 17 -3.93 -2.81 -9.51
C LEU A 17 -2.45 -2.72 -9.85
N SER A 18 -2.01 -3.61 -10.73
CA SER A 18 -0.63 -3.65 -11.17
C SER A 18 -0.44 -2.70 -12.36
N PHE A 19 0.73 -2.11 -12.47
CA PHE A 19 1.01 -1.17 -13.56
C PHE A 19 2.51 -1.08 -13.84
N HIS A 20 2.86 -0.47 -14.94
CA HIS A 20 4.24 -0.29 -15.34
C HIS A 20 4.70 1.15 -15.12
N LYS A 21 6.00 1.35 -15.04
CA LYS A 21 6.57 2.68 -14.84
C LYS A 21 6.26 3.59 -16.02
N GLY A 22 5.68 4.75 -15.74
CA GLY A 22 5.37 5.70 -16.80
C GLY A 22 3.89 5.80 -17.11
N GLU A 23 3.11 4.90 -16.54
CA GLU A 23 1.66 4.91 -16.78
C GLU A 23 0.98 6.00 -15.96
N LYS A 24 -0.14 6.50 -16.49
CA LYS A 24 -0.90 7.55 -15.82
C LYS A 24 -2.30 7.04 -15.50
N PHE A 25 -2.75 7.28 -14.28
CA PHE A 25 -4.07 6.83 -13.86
C PHE A 25 -4.87 8.00 -13.31
N GLN A 26 -6.18 7.89 -13.41
CA GLN A 26 -7.07 8.91 -12.92
C GLN A 26 -7.53 8.54 -11.52
N ILE A 27 -7.14 9.35 -10.54
CA ILE A 27 -7.49 9.09 -9.15
C ILE A 27 -8.99 9.29 -8.92
N LEU A 28 -9.66 8.25 -8.49
CA LEU A 28 -11.10 8.32 -8.23
C LEU A 28 -11.34 8.75 -6.78
N ASN A 29 -10.78 8.00 -5.85
CA ASN A 29 -10.94 8.32 -4.44
C ASN A 29 -9.61 8.23 -3.70
N SER A 30 -9.09 9.39 -3.32
CA SER A 30 -7.82 9.44 -2.60
C SER A 30 -8.07 9.66 -1.11
N SER A 31 -9.33 9.66 -0.71
CA SER A 31 -9.70 9.87 0.68
C SER A 31 -9.89 8.54 1.42
N GLU A 32 -9.54 7.44 0.76
CA GLU A 32 -9.67 6.13 1.35
C GLU A 32 -8.36 5.69 2.00
N GLY A 33 -8.07 6.28 3.15
CA GLY A 33 -6.86 5.95 3.85
C GLY A 33 -5.62 6.40 3.12
N ASP A 34 -4.65 5.51 3.00
CA ASP A 34 -3.41 5.84 2.31
C ASP A 34 -3.27 5.05 1.02
N TRP A 35 -4.35 4.36 0.65
CA TRP A 35 -4.39 3.58 -0.58
C TRP A 35 -5.50 4.12 -1.45
N TRP A 36 -5.14 4.85 -2.49
CA TRP A 36 -6.12 5.47 -3.37
C TRP A 36 -6.60 4.50 -4.43
N GLU A 37 -7.91 4.48 -4.65
CA GLU A 37 -8.48 3.64 -5.68
C GLU A 37 -8.57 4.48 -6.95
N ALA A 38 -7.79 4.11 -7.95
CA ALA A 38 -7.76 4.86 -9.20
C ALA A 38 -8.07 3.98 -10.38
N ARG A 39 -8.28 4.61 -11.53
CA ARG A 39 -8.57 3.90 -12.75
C ARG A 39 -7.52 4.22 -13.80
N SER A 40 -6.92 3.18 -14.35
CA SER A 40 -5.89 3.34 -15.37
C SER A 40 -6.48 3.95 -16.63
N LEU A 41 -5.79 4.93 -17.19
CA LEU A 41 -6.26 5.59 -18.40
C LEU A 41 -5.76 4.83 -19.63
N THR A 42 -4.82 3.92 -19.41
CA THR A 42 -4.26 3.13 -20.48
C THR A 42 -5.15 1.94 -20.82
N THR A 43 -5.57 1.22 -19.78
CA THR A 43 -6.41 0.05 -19.97
C THR A 43 -7.87 0.32 -19.57
N GLY A 44 -8.05 0.98 -18.44
CA GLY A 44 -9.39 1.25 -17.97
C GLY A 44 -9.72 0.47 -16.73
N GLU A 45 -8.74 -0.28 -16.23
CA GLU A 45 -8.92 -1.10 -15.03
C GLU A 45 -8.95 -0.22 -13.78
N THR A 46 -9.76 -0.62 -12.82
CA THR A 46 -9.89 0.12 -11.58
C THR A 46 -9.47 -0.73 -10.39
N GLY A 47 -8.77 -0.11 -9.44
CA GLY A 47 -8.33 -0.84 -8.27
C GLY A 47 -7.48 0.05 -7.36
N TYR A 48 -7.07 -0.50 -6.22
CA TYR A 48 -6.24 0.25 -5.28
C TYR A 48 -4.81 0.31 -5.78
N ILE A 49 -4.25 1.50 -5.83
CA ILE A 49 -2.89 1.67 -6.29
C ILE A 49 -1.98 2.13 -5.16
N PRO A 50 -0.78 1.56 -5.05
CA PRO A 50 0.18 1.93 -4.02
C PRO A 50 0.65 3.37 -4.17
N SER A 51 0.19 4.23 -3.28
CA SER A 51 0.54 5.66 -3.31
C SER A 51 2.03 5.90 -3.06
N ASN A 52 2.75 4.83 -2.71
CA ASN A 52 4.18 4.94 -2.45
C ASN A 52 4.97 4.54 -3.69
N TYR A 53 4.26 4.22 -4.77
CA TYR A 53 4.90 3.84 -6.03
C TYR A 53 4.68 4.89 -7.11
N VAL A 54 3.73 5.79 -6.85
CA VAL A 54 3.42 6.84 -7.82
C VAL A 54 3.78 8.22 -7.27
N ALA A 55 3.91 9.18 -8.17
CA ALA A 55 4.24 10.55 -7.79
C ALA A 55 3.51 11.54 -8.67
N PRO A 56 3.24 12.75 -8.16
CA PRO A 56 2.55 13.79 -8.92
C PRO A 56 3.37 14.23 -10.13
N VAL A 57 2.70 14.55 -11.22
CA VAL A 57 3.37 14.98 -12.43
C VAL A 57 3.72 16.46 -12.33
N MET B 1 0.27 -14.62 15.84
CA MET B 1 1.74 -14.42 15.87
C MET B 1 2.09 -13.18 16.68
N ALA B 2 1.79 -12.01 16.14
CA ALA B 2 2.09 -10.76 16.84
C ALA B 2 1.22 -9.62 16.35
N THR B 3 1.28 -8.50 17.06
CA THR B 3 0.52 -7.31 16.73
C THR B 3 1.44 -6.27 16.10
N VAL B 4 0.99 -5.64 15.03
CA VAL B 4 1.78 -4.63 14.35
C VAL B 4 1.17 -3.24 14.55
N LYS B 5 2.02 -2.29 14.91
CA LYS B 5 1.59 -0.91 15.12
C LYS B 5 1.93 -0.10 13.87
N PHE B 6 0.93 0.58 13.34
CA PHE B 6 1.12 1.38 12.14
C PHE B 6 0.32 2.68 12.22
N LYS B 7 0.48 3.52 11.21
CA LYS B 7 -0.23 4.78 11.14
C LYS B 7 -1.27 4.72 10.03
N TYR B 8 -2.38 5.40 10.23
CA TYR B 8 -3.44 5.43 9.22
C TYR B 8 -4.04 6.83 9.16
N LYS B 9 -3.50 7.63 8.25
CA LYS B 9 -3.94 9.01 8.05
C LYS B 9 -3.74 9.85 9.31
N GLY B 10 -2.73 9.52 10.08
CA GLY B 10 -2.44 10.27 11.30
C GLY B 10 -2.56 9.44 12.56
N GLU B 11 -3.69 8.78 12.73
CA GLU B 11 -3.93 7.96 13.91
C GLU B 11 -3.13 6.67 13.87
N GLU B 12 -2.63 6.25 15.03
CA GLU B 12 -1.85 5.03 15.14
C GLU B 12 -2.77 3.87 15.51
N LYS B 13 -2.66 2.77 14.77
CA LYS B 13 -3.49 1.61 15.01
C LYS B 13 -2.64 0.37 15.24
N GLN B 14 -3.21 -0.62 15.91
CA GLN B 14 -2.51 -1.88 16.19
C GLN B 14 -3.36 -3.07 15.77
N VAL B 15 -2.89 -3.80 14.77
CA VAL B 15 -3.61 -4.97 14.25
C VAL B 15 -2.66 -6.16 14.15
N ASP B 16 -3.20 -7.36 14.32
CA ASP B 16 -2.40 -8.58 14.24
C ASP B 16 -1.85 -8.78 12.84
N ILE B 17 -0.63 -9.29 12.76
CA ILE B 17 0.02 -9.55 11.48
C ILE B 17 -0.72 -10.65 10.74
N SER B 18 -1.42 -11.49 11.49
CA SER B 18 -2.17 -12.60 10.95
C SER B 18 -3.45 -12.10 10.26
N LYS B 19 -3.69 -10.79 10.35
CA LYS B 19 -4.88 -10.20 9.75
C LYS B 19 -4.49 -9.32 8.57
N ILE B 20 -3.26 -9.46 8.10
CA ILE B 20 -2.77 -8.68 6.97
C ILE B 20 -2.92 -9.48 5.68
N VAL B 21 -3.45 -8.82 4.66
CA VAL B 21 -3.67 -9.46 3.36
C VAL B 21 -2.38 -9.50 2.54
N PHE B 22 -1.75 -8.34 2.39
CA PHE B 22 -0.50 -8.25 1.63
C PHE B 22 0.34 -7.09 2.14
N VAL B 23 1.65 -7.17 1.93
CA VAL B 23 2.58 -6.15 2.38
C VAL B 23 3.43 -5.64 1.21
N THR B 24 3.43 -4.33 1.00
CA THR B 24 4.18 -3.73 -0.09
C THR B 24 5.27 -2.79 0.44
N ARG B 25 6.52 -3.24 0.37
CA ARG B 25 7.65 -2.44 0.83
C ARG B 25 8.26 -1.67 -0.34
N TYR B 26 8.59 -0.40 -0.11
CA TYR B 26 9.17 0.43 -1.15
C TYR B 26 10.59 0.87 -0.79
N GLY B 27 10.90 0.84 0.50
CA GLY B 27 12.21 1.26 0.94
C GLY B 27 12.15 2.62 1.61
N LYS B 28 10.93 3.12 1.76
CA LYS B 28 10.67 4.41 2.38
C LYS B 28 9.53 4.27 3.36
N GLN B 29 8.47 3.63 2.90
CA GLN B 29 7.28 3.40 3.72
C GLN B 29 6.60 2.11 3.30
N ILE B 30 6.26 1.29 4.29
CA ILE B 30 5.60 0.02 4.05
C ILE B 30 4.08 0.22 3.98
N PHE B 31 3.50 -0.20 2.88
CA PHE B 31 2.06 -0.09 2.66
C PHE B 31 1.43 -1.46 2.70
N PHE B 32 0.34 -1.62 3.45
CA PHE B 32 -0.32 -2.92 3.52
C PHE B 32 -1.82 -2.78 3.77
N ARG B 33 -2.53 -3.91 3.64
CA ARG B 33 -3.98 -3.96 3.85
C ARG B 33 -4.29 -4.96 4.94
N TYR B 34 -5.22 -4.64 5.82
CA TYR B 34 -5.58 -5.53 6.91
C TYR B 34 -7.10 -5.67 7.06
N ASP B 35 -7.52 -6.68 7.82
CA ASP B 35 -8.93 -6.92 8.08
C ASP B 35 -9.14 -7.32 9.54
N LEU B 36 -9.94 -6.55 10.25
CA LEU B 36 -10.22 -6.83 11.65
C LEU B 36 -11.51 -7.62 11.79
N GLY B 37 -11.45 -8.71 12.54
CA GLY B 37 -12.61 -9.55 12.74
C GLY B 37 -13.70 -8.81 13.48
N GLY B 38 -14.74 -8.44 12.76
CA GLY B 38 -15.84 -7.71 13.36
C GLY B 38 -16.43 -6.70 12.41
N GLY B 39 -15.78 -6.51 11.26
CA GLY B 39 -16.28 -5.57 10.28
C GLY B 39 -15.54 -4.25 10.28
N LYS B 40 -14.23 -4.30 10.53
CA LYS B 40 -13.43 -3.07 10.56
C LYS B 40 -12.11 -3.25 9.79
N PRO B 41 -12.17 -3.41 8.46
CA PRO B 41 -10.99 -3.58 7.63
C PRO B 41 -10.45 -2.24 7.13
N GLY B 42 -9.28 -2.27 6.51
CA GLY B 42 -8.69 -1.05 5.99
C GLY B 42 -7.26 -1.23 5.58
N PHE B 43 -6.52 -0.13 5.51
CA PHE B 43 -5.12 -0.16 5.11
C PHE B 43 -4.25 0.41 6.22
N GLY B 44 -2.94 0.41 6.00
CA GLY B 44 -2.02 0.95 6.98
C GLY B 44 -0.67 1.24 6.38
N VAL B 45 0.02 2.23 6.94
CA VAL B 45 1.35 2.59 6.47
C VAL B 45 2.35 2.65 7.62
N VAL B 46 3.49 2.00 7.42
CA VAL B 46 4.54 1.99 8.42
C VAL B 46 5.80 2.62 7.85
N SER B 47 6.29 3.65 8.51
CA SER B 47 7.49 4.33 8.06
C SER B 47 8.70 3.44 8.25
N GLU B 48 9.53 3.34 7.23
CA GLU B 48 10.73 2.51 7.29
C GLU B 48 11.90 3.31 7.89
N LYS B 49 11.57 4.44 8.52
CA LYS B 49 12.58 5.30 9.13
C LYS B 49 12.32 5.50 10.62
N ASP B 50 11.19 6.12 10.96
CA ASP B 50 10.85 6.40 12.35
C ASP B 50 10.15 5.23 13.02
N ALA B 51 10.56 4.02 12.67
CA ALA B 51 9.97 2.82 13.24
C ALA B 51 11.05 1.79 13.51
N PRO B 52 10.91 1.03 14.61
CA PRO B 52 11.89 -0.01 14.98
C PRO B 52 11.96 -1.12 13.94
N LYS B 53 13.16 -1.64 13.72
CA LYS B 53 13.38 -2.71 12.75
C LYS B 53 12.58 -3.97 13.11
N GLU B 54 12.23 -4.09 14.38
CA GLU B 54 11.46 -5.22 14.86
C GLU B 54 10.18 -5.43 14.06
N LEU B 55 9.41 -4.37 13.88
CA LEU B 55 8.17 -4.45 13.13
C LEU B 55 8.44 -4.48 11.63
N LEU B 56 9.46 -3.75 11.21
CA LEU B 56 9.82 -3.68 9.80
C LEU B 56 10.20 -5.05 9.24
N GLN B 57 10.96 -5.81 10.02
CA GLN B 57 11.40 -7.13 9.60
C GLN B 57 10.24 -8.14 9.67
N LYS B 58 9.33 -7.92 10.61
CA LYS B 58 8.19 -8.80 10.77
C LYS B 58 7.21 -8.60 9.62
N LEU B 59 7.12 -7.36 9.13
CA LEU B 59 6.23 -7.02 8.03
C LEU B 59 6.80 -7.54 6.71
N GLU B 60 8.10 -7.33 6.51
CA GLU B 60 8.76 -7.77 5.30
C GLU B 60 9.07 -9.26 5.36
N LYS B 61 8.10 -10.07 4.94
CA LYS B 61 8.26 -11.51 4.93
C LYS B 61 8.85 -11.95 3.60
N GLN B 62 9.68 -12.99 3.63
CA GLN B 62 10.31 -13.50 2.42
C GLN B 62 9.27 -14.14 1.52
N LYS B 63 9.42 -13.92 0.22
CA LYS B 63 8.50 -14.45 -0.79
C LYS B 63 7.11 -13.87 -0.58
N LYS B 64 6.91 -12.65 -1.03
CA LYS B 64 5.63 -11.99 -0.89
C LYS B 64 4.65 -12.47 -1.96
N THR A 1 -5.61 15.97 -11.36
CA THR A 1 -4.20 15.65 -11.09
C THR A 1 -3.91 14.18 -11.39
N LEU A 2 -3.18 13.94 -12.47
CA LEU A 2 -2.82 12.59 -12.86
C LEU A 2 -1.60 12.14 -12.09
N PHE A 3 -1.45 10.85 -11.91
CA PHE A 3 -0.31 10.31 -11.19
C PHE A 3 0.47 9.35 -12.08
N VAL A 4 1.79 9.47 -12.05
CA VAL A 4 2.65 8.63 -12.85
C VAL A 4 3.36 7.59 -11.99
N ALA A 5 3.45 6.36 -12.49
CA ALA A 5 4.09 5.28 -11.77
C ALA A 5 5.61 5.45 -11.76
N LEU A 6 6.17 5.51 -10.56
CA LEU A 6 7.61 5.67 -10.40
C LEU A 6 8.34 4.35 -10.64
N TYR A 7 7.71 3.26 -10.26
CA TYR A 7 8.29 1.92 -10.43
C TYR A 7 7.20 0.93 -10.79
N ASP A 8 7.62 -0.23 -11.30
CA ASP A 8 6.69 -1.29 -11.67
C ASP A 8 6.14 -1.93 -10.40
N TYR A 9 4.83 -2.09 -10.34
CA TYR A 9 4.18 -2.67 -9.16
C TYR A 9 3.79 -4.12 -9.40
N GLU A 10 4.28 -5.00 -8.55
CA GLU A 10 3.95 -6.41 -8.62
C GLU A 10 2.69 -6.67 -7.80
N ALA A 11 1.58 -6.88 -8.51
CA ALA A 11 0.30 -7.11 -7.87
C ALA A 11 0.25 -8.45 -7.14
N ARG A 12 -0.64 -8.54 -6.17
CA ARG A 12 -0.80 -9.76 -5.39
C ARG A 12 -2.19 -10.35 -5.56
N THR A 13 -3.20 -9.49 -5.51
CA THR A 13 -4.58 -9.93 -5.63
C THR A 13 -5.28 -9.23 -6.80
N GLU A 14 -6.60 -9.24 -6.79
CA GLU A 14 -7.38 -8.60 -7.83
C GLU A 14 -7.83 -7.23 -7.36
N ASP A 15 -7.73 -7.00 -6.06
CA ASP A 15 -8.12 -5.74 -5.43
C ASP A 15 -7.13 -4.65 -5.82
N ASP A 16 -5.85 -4.99 -5.75
CA ASP A 16 -4.79 -4.05 -6.11
C ASP A 16 -4.62 -4.00 -7.62
N LEU A 17 -4.28 -2.83 -8.14
CA LEU A 17 -4.13 -2.64 -9.57
C LEU A 17 -2.67 -2.77 -10.01
N SER A 18 -2.42 -3.66 -10.96
CA SER A 18 -1.08 -3.87 -11.49
C SER A 18 -0.78 -2.86 -12.60
N PHE A 19 0.36 -2.19 -12.50
CA PHE A 19 0.75 -1.21 -13.50
C PHE A 19 2.24 -1.22 -13.72
N HIS A 20 2.66 -0.60 -14.81
CA HIS A 20 4.07 -0.51 -15.18
C HIS A 20 4.59 0.89 -14.92
N LYS A 21 5.91 1.04 -14.82
CA LYS A 21 6.52 2.33 -14.60
C LYS A 21 6.28 3.26 -15.79
N GLY A 22 5.83 4.47 -15.51
CA GLY A 22 5.59 5.44 -16.57
C GLY A 22 4.12 5.61 -16.90
N GLU A 23 3.30 4.67 -16.44
CA GLU A 23 1.86 4.74 -16.71
C GLU A 23 1.20 5.86 -15.91
N LYS A 24 0.11 6.39 -16.44
CA LYS A 24 -0.62 7.48 -15.81
C LYS A 24 -2.01 6.99 -15.38
N PHE A 25 -2.45 7.41 -14.21
CA PHE A 25 -3.75 7.00 -13.69
C PHE A 25 -4.53 8.19 -13.14
N GLN A 26 -5.84 8.05 -13.09
CA GLN A 26 -6.70 9.09 -12.55
C GLN A 26 -7.25 8.64 -11.20
N ILE A 27 -6.92 9.38 -10.16
CA ILE A 27 -7.37 9.06 -8.81
C ILE A 27 -8.88 9.27 -8.66
N LEU A 28 -9.58 8.22 -8.25
CA LEU A 28 -11.02 8.31 -8.08
C LEU A 28 -11.37 8.54 -6.61
N ASN A 29 -10.62 7.89 -5.72
CA ASN A 29 -10.86 8.05 -4.29
C ASN A 29 -9.56 8.06 -3.50
N SER A 30 -9.12 9.26 -3.12
CA SER A 30 -7.90 9.43 -2.35
C SER A 30 -8.24 9.64 -0.88
N SER A 31 -9.53 9.75 -0.59
CA SER A 31 -10.00 9.97 0.78
C SER A 31 -10.19 8.64 1.50
N GLU A 32 -9.75 7.56 0.87
CA GLU A 32 -9.87 6.22 1.44
C GLU A 32 -8.89 6.04 2.60
N GLY A 33 -7.73 6.64 2.46
CA GLY A 33 -6.69 6.54 3.48
C GLY A 33 -5.31 6.54 2.88
N ASP A 34 -4.51 5.55 3.23
CA ASP A 34 -3.16 5.45 2.70
C ASP A 34 -3.20 4.99 1.25
N TRP A 35 -3.94 3.92 1.00
CA TRP A 35 -4.07 3.38 -0.34
C TRP A 35 -5.22 4.07 -1.06
N TRP A 36 -4.98 4.46 -2.30
CA TRP A 36 -6.00 5.15 -3.07
C TRP A 36 -6.52 4.28 -4.21
N GLU A 37 -7.80 4.45 -4.53
CA GLU A 37 -8.41 3.71 -5.60
C GLU A 37 -8.44 4.57 -6.86
N ALA A 38 -7.81 4.11 -7.92
CA ALA A 38 -7.75 4.87 -9.16
C ALA A 38 -7.91 3.97 -10.37
N ARG A 39 -8.14 4.58 -11.52
CA ARG A 39 -8.31 3.83 -12.75
C ARG A 39 -7.19 4.18 -13.74
N SER A 40 -6.70 3.17 -14.43
CA SER A 40 -5.63 3.35 -15.39
C SER A 40 -6.16 4.02 -16.65
N LEU A 41 -5.29 4.80 -17.31
CA LEU A 41 -5.67 5.48 -18.53
C LEU A 41 -5.32 4.63 -19.74
N THR A 42 -4.34 3.74 -19.58
CA THR A 42 -3.90 2.88 -20.65
C THR A 42 -4.92 1.76 -20.89
N THR A 43 -5.38 1.16 -19.81
CA THR A 43 -6.36 0.09 -19.89
C THR A 43 -7.74 0.58 -19.50
N GLY A 44 -7.87 1.00 -18.25
CA GLY A 44 -9.14 1.49 -17.76
C GLY A 44 -9.54 0.83 -16.46
N GLU A 45 -8.85 -0.24 -16.11
CA GLU A 45 -9.12 -0.97 -14.88
C GLU A 45 -9.01 -0.06 -13.67
N THR A 46 -9.87 -0.31 -12.68
CA THR A 46 -9.90 0.47 -11.46
C THR A 46 -9.59 -0.40 -10.25
N GLY A 47 -8.61 0.01 -9.46
CA GLY A 47 -8.25 -0.75 -8.29
C GLY A 47 -7.42 0.07 -7.33
N TYR A 48 -6.93 -0.57 -6.27
CA TYR A 48 -6.13 0.12 -5.29
C TYR A 48 -4.68 0.20 -5.76
N ILE A 49 -4.12 1.40 -5.70
CA ILE A 49 -2.74 1.60 -6.13
C ILE A 49 -1.89 2.16 -4.98
N PRO A 50 -0.64 1.69 -4.86
CA PRO A 50 0.29 2.16 -3.82
C PRO A 50 0.67 3.63 -4.03
N SER A 51 0.35 4.44 -3.04
CA SER A 51 0.63 5.87 -3.07
C SER A 51 2.13 6.15 -3.02
N ASN A 52 2.90 5.18 -2.58
CA ASN A 52 4.34 5.33 -2.47
C ASN A 52 5.05 4.91 -3.76
N TYR A 53 4.26 4.65 -4.80
CA TYR A 53 4.81 4.23 -6.08
C TYR A 53 4.33 5.16 -7.20
N VAL A 54 3.65 6.23 -6.83
CA VAL A 54 3.14 7.18 -7.81
C VAL A 54 3.50 8.62 -7.45
N ALA A 55 3.61 9.46 -8.47
CA ALA A 55 3.93 10.86 -8.27
C ALA A 55 3.00 11.74 -9.11
N PRO A 56 2.61 12.92 -8.60
CA PRO A 56 1.72 13.84 -9.32
C PRO A 56 2.35 14.36 -10.61
N VAL A 57 1.56 14.34 -11.68
CA VAL A 57 2.01 14.81 -12.98
C VAL A 57 1.61 16.27 -13.19
N MET B 1 0.74 -15.07 12.75
CA MET B 1 2.21 -15.00 12.97
C MET B 1 2.54 -14.02 14.11
N ALA B 2 2.34 -12.73 13.87
CA ALA B 2 2.63 -11.70 14.87
C ALA B 2 1.91 -10.40 14.51
N THR B 3 1.84 -9.50 15.48
CA THR B 3 1.20 -8.21 15.30
C THR B 3 2.20 -7.17 14.82
N VAL B 4 1.77 -6.35 13.86
CA VAL B 4 2.62 -5.30 13.32
C VAL B 4 2.13 -3.94 13.78
N LYS B 5 3.04 -3.15 14.33
CA LYS B 5 2.70 -1.81 14.80
C LYS B 5 2.99 -0.80 13.70
N PHE B 6 1.97 -0.07 13.30
CA PHE B 6 2.10 0.93 12.25
C PHE B 6 1.47 2.25 12.68
N LYS B 7 1.69 3.28 11.89
CA LYS B 7 1.14 4.60 12.18
C LYS B 7 0.19 5.02 11.08
N TYR B 8 -1.10 4.81 11.30
CA TYR B 8 -2.11 5.19 10.33
C TYR B 8 -2.41 6.67 10.44
N LYS B 9 -1.45 7.48 9.98
CA LYS B 9 -1.57 8.94 10.01
C LYS B 9 -1.76 9.44 11.44
N GLY B 10 -0.73 9.27 12.25
CA GLY B 10 -0.79 9.72 13.63
C GLY B 10 -1.22 8.63 14.59
N GLU B 11 -2.27 7.90 14.23
CA GLU B 11 -2.80 6.83 15.07
C GLU B 11 -1.94 5.58 14.98
N GLU B 12 -1.36 5.18 16.10
CA GLU B 12 -0.54 3.98 16.13
C GLU B 12 -1.42 2.77 16.42
N LYS B 13 -1.50 1.85 15.48
CA LYS B 13 -2.34 0.67 15.63
C LYS B 13 -1.53 -0.61 15.44
N GLN B 14 -2.06 -1.71 15.96
CA GLN B 14 -1.41 -3.01 15.87
C GLN B 14 -2.36 -4.04 15.27
N VAL B 15 -1.98 -4.58 14.13
CA VAL B 15 -2.78 -5.60 13.45
C VAL B 15 -1.91 -6.78 13.06
N ASP B 16 -2.47 -7.98 13.13
CA ASP B 16 -1.74 -9.19 12.77
C ASP B 16 -1.30 -9.13 11.32
N ILE B 17 -0.06 -9.51 11.08
CA ILE B 17 0.51 -9.50 9.72
C ILE B 17 -0.24 -10.48 8.82
N SER B 18 -0.90 -11.46 9.43
CA SER B 18 -1.66 -12.46 8.69
C SER B 18 -3.01 -11.91 8.23
N LYS B 19 -3.35 -10.72 8.72
CA LYS B 19 -4.61 -10.08 8.35
C LYS B 19 -4.37 -9.01 7.30
N ILE B 20 -3.17 -9.00 6.76
CA ILE B 20 -2.78 -8.05 5.73
C ILE B 20 -2.90 -8.70 4.35
N VAL B 21 -3.58 -8.02 3.44
CA VAL B 21 -3.78 -8.55 2.10
C VAL B 21 -2.52 -8.40 1.25
N PHE B 22 -2.24 -7.18 0.81
CA PHE B 22 -1.06 -6.93 -0.03
C PHE B 22 -0.15 -5.92 0.64
N VAL B 23 1.14 -6.00 0.31
CA VAL B 23 2.14 -5.10 0.88
C VAL B 23 3.05 -4.55 -0.21
N THR B 24 3.22 -3.24 -0.25
CA THR B 24 4.07 -2.61 -1.24
C THR B 24 5.18 -1.81 -0.57
N ARG B 25 6.41 -2.28 -0.72
CA ARG B 25 7.55 -1.61 -0.14
C ARG B 25 8.28 -0.78 -1.19
N TYR B 26 8.61 0.45 -0.83
CA TYR B 26 9.29 1.37 -1.74
C TYR B 26 10.77 1.48 -1.38
N GLY B 27 11.11 1.11 -0.16
CA GLY B 27 12.48 1.20 0.29
C GLY B 27 12.62 2.17 1.43
N LYS B 28 11.63 3.04 1.57
CA LYS B 28 11.61 4.03 2.62
C LYS B 28 10.46 3.73 3.57
N GLN B 29 9.25 3.76 3.02
CA GLN B 29 8.05 3.47 3.77
C GLN B 29 7.35 2.26 3.17
N ILE B 30 6.77 1.44 4.03
CA ILE B 30 6.06 0.24 3.59
C ILE B 30 4.56 0.46 3.74
N PHE B 31 3.84 0.38 2.62
CA PHE B 31 2.40 0.58 2.61
C PHE B 31 1.69 -0.75 2.46
N PHE B 32 0.64 -0.97 3.25
CA PHE B 32 -0.12 -2.20 3.17
C PHE B 32 -1.57 -2.00 3.58
N ARG B 33 -2.41 -2.98 3.26
CA ARG B 33 -3.83 -2.92 3.60
C ARG B 33 -4.22 -4.13 4.45
N TYR B 34 -4.97 -3.89 5.52
CA TYR B 34 -5.40 -4.97 6.39
C TYR B 34 -6.91 -4.97 6.53
N ASP B 35 -7.45 -6.06 7.06
CA ASP B 35 -8.88 -6.19 7.27
C ASP B 35 -9.17 -6.85 8.61
N LEU B 36 -9.81 -6.11 9.50
CA LEU B 36 -10.13 -6.63 10.82
C LEU B 36 -11.41 -7.46 10.78
N GLY B 37 -11.46 -8.50 11.60
CA GLY B 37 -12.62 -9.37 11.63
C GLY B 37 -13.84 -8.69 12.23
N GLY B 38 -13.60 -7.61 12.97
CA GLY B 38 -14.70 -6.87 13.59
C GLY B 38 -15.38 -5.93 12.63
N GLY B 39 -15.21 -6.17 11.33
CA GLY B 39 -15.83 -5.32 10.33
C GLY B 39 -15.19 -3.95 10.26
N LYS B 40 -13.87 -3.92 10.13
CA LYS B 40 -13.15 -2.66 10.06
C LYS B 40 -11.87 -2.80 9.23
N PRO B 41 -11.94 -2.44 7.94
CA PRO B 41 -10.79 -2.49 7.06
C PRO B 41 -9.95 -1.23 7.19
N GLY B 42 -8.66 -1.33 6.90
CA GLY B 42 -7.81 -0.16 7.03
C GLY B 42 -6.49 -0.31 6.32
N PHE B 43 -5.60 0.65 6.53
CA PHE B 43 -4.30 0.65 5.92
C PHE B 43 -3.24 0.97 6.97
N GLY B 44 -1.99 0.75 6.63
CA GLY B 44 -0.91 1.03 7.56
C GLY B 44 0.39 1.29 6.84
N VAL B 45 1.20 2.17 7.41
CA VAL B 45 2.48 2.52 6.84
C VAL B 45 3.59 2.41 7.88
N VAL B 46 4.63 1.67 7.54
CA VAL B 46 5.77 1.48 8.42
C VAL B 46 7.04 2.08 7.79
N SER B 47 7.78 2.84 8.56
CA SER B 47 9.01 3.45 8.08
C SER B 47 10.20 2.52 8.32
N GLU B 48 10.93 2.21 7.25
CA GLU B 48 12.08 1.32 7.32
C GLU B 48 13.23 1.95 8.11
N LYS B 49 13.18 3.26 8.27
CA LYS B 49 14.22 3.97 8.99
C LYS B 49 13.79 4.28 10.41
N ASP B 50 12.75 3.59 10.87
CA ASP B 50 12.22 3.79 12.22
C ASP B 50 12.00 2.46 12.92
N ALA B 51 11.25 1.58 12.27
CA ALA B 51 10.94 0.27 12.82
C ALA B 51 12.11 -0.70 12.66
N PRO B 52 12.22 -1.70 13.55
CA PRO B 52 13.30 -2.69 13.50
C PRO B 52 13.25 -3.56 12.24
N LYS B 53 14.42 -4.08 11.86
CA LYS B 53 14.56 -4.91 10.66
C LYS B 53 13.66 -6.13 10.71
N GLU B 54 13.46 -6.67 11.91
CA GLU B 54 12.63 -7.86 12.10
C GLU B 54 11.24 -7.69 11.50
N LEU B 55 10.62 -6.54 11.75
CA LEU B 55 9.28 -6.26 11.24
C LEU B 55 9.31 -6.03 9.73
N LEU B 56 10.35 -5.34 9.27
CA LEU B 56 10.48 -5.03 7.85
C LEU B 56 10.69 -6.32 7.04
N GLN B 57 11.52 -7.20 7.56
CA GLN B 57 11.82 -8.46 6.90
C GLN B 57 10.62 -9.41 6.92
N LYS B 58 9.66 -9.14 7.80
CA LYS B 58 8.47 -9.97 7.91
C LYS B 58 7.46 -9.60 6.83
N LEU B 59 7.55 -8.35 6.36
CA LEU B 59 6.66 -7.86 5.33
C LEU B 59 7.18 -8.25 3.95
N GLU B 60 8.48 -8.12 3.76
CA GLU B 60 9.11 -8.46 2.49
C GLU B 60 9.48 -9.94 2.47
N LYS B 61 8.58 -10.76 1.97
CA LYS B 61 8.80 -12.20 1.88
C LYS B 61 9.00 -12.62 0.44
N GLN B 62 9.16 -13.92 0.21
CA GLN B 62 9.36 -14.43 -1.14
C GLN B 62 8.03 -14.54 -1.87
N LYS B 63 8.02 -14.15 -3.15
CA LYS B 63 6.81 -14.19 -3.97
C LYS B 63 5.71 -13.35 -3.31
N LYS B 64 6.12 -12.22 -2.75
CA LYS B 64 5.22 -11.31 -2.07
C LYS B 64 4.43 -10.47 -3.07
N THR A 1 -6.68 14.96 -10.77
CA THR A 1 -5.25 14.90 -10.41
C THR A 1 -4.58 13.72 -11.08
N LEU A 2 -3.72 14.00 -12.05
CA LEU A 2 -3.01 12.96 -12.77
C LEU A 2 -1.75 12.54 -12.02
N PHE A 3 -1.60 11.25 -11.83
CA PHE A 3 -0.44 10.69 -11.16
C PHE A 3 0.29 9.73 -12.09
N VAL A 4 1.61 9.68 -11.98
CA VAL A 4 2.41 8.79 -12.81
C VAL A 4 3.13 7.75 -11.96
N ALA A 5 3.16 6.52 -12.45
CA ALA A 5 3.82 5.44 -11.75
C ALA A 5 5.33 5.56 -11.84
N LEU A 6 5.98 5.60 -10.68
CA LEU A 6 7.43 5.72 -10.61
C LEU A 6 8.10 4.44 -11.06
N TYR A 7 7.66 3.33 -10.50
CA TYR A 7 8.21 2.02 -10.84
C TYR A 7 7.08 1.05 -11.16
N ASP A 8 7.44 -0.17 -11.52
CA ASP A 8 6.45 -1.20 -11.86
C ASP A 8 5.99 -1.91 -10.59
N TYR A 9 4.72 -2.24 -10.54
CA TYR A 9 4.18 -2.93 -9.37
C TYR A 9 3.47 -4.21 -9.78
N GLU A 10 3.81 -5.31 -9.12
CA GLU A 10 3.21 -6.59 -9.38
C GLU A 10 2.03 -6.81 -8.44
N ALA A 11 0.84 -6.94 -9.02
CA ALA A 11 -0.38 -7.12 -8.23
C ALA A 11 -0.39 -8.48 -7.54
N ARG A 12 -0.82 -8.47 -6.29
CA ARG A 12 -0.87 -9.69 -5.50
C ARG A 12 -2.26 -10.31 -5.59
N THR A 13 -3.29 -9.46 -5.55
CA THR A 13 -4.66 -9.93 -5.61
C THR A 13 -5.46 -9.13 -6.64
N GLU A 14 -6.77 -9.21 -6.55
CA GLU A 14 -7.65 -8.48 -7.46
C GLU A 14 -8.07 -7.15 -6.84
N ASP A 15 -7.62 -6.93 -5.61
CA ASP A 15 -7.93 -5.70 -4.89
C ASP A 15 -6.95 -4.60 -5.29
N ASP A 16 -5.68 -4.99 -5.41
CA ASP A 16 -4.64 -4.06 -5.79
C ASP A 16 -4.51 -4.06 -7.31
N LEU A 17 -4.02 -2.98 -7.87
CA LEU A 17 -3.89 -2.85 -9.32
C LEU A 17 -2.44 -2.95 -9.77
N SER A 18 -2.22 -3.72 -10.82
CA SER A 18 -0.89 -3.91 -11.39
C SER A 18 -0.61 -2.86 -12.45
N PHE A 19 0.64 -2.44 -12.56
CA PHE A 19 1.03 -1.44 -13.53
C PHE A 19 2.52 -1.45 -13.76
N HIS A 20 2.96 -0.78 -14.82
CA HIS A 20 4.37 -0.72 -15.16
C HIS A 20 4.89 0.71 -15.01
N LYS A 21 6.20 0.86 -15.06
CA LYS A 21 6.84 2.16 -14.95
C LYS A 21 6.42 3.09 -16.08
N GLY A 22 5.72 4.16 -15.74
CA GLY A 22 5.27 5.11 -16.74
C GLY A 22 3.76 5.13 -16.88
N GLU A 23 3.09 4.29 -16.10
CA GLU A 23 1.62 4.23 -16.12
C GLU A 23 1.01 5.51 -15.57
N LYS A 24 -0.04 5.98 -16.23
CA LYS A 24 -0.73 7.19 -15.81
C LYS A 24 -2.03 6.82 -15.09
N PHE A 25 -2.24 7.38 -13.92
CA PHE A 25 -3.42 7.07 -13.14
C PHE A 25 -4.30 8.28 -12.86
N GLN A 26 -5.61 8.03 -12.84
CA GLN A 26 -6.59 9.05 -12.52
C GLN A 26 -7.14 8.73 -11.14
N ILE A 27 -6.74 9.51 -10.15
CA ILE A 27 -7.17 9.29 -8.77
C ILE A 27 -8.69 9.45 -8.63
N LEU A 28 -9.36 8.36 -8.29
CA LEU A 28 -10.79 8.39 -8.12
C LEU A 28 -11.16 8.81 -6.70
N ASN A 29 -10.53 8.19 -5.72
CA ASN A 29 -10.79 8.51 -4.33
C ASN A 29 -9.51 8.56 -3.51
N SER A 30 -9.06 9.76 -3.20
CA SER A 30 -7.85 9.95 -2.42
C SER A 30 -8.17 9.95 -0.92
N SER A 31 -9.45 10.10 -0.60
CA SER A 31 -9.91 10.11 0.78
C SER A 31 -10.15 8.68 1.28
N GLU A 32 -9.65 7.72 0.53
CA GLU A 32 -9.78 6.30 0.87
C GLU A 32 -8.97 5.98 2.12
N GLY A 33 -7.73 6.47 2.15
CA GLY A 33 -6.86 6.23 3.28
C GLY A 33 -5.40 6.27 2.86
N ASP A 34 -4.69 5.17 3.05
CA ASP A 34 -3.28 5.10 2.66
C ASP A 34 -3.16 4.54 1.25
N TRP A 35 -4.12 3.72 0.87
CA TRP A 35 -4.17 3.14 -0.46
C TRP A 35 -5.33 3.76 -1.21
N TRP A 36 -5.03 4.48 -2.26
CA TRP A 36 -6.06 5.15 -3.04
C TRP A 36 -6.49 4.32 -4.23
N GLU A 37 -7.77 4.35 -4.54
CA GLU A 37 -8.30 3.63 -5.67
C GLU A 37 -8.26 4.54 -6.89
N ALA A 38 -7.58 4.11 -7.93
CA ALA A 38 -7.45 4.90 -9.14
C ALA A 38 -7.69 4.07 -10.38
N ARG A 39 -7.92 4.76 -11.49
CA ARG A 39 -8.16 4.11 -12.77
C ARG A 39 -7.00 4.37 -13.73
N SER A 40 -6.61 3.33 -14.46
CA SER A 40 -5.54 3.44 -15.42
C SER A 40 -6.03 4.13 -16.68
N LEU A 41 -5.19 4.98 -17.26
CA LEU A 41 -5.56 5.69 -18.48
C LEU A 41 -5.08 4.92 -19.71
N THR A 42 -4.50 3.75 -19.48
CA THR A 42 -4.00 2.92 -20.57
C THR A 42 -4.93 1.73 -20.81
N THR A 43 -5.13 0.92 -19.78
CA THR A 43 -5.97 -0.25 -19.89
C THR A 43 -7.41 0.07 -19.50
N GLY A 44 -7.54 0.89 -18.47
CA GLY A 44 -8.85 1.26 -17.98
C GLY A 44 -9.21 0.52 -16.71
N GLU A 45 -8.24 -0.21 -16.19
CA GLU A 45 -8.43 -0.99 -14.96
C GLU A 45 -8.48 -0.08 -13.75
N THR A 46 -9.27 -0.45 -12.76
CA THR A 46 -9.40 0.34 -11.54
C THR A 46 -9.15 -0.55 -10.33
N GLY A 47 -8.37 -0.04 -9.39
CA GLY A 47 -8.07 -0.80 -8.19
C GLY A 47 -7.23 0.01 -7.22
N TYR A 48 -6.83 -0.61 -6.11
CA TYR A 48 -6.03 0.08 -5.12
C TYR A 48 -4.59 0.20 -5.60
N ILE A 49 -4.09 1.42 -5.66
CA ILE A 49 -2.73 1.66 -6.10
C ILE A 49 -1.88 2.22 -4.96
N PRO A 50 -0.62 1.78 -4.87
CA PRO A 50 0.29 2.26 -3.84
C PRO A 50 0.65 3.74 -4.04
N SER A 51 0.15 4.58 -3.14
CA SER A 51 0.39 6.02 -3.20
C SER A 51 1.87 6.37 -3.06
N ASN A 52 2.68 5.39 -2.65
CA ASN A 52 4.11 5.60 -2.48
C ASN A 52 4.86 5.20 -3.75
N TYR A 53 4.12 4.75 -4.76
CA TYR A 53 4.73 4.35 -6.02
C TYR A 53 4.30 5.27 -7.16
N VAL A 54 3.55 6.31 -6.82
CA VAL A 54 3.08 7.26 -7.81
C VAL A 54 3.39 8.69 -7.40
N ALA A 55 3.52 9.56 -8.38
CA ALA A 55 3.81 10.97 -8.13
C ALA A 55 2.94 11.85 -9.02
N PRO A 56 2.57 13.05 -8.53
CA PRO A 56 1.74 13.98 -9.28
C PRO A 56 2.46 14.55 -10.49
N VAL A 57 1.82 14.49 -11.65
CA VAL A 57 2.41 15.00 -12.88
C VAL A 57 2.29 16.52 -12.92
N MET B 1 0.81 -16.32 11.86
CA MET B 1 2.29 -16.40 11.97
C MET B 1 2.81 -15.41 13.00
N ALA B 2 2.65 -14.11 12.70
CA ALA B 2 3.12 -13.07 13.60
C ALA B 2 2.27 -11.82 13.46
N THR B 3 2.43 -10.88 14.38
CA THR B 3 1.68 -9.64 14.35
C THR B 3 2.54 -8.50 13.81
N VAL B 4 1.92 -7.57 13.11
CA VAL B 4 2.62 -6.42 12.54
C VAL B 4 2.08 -5.13 13.14
N LYS B 5 2.98 -4.26 13.57
CA LYS B 5 2.60 -2.98 14.16
C LYS B 5 2.82 -1.86 13.15
N PHE B 6 1.80 -1.04 12.96
CA PHE B 6 1.86 0.07 12.01
C PHE B 6 1.20 1.31 12.58
N LYS B 7 1.47 2.45 11.96
CA LYS B 7 0.90 3.72 12.40
C LYS B 7 -0.13 4.21 11.39
N TYR B 8 -1.32 3.62 11.43
CA TYR B 8 -2.39 4.00 10.51
C TYR B 8 -2.90 5.39 10.83
N LYS B 9 -2.44 6.37 10.06
CA LYS B 9 -2.82 7.77 10.23
C LYS B 9 -2.52 8.27 11.64
N GLY B 10 -1.46 7.74 12.23
CA GLY B 10 -1.07 8.14 13.57
C GLY B 10 -1.43 7.11 14.61
N GLU B 11 -2.49 6.34 14.36
CA GLU B 11 -2.94 5.33 15.31
C GLU B 11 -2.11 4.06 15.17
N GLU B 12 -1.33 3.75 16.20
CA GLU B 12 -0.52 2.54 16.19
C GLU B 12 -1.40 1.32 16.42
N LYS B 13 -1.47 0.46 15.43
CA LYS B 13 -2.30 -0.74 15.51
C LYS B 13 -1.48 -1.98 15.23
N GLN B 14 -1.94 -3.13 15.74
CA GLN B 14 -1.26 -4.39 15.54
C GLN B 14 -2.20 -5.42 14.92
N VAL B 15 -1.87 -5.85 13.72
CA VAL B 15 -2.68 -6.84 13.02
C VAL B 15 -1.80 -7.99 12.55
N ASP B 16 -2.34 -9.21 12.56
CA ASP B 16 -1.60 -10.39 12.14
C ASP B 16 -1.18 -10.28 10.68
N ILE B 17 0.05 -10.70 10.40
CA ILE B 17 0.59 -10.67 9.05
C ILE B 17 -0.20 -11.58 8.12
N SER B 18 -0.84 -12.57 8.71
CA SER B 18 -1.65 -13.53 7.96
C SER B 18 -2.99 -12.93 7.56
N LYS B 19 -3.23 -11.69 8.00
CA LYS B 19 -4.48 -11.00 7.68
C LYS B 19 -4.20 -9.84 6.75
N ILE B 20 -2.99 -9.82 6.18
CA ILE B 20 -2.58 -8.77 5.27
C ILE B 20 -2.74 -9.25 3.83
N VAL B 21 -3.46 -8.49 3.03
CA VAL B 21 -3.71 -8.85 1.64
C VAL B 21 -2.48 -8.63 0.76
N PHE B 22 -2.05 -7.37 0.63
CA PHE B 22 -0.89 -7.05 -0.20
C PHE B 22 0.03 -6.08 0.52
N VAL B 23 1.31 -6.13 0.16
CA VAL B 23 2.32 -5.26 0.76
C VAL B 23 3.19 -4.63 -0.33
N THR B 24 3.50 -3.35 -0.19
CA THR B 24 4.33 -2.64 -1.15
C THR B 24 5.36 -1.77 -0.45
N ARG B 25 6.63 -2.02 -0.74
CA ARG B 25 7.72 -1.26 -0.15
C ARG B 25 8.37 -0.36 -1.19
N TYR B 26 8.83 0.82 -0.77
CA TYR B 26 9.45 1.77 -1.67
C TYR B 26 10.83 2.22 -1.19
N GLY B 27 11.11 1.95 0.08
CA GLY B 27 12.39 2.35 0.64
C GLY B 27 12.25 3.60 1.48
N LYS B 28 11.01 3.90 1.84
CA LYS B 28 10.69 5.06 2.66
C LYS B 28 9.61 4.70 3.66
N GLN B 29 8.51 4.15 3.13
CA GLN B 29 7.38 3.74 3.94
C GLN B 29 6.73 2.49 3.34
N ILE B 30 6.50 1.49 4.17
CA ILE B 30 5.88 0.25 3.72
C ILE B 30 4.36 0.39 3.78
N PHE B 31 3.72 0.22 2.63
CA PHE B 31 2.27 0.33 2.56
C PHE B 31 1.63 -1.03 2.35
N PHE B 32 0.56 -1.31 3.08
CA PHE B 32 -0.15 -2.57 2.96
C PHE B 32 -1.60 -2.43 3.41
N ARG B 33 -2.40 -3.45 3.14
CA ARG B 33 -3.81 -3.45 3.53
C ARG B 33 -4.13 -4.72 4.29
N TYR B 34 -4.85 -4.58 5.39
CA TYR B 34 -5.22 -5.73 6.19
C TYR B 34 -6.74 -5.93 6.16
N ASP B 35 -7.17 -7.08 6.65
CA ASP B 35 -8.59 -7.40 6.68
C ASP B 35 -8.93 -8.07 8.01
N LEU B 36 -9.72 -7.39 8.83
CA LEU B 36 -10.11 -7.92 10.13
C LEU B 36 -11.44 -8.64 10.05
N GLY B 37 -11.49 -9.84 10.62
CA GLY B 37 -12.71 -10.64 10.61
C GLY B 37 -13.81 -10.02 11.46
N GLY B 38 -13.45 -9.02 12.25
CA GLY B 38 -14.40 -8.34 13.10
C GLY B 38 -15.43 -7.58 12.29
N GLY B 39 -15.11 -7.29 11.04
CA GLY B 39 -16.03 -6.56 10.19
C GLY B 39 -15.57 -5.15 9.90
N LYS B 40 -14.28 -5.00 9.61
CA LYS B 40 -13.72 -3.70 9.31
C LYS B 40 -12.29 -3.83 8.77
N PRO B 41 -12.10 -3.54 7.49
CA PRO B 41 -10.78 -3.59 6.87
C PRO B 41 -10.03 -2.26 7.07
N GLY B 42 -8.81 -2.18 6.57
CA GLY B 42 -8.06 -0.96 6.70
C GLY B 42 -6.70 -1.05 6.08
N PHE B 43 -6.00 0.06 6.03
CA PHE B 43 -4.67 0.10 5.46
C PHE B 43 -3.64 0.28 6.57
N GLY B 44 -2.38 0.10 6.24
CA GLY B 44 -1.33 0.25 7.22
C GLY B 44 -0.04 0.73 6.59
N VAL B 45 0.70 1.55 7.32
CA VAL B 45 1.96 2.08 6.83
C VAL B 45 3.03 2.04 7.92
N VAL B 46 4.20 1.52 7.57
CA VAL B 46 5.31 1.42 8.49
C VAL B 46 6.52 2.17 7.93
N SER B 47 7.01 3.14 8.68
CA SER B 47 8.16 3.92 8.26
C SER B 47 9.45 3.10 8.36
N GLU B 48 9.91 2.60 7.21
CA GLU B 48 11.13 1.80 7.15
C GLU B 48 12.36 2.68 7.31
N LYS B 49 12.48 3.26 8.49
CA LYS B 49 13.57 4.16 8.82
C LYS B 49 13.60 4.39 10.33
N ASP B 50 12.43 4.73 10.87
CA ASP B 50 12.28 4.99 12.29
C ASP B 50 11.81 3.74 13.04
N ALA B 51 11.09 2.88 12.33
CA ALA B 51 10.58 1.65 12.93
C ALA B 51 11.66 0.57 12.98
N PRO B 52 11.55 -0.37 13.95
CA PRO B 52 12.50 -1.46 14.10
C PRO B 52 12.62 -2.31 12.82
N LYS B 53 13.84 -2.75 12.52
CA LYS B 53 14.09 -3.54 11.33
C LYS B 53 13.30 -4.85 11.34
N GLU B 54 12.96 -5.34 12.52
CA GLU B 54 12.21 -6.58 12.65
C GLU B 54 10.88 -6.49 11.89
N LEU B 55 10.16 -5.40 12.10
CA LEU B 55 8.87 -5.19 11.44
C LEU B 55 9.04 -5.04 9.93
N LEU B 56 10.16 -4.46 9.54
CA LEU B 56 10.45 -4.24 8.13
C LEU B 56 10.78 -5.55 7.44
N GLN B 57 11.60 -6.37 8.09
CA GLN B 57 12.02 -7.65 7.54
C GLN B 57 10.87 -8.65 7.49
N LYS B 58 9.96 -8.55 8.45
CA LYS B 58 8.82 -9.47 8.50
C LYS B 58 7.76 -9.07 7.49
N LEU B 59 7.76 -7.80 7.10
CA LEU B 59 6.79 -7.32 6.11
C LEU B 59 7.28 -7.61 4.70
N GLU B 60 8.54 -7.27 4.44
CA GLU B 60 9.14 -7.50 3.13
C GLU B 60 9.66 -8.93 3.05
N LYS B 61 8.79 -9.84 2.64
CA LYS B 61 9.16 -11.24 2.51
C LYS B 61 9.62 -11.53 1.08
N GLN B 62 10.18 -12.70 0.87
CA GLN B 62 10.65 -13.08 -0.46
C GLN B 62 9.48 -13.46 -1.36
N LYS B 63 9.36 -12.75 -2.48
CA LYS B 63 8.28 -12.99 -3.45
C LYS B 63 6.91 -12.81 -2.80
N LYS B 64 6.76 -11.76 -2.00
CA LYS B 64 5.51 -11.49 -1.32
C LYS B 64 4.54 -10.76 -2.26
N THR A 1 -6.11 15.44 -9.73
CA THR A 1 -4.77 15.50 -10.35
C THR A 1 -4.32 14.11 -10.77
N LEU A 2 -3.51 14.04 -11.83
CA LEU A 2 -3.03 12.76 -12.32
C LEU A 2 -1.74 12.36 -11.62
N PHE A 3 -1.52 11.06 -11.51
CA PHE A 3 -0.32 10.53 -10.87
C PHE A 3 0.42 9.61 -11.83
N VAL A 4 1.74 9.69 -11.81
CA VAL A 4 2.56 8.86 -12.68
C VAL A 4 3.30 7.79 -11.87
N ALA A 5 3.37 6.60 -12.44
CA ALA A 5 4.04 5.48 -11.78
C ALA A 5 5.56 5.63 -11.83
N LEU A 6 6.18 5.61 -10.65
CA LEU A 6 7.63 5.74 -10.54
C LEU A 6 8.31 4.42 -10.88
N TYR A 7 7.60 3.32 -10.72
CA TYR A 7 8.14 2.00 -10.99
C TYR A 7 7.00 1.01 -11.26
N ASP A 8 7.36 -0.18 -11.72
CA ASP A 8 6.37 -1.23 -12.01
C ASP A 8 5.96 -1.91 -10.71
N TYR A 9 4.67 -2.04 -10.49
CA TYR A 9 4.16 -2.66 -9.28
C TYR A 9 3.63 -4.07 -9.54
N GLU A 10 4.05 -5.00 -8.70
CA GLU A 10 3.61 -6.39 -8.79
C GLU A 10 2.35 -6.58 -7.96
N ALA A 11 1.26 -6.96 -8.60
CA ALA A 11 -0.01 -7.15 -7.91
C ALA A 11 -0.06 -8.52 -7.22
N ARG A 12 -0.93 -8.63 -6.24
CA ARG A 12 -1.10 -9.86 -5.50
C ARG A 12 -2.54 -10.35 -5.63
N THR A 13 -3.48 -9.44 -5.48
CA THR A 13 -4.89 -9.78 -5.57
C THR A 13 -5.59 -8.97 -6.65
N GLU A 14 -6.91 -8.99 -6.66
CA GLU A 14 -7.68 -8.25 -7.66
C GLU A 14 -8.07 -6.88 -7.12
N ASP A 15 -7.70 -6.61 -5.87
CA ASP A 15 -8.00 -5.32 -5.25
C ASP A 15 -6.92 -4.31 -5.59
N ASP A 16 -5.69 -4.80 -5.65
CA ASP A 16 -4.56 -3.96 -6.00
C ASP A 16 -4.35 -4.05 -7.51
N LEU A 17 -3.90 -2.97 -8.12
CA LEU A 17 -3.73 -2.95 -9.56
C LEU A 17 -2.26 -2.88 -9.97
N SER A 18 -1.84 -3.85 -10.78
CA SER A 18 -0.48 -3.90 -11.27
C SER A 18 -0.33 -2.94 -12.45
N PHE A 19 0.73 -2.15 -12.45
CA PHE A 19 0.96 -1.19 -13.51
C PHE A 19 2.44 -1.11 -13.89
N HIS A 20 2.70 -0.55 -15.05
CA HIS A 20 4.06 -0.41 -15.54
C HIS A 20 4.62 0.96 -15.22
N LYS A 21 5.94 1.06 -15.20
CA LYS A 21 6.62 2.31 -14.91
C LYS A 21 6.32 3.34 -16.01
N GLY A 22 5.83 4.51 -15.59
CA GLY A 22 5.50 5.56 -16.53
C GLY A 22 4.03 5.64 -16.87
N GLU A 23 3.24 4.72 -16.32
CA GLU A 23 1.80 4.71 -16.57
C GLU A 23 1.10 5.83 -15.82
N LYS A 24 -0.06 6.24 -16.35
CA LYS A 24 -0.84 7.31 -15.74
C LYS A 24 -2.21 6.75 -15.32
N PHE A 25 -2.70 7.20 -14.19
CA PHE A 25 -3.99 6.73 -13.69
C PHE A 25 -4.83 7.88 -13.16
N GLN A 26 -6.13 7.72 -13.22
CA GLN A 26 -7.05 8.73 -12.72
C GLN A 26 -7.54 8.30 -11.34
N ILE A 27 -7.20 9.09 -10.33
CA ILE A 27 -7.58 8.79 -8.96
C ILE A 27 -9.07 9.03 -8.77
N LEU A 28 -9.80 7.95 -8.55
CA LEU A 28 -11.24 8.04 -8.36
C LEU A 28 -11.58 8.35 -6.92
N ASN A 29 -10.86 7.74 -5.99
CA ASN A 29 -11.12 7.97 -4.57
C ASN A 29 -9.81 8.06 -3.78
N SER A 30 -9.43 9.29 -3.43
CA SER A 30 -8.20 9.52 -2.67
C SER A 30 -8.54 9.85 -1.21
N SER A 31 -9.84 9.87 -0.91
CA SER A 31 -10.30 10.18 0.43
C SER A 31 -10.36 8.93 1.30
N GLU A 32 -9.83 7.83 0.80
CA GLU A 32 -9.82 6.57 1.53
C GLU A 32 -8.78 6.62 2.64
N GLY A 33 -7.53 6.85 2.26
CA GLY A 33 -6.46 6.93 3.22
C GLY A 33 -5.11 6.91 2.54
N ASP A 34 -4.33 5.89 2.85
CA ASP A 34 -3.01 5.75 2.26
C ASP A 34 -3.13 5.22 0.83
N TRP A 35 -3.87 4.13 0.67
CA TRP A 35 -4.08 3.55 -0.65
C TRP A 35 -5.29 4.20 -1.29
N TRP A 36 -5.18 4.58 -2.55
CA TRP A 36 -6.27 5.23 -3.25
C TRP A 36 -6.79 4.37 -4.38
N GLU A 37 -8.08 4.49 -4.66
CA GLU A 37 -8.70 3.75 -5.74
C GLU A 37 -8.56 4.57 -7.01
N ALA A 38 -7.85 4.02 -7.99
CA ALA A 38 -7.62 4.71 -9.23
C ALA A 38 -7.92 3.83 -10.43
N ARG A 39 -8.20 4.46 -11.54
CA ARG A 39 -8.49 3.74 -12.77
C ARG A 39 -7.37 4.00 -13.77
N SER A 40 -6.79 2.94 -14.30
CA SER A 40 -5.72 3.06 -15.26
C SER A 40 -6.21 3.77 -16.51
N LEU A 41 -5.40 4.69 -17.02
CA LEU A 41 -5.74 5.43 -18.22
C LEU A 41 -5.35 4.63 -19.45
N THR A 42 -4.58 3.57 -19.23
CA THR A 42 -4.12 2.71 -20.30
C THR A 42 -5.15 1.66 -20.66
N THR A 43 -5.39 0.72 -19.75
CA THR A 43 -6.35 -0.35 -20.01
C THR A 43 -7.76 0.07 -19.62
N GLY A 44 -7.89 0.66 -18.44
CA GLY A 44 -9.19 1.09 -17.95
C GLY A 44 -9.61 0.35 -16.71
N GLU A 45 -8.69 -0.46 -16.19
CA GLU A 45 -8.94 -1.24 -14.99
C GLU A 45 -8.96 -0.34 -13.76
N THR A 46 -9.75 -0.73 -12.76
CA THR A 46 -9.85 0.03 -11.53
C THR A 46 -9.33 -0.78 -10.36
N GLY A 47 -8.54 -0.15 -9.51
CA GLY A 47 -8.00 -0.84 -8.35
C GLY A 47 -7.23 0.09 -7.45
N TYR A 48 -6.70 -0.46 -6.37
CA TYR A 48 -5.94 0.34 -5.42
C TYR A 48 -4.48 0.39 -5.85
N ILE A 49 -3.90 1.57 -5.77
CA ILE A 49 -2.51 1.76 -6.15
C ILE A 49 -1.68 2.29 -4.99
N PRO A 50 -0.47 1.73 -4.80
CA PRO A 50 0.44 2.15 -3.73
C PRO A 50 0.88 3.60 -3.90
N SER A 51 0.62 4.41 -2.88
CA SER A 51 0.97 5.83 -2.91
C SER A 51 2.48 6.06 -2.94
N ASN A 52 3.24 5.04 -2.57
CA ASN A 52 4.70 5.15 -2.54
C ASN A 52 5.30 4.81 -3.90
N TYR A 53 4.45 4.36 -4.81
CA TYR A 53 4.88 4.00 -6.15
C TYR A 53 4.48 5.05 -7.16
N VAL A 54 3.72 6.04 -6.72
CA VAL A 54 3.26 7.10 -7.60
C VAL A 54 3.66 8.47 -7.08
N ALA A 55 3.82 9.41 -8.00
CA ALA A 55 4.18 10.77 -7.66
C ALA A 55 3.42 11.75 -8.53
N PRO A 56 3.19 12.98 -8.03
CA PRO A 56 2.48 14.02 -8.79
C PRO A 56 3.27 14.44 -10.03
N VAL A 57 2.57 14.96 -11.03
CA VAL A 57 3.21 15.40 -12.26
C VAL A 57 3.59 16.87 -12.15
N MET B 1 1.88 -15.44 14.96
CA MET B 1 2.56 -14.50 14.03
C MET B 1 2.88 -13.20 14.76
N ALA B 2 3.61 -12.32 14.08
CA ALA B 2 4.01 -11.04 14.66
C ALA B 2 2.96 -9.95 14.45
N THR B 3 3.13 -8.84 15.15
CA THR B 3 2.23 -7.71 15.06
C THR B 3 2.92 -6.53 14.37
N VAL B 4 2.17 -5.76 13.60
CA VAL B 4 2.74 -4.62 12.89
C VAL B 4 2.23 -3.30 13.46
N LYS B 5 3.17 -2.40 13.74
CA LYS B 5 2.84 -1.07 14.27
C LYS B 5 2.95 -0.03 13.17
N PHE B 6 1.86 0.65 12.88
CA PHE B 6 1.84 1.65 11.83
C PHE B 6 1.15 2.92 12.30
N LYS B 7 1.27 3.97 11.50
CA LYS B 7 0.66 5.26 11.81
C LYS B 7 -0.38 5.63 10.75
N TYR B 8 -1.42 4.81 10.65
CA TYR B 8 -2.49 5.02 9.69
C TYR B 8 -3.15 6.38 9.90
N LYS B 9 -2.98 7.28 8.93
CA LYS B 9 -3.56 8.63 8.99
C LYS B 9 -3.08 9.39 10.23
N GLY B 10 -1.94 8.96 10.79
CA GLY B 10 -1.40 9.62 11.96
C GLY B 10 -1.77 8.89 13.24
N GLU B 11 -2.61 7.88 13.13
CA GLU B 11 -3.05 7.12 14.29
C GLU B 11 -2.18 5.87 14.47
N GLU B 12 -1.50 5.79 15.61
CA GLU B 12 -0.65 4.64 15.92
C GLU B 12 -1.52 3.43 16.22
N LYS B 13 -1.45 2.43 15.36
CA LYS B 13 -2.23 1.21 15.55
C LYS B 13 -1.37 -0.02 15.32
N GLN B 14 -1.75 -1.11 15.96
CA GLN B 14 -1.02 -2.36 15.84
C GLN B 14 -1.97 -3.47 15.40
N VAL B 15 -1.68 -4.08 14.26
CA VAL B 15 -2.50 -5.15 13.70
C VAL B 15 -1.62 -6.35 13.35
N ASP B 16 -2.15 -7.55 13.57
CA ASP B 16 -1.43 -8.78 13.27
C ASP B 16 -1.12 -8.85 11.77
N ILE B 17 0.10 -9.25 11.44
CA ILE B 17 0.52 -9.34 10.04
C ILE B 17 -0.31 -10.38 9.28
N SER B 18 -0.89 -11.32 10.02
CA SER B 18 -1.71 -12.36 9.43
C SER B 18 -3.02 -11.81 8.88
N LYS B 19 -3.31 -10.54 9.19
CA LYS B 19 -4.54 -9.90 8.73
C LYS B 19 -4.24 -8.89 7.62
N ILE B 20 -3.06 -8.99 7.05
CA ILE B 20 -2.65 -8.10 5.97
C ILE B 20 -2.76 -8.82 4.63
N VAL B 21 -3.34 -8.17 3.64
CA VAL B 21 -3.53 -8.76 2.32
C VAL B 21 -2.24 -8.68 1.50
N PHE B 22 -1.79 -7.46 1.21
CA PHE B 22 -0.59 -7.26 0.42
C PHE B 22 0.30 -6.20 1.06
N VAL B 23 1.60 -6.31 0.82
CA VAL B 23 2.58 -5.37 1.36
C VAL B 23 3.45 -4.83 0.22
N THR B 24 3.58 -3.52 0.14
CA THR B 24 4.37 -2.89 -0.90
C THR B 24 5.45 -1.98 -0.33
N ARG B 25 6.69 -2.19 -0.76
CA ARG B 25 7.81 -1.39 -0.31
C ARG B 25 8.49 -0.74 -1.51
N TYR B 26 9.00 0.47 -1.34
CA TYR B 26 9.64 1.18 -2.43
C TYR B 26 11.06 1.64 -2.04
N GLY B 27 11.36 1.64 -0.76
CA GLY B 27 12.66 2.07 -0.30
C GLY B 27 12.60 3.46 0.30
N LYS B 28 11.46 3.76 0.91
CA LYS B 28 11.20 5.05 1.54
C LYS B 28 10.13 4.87 2.63
N GLN B 29 9.00 4.34 2.21
CA GLN B 29 7.87 4.09 3.09
C GLN B 29 7.16 2.80 2.67
N ILE B 30 6.77 1.98 3.65
CA ILE B 30 6.07 0.74 3.37
C ILE B 30 4.57 0.95 3.48
N PHE B 31 3.84 0.48 2.49
CA PHE B 31 2.39 0.62 2.47
C PHE B 31 1.73 -0.74 2.36
N PHE B 32 0.62 -0.92 3.06
CA PHE B 32 -0.12 -2.18 3.02
C PHE B 32 -1.59 -1.97 3.35
N ARG B 33 -2.38 -3.03 3.21
CA ARG B 33 -3.81 -2.99 3.49
C ARG B 33 -4.19 -4.16 4.39
N TYR B 34 -4.95 -3.88 5.44
CA TYR B 34 -5.36 -4.92 6.37
C TYR B 34 -6.87 -4.95 6.53
N ASP B 35 -7.35 -6.05 7.09
CA ASP B 35 -8.77 -6.24 7.33
C ASP B 35 -8.99 -6.85 8.71
N LEU B 36 -9.82 -6.20 9.52
CA LEU B 36 -10.10 -6.72 10.85
C LEU B 36 -11.45 -7.42 10.87
N GLY B 37 -11.49 -8.58 11.50
CA GLY B 37 -12.72 -9.37 11.57
C GLY B 37 -13.86 -8.61 12.23
N GLY B 38 -13.53 -7.68 13.11
CA GLY B 38 -14.53 -6.90 13.79
C GLY B 38 -15.17 -5.84 12.91
N GLY B 39 -14.86 -5.88 11.62
CA GLY B 39 -15.42 -4.94 10.68
C GLY B 39 -14.68 -3.62 10.68
N LYS B 40 -13.37 -3.67 10.47
CA LYS B 40 -12.55 -2.47 10.45
C LYS B 40 -11.38 -2.63 9.48
N PRO B 41 -11.64 -2.49 8.18
CA PRO B 41 -10.61 -2.59 7.17
C PRO B 41 -9.91 -1.25 6.96
N GLY B 42 -8.63 -1.28 6.61
CA GLY B 42 -7.92 -0.04 6.41
C GLY B 42 -6.56 -0.24 5.78
N PHE B 43 -5.73 0.78 5.86
CA PHE B 43 -4.40 0.73 5.29
C PHE B 43 -3.37 1.01 6.37
N GLY B 44 -2.09 0.95 6.00
CA GLY B 44 -1.04 1.20 6.96
C GLY B 44 0.23 1.66 6.28
N VAL B 45 0.90 2.62 6.89
CA VAL B 45 2.13 3.16 6.37
C VAL B 45 3.23 3.12 7.44
N VAL B 46 4.37 2.56 7.08
CA VAL B 46 5.51 2.47 7.98
C VAL B 46 6.74 3.07 7.32
N SER B 47 7.28 4.10 7.95
CA SER B 47 8.47 4.77 7.43
C SER B 47 9.69 3.86 7.53
N GLU B 48 10.38 3.66 6.41
CA GLU B 48 11.56 2.80 6.37
C GLU B 48 12.77 3.50 6.99
N LYS B 49 12.56 4.75 7.41
CA LYS B 49 13.64 5.54 8.00
C LYS B 49 13.39 5.77 9.48
N ASP B 50 12.15 6.04 9.84
CA ASP B 50 11.79 6.32 11.24
C ASP B 50 11.54 5.04 12.03
N ALA B 51 11.10 3.99 11.36
CA ALA B 51 10.82 2.74 12.04
C ALA B 51 12.03 1.82 12.03
N PRO B 52 12.22 1.02 13.09
CA PRO B 52 13.34 0.08 13.20
C PRO B 52 13.31 -0.96 12.09
N LYS B 53 14.47 -1.50 11.75
CA LYS B 53 14.58 -2.49 10.69
C LYS B 53 13.80 -3.75 11.04
N GLU B 54 13.60 -3.99 12.34
CA GLU B 54 12.85 -5.17 12.80
C GLU B 54 11.45 -5.19 12.18
N LEU B 55 10.81 -4.04 12.16
CA LEU B 55 9.46 -3.92 11.61
C LEU B 55 9.49 -4.07 10.10
N LEU B 56 10.49 -3.47 9.48
CA LEU B 56 10.64 -3.52 8.03
C LEU B 56 10.91 -4.94 7.55
N GLN B 57 11.68 -5.68 8.33
CA GLN B 57 12.03 -7.06 8.00
C GLN B 57 10.84 -7.99 8.23
N LYS B 58 9.94 -7.58 9.11
CA LYS B 58 8.76 -8.39 9.40
C LYS B 58 7.71 -8.19 8.33
N LEU B 59 7.61 -6.96 7.82
CA LEU B 59 6.64 -6.63 6.79
C LEU B 59 7.04 -7.20 5.43
N GLU B 60 8.31 -7.05 5.07
CA GLU B 60 8.80 -7.56 3.80
C GLU B 60 9.14 -9.04 3.92
N LYS B 61 8.35 -9.86 3.26
CA LYS B 61 8.57 -11.30 3.27
C LYS B 61 8.82 -11.80 1.86
N GLN B 62 9.33 -13.02 1.74
CA GLN B 62 9.61 -13.62 0.44
C GLN B 62 8.33 -13.69 -0.39
N LYS B 63 8.47 -13.39 -1.68
CA LYS B 63 7.34 -13.39 -2.61
C LYS B 63 6.33 -12.33 -2.21
N LYS B 64 6.62 -11.10 -2.56
CA LYS B 64 5.74 -9.99 -2.24
C LYS B 64 4.76 -9.75 -3.39
N THR A 1 -6.11 15.47 -10.56
CA THR A 1 -4.63 15.44 -10.56
C THR A 1 -4.12 14.11 -11.12
N LEU A 2 -3.38 14.19 -12.24
CA LEU A 2 -2.84 12.99 -12.86
C LEU A 2 -1.59 12.52 -12.13
N PHE A 3 -1.53 11.22 -11.88
CA PHE A 3 -0.40 10.63 -11.19
C PHE A 3 0.30 9.64 -12.11
N VAL A 4 1.62 9.63 -12.07
CA VAL A 4 2.41 8.72 -12.90
C VAL A 4 3.12 7.70 -12.03
N ALA A 5 3.14 6.45 -12.49
CA ALA A 5 3.80 5.37 -11.77
C ALA A 5 5.31 5.53 -11.81
N LEU A 6 5.93 5.62 -10.64
CA LEU A 6 7.36 5.77 -10.53
C LEU A 6 8.07 4.45 -10.85
N TYR A 7 7.50 3.36 -10.39
CA TYR A 7 8.05 2.04 -10.63
C TYR A 7 6.93 1.03 -10.84
N ASP A 8 7.29 -0.13 -11.37
CA ASP A 8 6.31 -1.19 -11.63
C ASP A 8 5.94 -1.88 -10.32
N TYR A 9 4.70 -2.33 -10.22
CA TYR A 9 4.25 -3.01 -9.01
C TYR A 9 3.64 -4.36 -9.34
N GLU A 10 4.14 -5.40 -8.69
CA GLU A 10 3.64 -6.74 -8.89
C GLU A 10 2.40 -6.96 -8.02
N ALA A 11 1.26 -7.14 -8.67
CA ALA A 11 -0.01 -7.33 -7.96
C ALA A 11 -0.02 -8.67 -7.23
N ARG A 12 -0.72 -8.71 -6.12
CA ARG A 12 -0.82 -9.94 -5.33
C ARG A 12 -2.22 -10.53 -5.42
N THR A 13 -3.23 -9.68 -5.45
CA THR A 13 -4.59 -10.13 -5.52
C THR A 13 -5.35 -9.43 -6.65
N GLU A 14 -6.67 -9.51 -6.61
CA GLU A 14 -7.50 -8.87 -7.62
C GLU A 14 -8.05 -7.54 -7.09
N ASP A 15 -7.58 -7.16 -5.91
CA ASP A 15 -8.01 -5.92 -5.29
C ASP A 15 -7.03 -4.81 -5.61
N ASP A 16 -5.76 -5.17 -5.66
CA ASP A 16 -4.70 -4.25 -6.00
C ASP A 16 -4.51 -4.27 -7.51
N LEU A 17 -4.18 -3.12 -8.08
CA LEU A 17 -4.02 -3.03 -9.52
C LEU A 17 -2.55 -3.10 -9.93
N SER A 18 -2.29 -3.89 -10.97
CA SER A 18 -0.96 -4.06 -11.50
C SER A 18 -0.66 -2.96 -12.52
N PHE A 19 0.52 -2.36 -12.40
CA PHE A 19 0.92 -1.30 -13.32
C PHE A 19 2.42 -1.32 -13.56
N HIS A 20 2.85 -0.62 -14.60
CA HIS A 20 4.25 -0.56 -14.95
C HIS A 20 4.77 0.87 -14.88
N LYS A 21 6.07 1.00 -15.03
CA LYS A 21 6.74 2.30 -15.00
C LYS A 21 6.22 3.22 -16.09
N GLY A 22 5.64 4.35 -15.69
CA GLY A 22 5.13 5.30 -16.66
C GLY A 22 3.61 5.28 -16.77
N GLU A 23 2.96 4.39 -16.03
CA GLU A 23 1.51 4.27 -16.07
C GLU A 23 0.83 5.55 -15.56
N LYS A 24 -0.18 6.01 -16.29
CA LYS A 24 -0.93 7.20 -15.92
C LYS A 24 -2.17 6.79 -15.14
N PHE A 25 -2.29 7.29 -13.92
CA PHE A 25 -3.42 6.95 -13.07
C PHE A 25 -4.29 8.14 -12.74
N GLN A 26 -5.60 7.95 -12.87
CA GLN A 26 -6.57 8.97 -12.54
C GLN A 26 -7.17 8.62 -11.18
N ILE A 27 -6.76 9.34 -10.15
CA ILE A 27 -7.22 9.08 -8.80
C ILE A 27 -8.73 9.31 -8.68
N LEU A 28 -9.45 8.25 -8.35
CA LEU A 28 -10.89 8.33 -8.20
C LEU A 28 -11.27 8.58 -6.75
N ASN A 29 -10.50 8.00 -5.84
CA ASN A 29 -10.77 8.16 -4.41
C ASN A 29 -9.48 8.19 -3.61
N SER A 30 -9.04 9.40 -3.26
CA SER A 30 -7.83 9.56 -2.45
C SER A 30 -8.20 9.75 -0.98
N SER A 31 -9.49 9.71 -0.70
CA SER A 31 -9.98 9.89 0.66
C SER A 31 -10.04 8.56 1.39
N GLU A 32 -9.66 7.48 0.71
CA GLU A 32 -9.65 6.15 1.30
C GLU A 32 -8.68 6.08 2.47
N GLY A 33 -7.49 6.60 2.24
CA GLY A 33 -6.46 6.61 3.26
C GLY A 33 -5.09 6.67 2.64
N ASP A 34 -4.30 5.63 2.86
CA ASP A 34 -2.95 5.57 2.29
C ASP A 34 -2.98 4.88 0.94
N TRP A 35 -3.94 3.98 0.77
CA TRP A 35 -4.10 3.28 -0.49
C TRP A 35 -5.30 3.86 -1.22
N TRP A 36 -5.03 4.55 -2.30
CA TRP A 36 -6.08 5.20 -3.06
C TRP A 36 -6.58 4.32 -4.18
N GLU A 37 -7.82 4.55 -4.58
CA GLU A 37 -8.41 3.83 -5.68
C GLU A 37 -8.32 4.71 -6.93
N ALA A 38 -7.70 4.19 -7.96
CA ALA A 38 -7.54 4.94 -9.20
C ALA A 38 -7.83 4.09 -10.43
N ARG A 39 -8.07 4.77 -11.53
CA ARG A 39 -8.34 4.11 -12.79
C ARG A 39 -7.21 4.39 -13.76
N SER A 40 -6.74 3.36 -14.44
CA SER A 40 -5.67 3.51 -15.41
C SER A 40 -6.15 4.26 -16.63
N LEU A 41 -5.30 5.13 -17.16
CA LEU A 41 -5.64 5.91 -18.35
C LEU A 41 -5.08 5.23 -19.59
N THR A 42 -4.44 4.09 -19.38
CA THR A 42 -3.88 3.33 -20.47
C THR A 42 -4.74 2.10 -20.77
N THR A 43 -5.09 1.36 -19.74
CA THR A 43 -5.91 0.17 -19.91
C THR A 43 -7.36 0.46 -19.54
N GLY A 44 -7.54 1.18 -18.44
CA GLY A 44 -8.88 1.51 -17.99
C GLY A 44 -9.28 0.73 -16.76
N GLU A 45 -8.39 -0.13 -16.29
CA GLU A 45 -8.66 -0.94 -15.10
C GLU A 45 -8.75 -0.08 -13.85
N THR A 46 -9.54 -0.53 -12.88
CA THR A 46 -9.72 0.21 -11.63
C THR A 46 -9.35 -0.67 -10.44
N GLY A 47 -8.59 -0.12 -9.52
CA GLY A 47 -8.19 -0.86 -8.34
C GLY A 47 -7.41 -0.02 -7.36
N TYR A 48 -7.03 -0.60 -6.24
CA TYR A 48 -6.27 0.12 -5.22
C TYR A 48 -4.79 0.17 -5.60
N ILE A 49 -4.20 1.34 -5.49
CA ILE A 49 -2.80 1.51 -5.83
C ILE A 49 -2.02 2.18 -4.70
N PRO A 50 -0.75 1.80 -4.52
CA PRO A 50 0.11 2.38 -3.48
C PRO A 50 0.52 3.81 -3.82
N SER A 51 0.30 4.72 -2.89
CA SER A 51 0.62 6.13 -3.08
C SER A 51 2.12 6.38 -3.11
N ASN A 52 2.90 5.42 -2.64
CA ASN A 52 4.35 5.56 -2.61
C ASN A 52 4.98 5.16 -3.94
N TYR A 53 4.15 4.75 -4.88
CA TYR A 53 4.65 4.34 -6.19
C TYR A 53 4.15 5.27 -7.29
N VAL A 54 3.43 6.32 -6.90
CA VAL A 54 2.89 7.26 -7.86
C VAL A 54 3.23 8.69 -7.47
N ALA A 55 3.47 9.52 -8.47
CA ALA A 55 3.80 10.92 -8.26
C ALA A 55 2.97 11.80 -9.19
N PRO A 56 2.55 12.99 -8.72
CA PRO A 56 1.74 13.92 -9.52
C PRO A 56 2.53 14.49 -10.70
N VAL A 57 1.93 14.46 -11.88
CA VAL A 57 2.56 14.98 -13.08
C VAL A 57 2.33 16.48 -13.20
N MET B 1 0.87 -14.29 14.16
CA MET B 1 2.26 -14.43 13.70
C MET B 1 3.14 -13.31 14.25
N ALA B 2 2.87 -12.09 13.80
CA ALA B 2 3.65 -10.94 14.25
C ALA B 2 2.81 -9.67 14.14
N THR B 3 2.75 -8.92 15.23
CA THR B 3 1.99 -7.67 15.27
C THR B 3 2.84 -6.51 14.80
N VAL B 4 2.54 -6.01 13.61
CA VAL B 4 3.29 -4.90 13.03
C VAL B 4 2.68 -3.57 13.47
N LYS B 5 3.53 -2.67 13.93
CA LYS B 5 3.09 -1.35 14.37
C LYS B 5 3.24 -0.34 13.24
N PHE B 6 2.20 0.43 13.01
CA PHE B 6 2.21 1.43 11.96
C PHE B 6 1.40 2.65 12.38
N LYS B 7 1.49 3.72 11.61
CA LYS B 7 0.75 4.94 11.90
C LYS B 7 -0.17 5.28 10.74
N TYR B 8 -1.46 5.05 10.93
CA TYR B 8 -2.44 5.32 9.89
C TYR B 8 -3.13 6.65 10.13
N LYS B 9 -2.86 7.61 9.26
CA LYS B 9 -3.45 8.95 9.33
C LYS B 9 -3.23 9.61 10.69
N GLY B 10 -2.09 9.33 11.30
CA GLY B 10 -1.77 9.90 12.59
C GLY B 10 -2.21 9.04 13.76
N GLU B 11 -2.74 7.86 13.48
CA GLU B 11 -3.18 6.95 14.52
C GLU B 11 -2.26 5.74 14.62
N GLU B 12 -1.69 5.51 15.80
CA GLU B 12 -0.81 4.37 16.01
C GLU B 12 -1.63 3.09 16.12
N LYS B 13 -1.37 2.14 15.25
CA LYS B 13 -2.10 0.89 15.26
C LYS B 13 -1.14 -0.30 15.12
N GLN B 14 -1.57 -1.44 15.64
CA GLN B 14 -0.77 -2.66 15.59
C GLN B 14 -1.63 -3.80 15.07
N VAL B 15 -1.29 -4.31 13.91
CA VAL B 15 -2.04 -5.41 13.30
C VAL B 15 -1.10 -6.52 12.87
N ASP B 16 -1.56 -7.76 13.01
CA ASP B 16 -0.77 -8.93 12.64
C ASP B 16 -0.51 -8.93 11.15
N ILE B 17 0.72 -9.28 10.77
CA ILE B 17 1.11 -9.34 9.37
C ILE B 17 0.27 -10.36 8.60
N SER B 18 -0.30 -11.31 9.33
CA SER B 18 -1.13 -12.33 8.72
C SER B 18 -2.46 -11.75 8.25
N LYS B 19 -2.81 -10.59 8.79
CA LYS B 19 -4.05 -9.91 8.42
C LYS B 19 -3.80 -8.90 7.31
N ILE B 20 -2.54 -8.82 6.87
CA ILE B 20 -2.16 -7.90 5.81
C ILE B 20 -2.19 -8.64 4.47
N VAL B 21 -2.95 -8.09 3.52
CA VAL B 21 -3.09 -8.70 2.20
C VAL B 21 -1.84 -8.47 1.35
N PHE B 22 -1.72 -7.26 0.80
CA PHE B 22 -0.58 -6.94 -0.04
C PHE B 22 0.31 -5.89 0.61
N VAL B 23 1.60 -5.94 0.27
CA VAL B 23 2.59 -5.02 0.81
C VAL B 23 3.40 -4.39 -0.34
N THR B 24 3.73 -3.11 -0.20
CA THR B 24 4.51 -2.42 -1.24
C THR B 24 5.64 -1.59 -0.62
N ARG B 25 6.86 -1.87 -1.04
CA ARG B 25 8.03 -1.15 -0.54
C ARG B 25 8.61 -0.25 -1.64
N TYR B 26 9.10 0.92 -1.26
CA TYR B 26 9.67 1.85 -2.23
C TYR B 26 11.10 2.25 -1.86
N GLY B 27 11.46 2.06 -0.61
CA GLY B 27 12.79 2.44 -0.16
C GLY B 27 12.76 3.71 0.65
N LYS B 28 11.57 4.01 1.18
CA LYS B 28 11.34 5.20 1.98
C LYS B 28 10.31 4.86 3.06
N GLN B 29 9.18 4.35 2.61
CA GLN B 29 8.09 3.96 3.49
C GLN B 29 7.35 2.76 2.91
N ILE B 30 7.00 1.82 3.75
CA ILE B 30 6.30 0.62 3.31
C ILE B 30 4.80 0.82 3.47
N PHE B 31 4.06 0.59 2.40
CA PHE B 31 2.62 0.74 2.41
C PHE B 31 1.93 -0.62 2.28
N PHE B 32 0.86 -0.82 3.05
CA PHE B 32 0.14 -2.08 3.00
C PHE B 32 -1.32 -1.90 3.42
N ARG B 33 -2.10 -2.95 3.26
CA ARG B 33 -3.51 -2.93 3.62
C ARG B 33 -3.84 -4.14 4.47
N TYR B 34 -4.60 -3.94 5.53
CA TYR B 34 -4.95 -5.01 6.43
C TYR B 34 -6.46 -5.17 6.54
N ASP B 35 -6.89 -6.36 6.91
CA ASP B 35 -8.30 -6.67 7.07
C ASP B 35 -8.54 -7.27 8.45
N LEU B 36 -9.31 -6.58 9.28
CA LEU B 36 -9.59 -7.05 10.62
C LEU B 36 -10.89 -7.84 10.69
N GLY B 37 -10.87 -8.93 11.45
CA GLY B 37 -12.05 -9.76 11.60
C GLY B 37 -13.15 -9.07 12.38
N GLY B 38 -12.81 -7.93 12.97
CA GLY B 38 -13.78 -7.17 13.75
C GLY B 38 -14.80 -6.50 12.85
N GLY B 39 -14.57 -6.56 11.54
CA GLY B 39 -15.50 -5.96 10.60
C GLY B 39 -15.08 -4.57 10.21
N LYS B 40 -13.77 -4.33 10.17
CA LYS B 40 -13.25 -3.03 9.82
C LYS B 40 -11.86 -3.14 9.22
N PRO B 41 -11.74 -3.01 7.89
CA PRO B 41 -10.46 -3.07 7.20
C PRO B 41 -9.78 -1.69 7.16
N GLY B 42 -8.53 -1.65 6.76
CA GLY B 42 -7.82 -0.39 6.70
C GLY B 42 -6.47 -0.49 6.02
N PHE B 43 -5.72 0.60 6.08
CA PHE B 43 -4.40 0.66 5.47
C PHE B 43 -3.36 1.03 6.52
N GLY B 44 -2.09 0.85 6.19
CA GLY B 44 -1.04 1.19 7.12
C GLY B 44 0.27 1.49 6.42
N VAL B 45 1.08 2.35 7.03
CA VAL B 45 2.36 2.73 6.47
C VAL B 45 3.45 2.66 7.54
N VAL B 46 4.57 2.03 7.19
CA VAL B 46 5.69 1.88 8.11
C VAL B 46 6.93 2.59 7.57
N SER B 47 7.64 3.30 8.44
CA SER B 47 8.84 4.01 8.05
C SER B 47 10.00 3.03 7.84
N GLU B 48 10.69 3.16 6.72
CA GLU B 48 11.82 2.28 6.40
C GLU B 48 13.11 2.78 7.06
N LYS B 49 13.00 3.85 7.84
CA LYS B 49 14.17 4.40 8.51
C LYS B 49 13.99 4.37 10.02
N ASP B 50 12.81 4.76 10.47
CA ASP B 50 12.51 4.82 11.90
C ASP B 50 12.20 3.45 12.49
N ALA B 51 11.31 2.71 11.83
CA ALA B 51 10.91 1.39 12.32
C ALA B 51 12.06 0.38 12.24
N PRO B 52 12.05 -0.63 13.14
CA PRO B 52 13.08 -1.66 13.17
C PRO B 52 13.14 -2.47 11.88
N LYS B 53 14.34 -2.83 11.47
CA LYS B 53 14.55 -3.60 10.25
C LYS B 53 13.91 -4.97 10.37
N GLU B 54 13.71 -5.42 11.60
CA GLU B 54 13.08 -6.70 11.89
C GLU B 54 11.70 -6.76 11.23
N LEU B 55 10.94 -5.69 11.37
CA LEU B 55 9.60 -5.61 10.79
C LEU B 55 9.68 -5.38 9.29
N LEU B 56 10.68 -4.62 8.87
CA LEU B 56 10.86 -4.31 7.45
C LEU B 56 11.14 -5.58 6.66
N GLN B 57 11.97 -6.45 7.21
CA GLN B 57 12.33 -7.70 6.55
C GLN B 57 11.18 -8.69 6.60
N LYS B 58 10.22 -8.44 7.48
CA LYS B 58 9.05 -9.29 7.60
C LYS B 58 8.00 -8.86 6.61
N LEU B 59 7.87 -7.55 6.43
CA LEU B 59 6.91 -7.00 5.49
C LEU B 59 7.33 -7.32 4.06
N GLU B 60 8.62 -7.21 3.79
CA GLU B 60 9.14 -7.51 2.47
C GLU B 60 9.42 -9.01 2.37
N LYS B 61 8.39 -9.75 2.02
CA LYS B 61 8.50 -11.19 1.87
C LYS B 61 9.08 -11.51 0.51
N GLN B 62 10.08 -12.38 0.48
CA GLN B 62 10.71 -12.78 -0.77
C GLN B 62 9.68 -13.40 -1.70
N LYS B 63 9.61 -12.88 -2.93
CA LYS B 63 8.65 -13.34 -3.94
C LYS B 63 7.25 -12.86 -3.61
N LYS B 64 7.14 -11.55 -3.39
CA LYS B 64 5.87 -10.93 -3.06
C LYS B 64 5.04 -10.69 -4.32
N THR A 1 -5.34 16.62 -11.40
CA THR A 1 -3.94 16.23 -11.22
C THR A 1 -3.73 14.77 -11.57
N LEU A 2 -2.81 14.51 -12.50
CA LEU A 2 -2.52 13.15 -12.91
C LEU A 2 -1.45 12.53 -12.03
N PHE A 3 -1.35 11.22 -12.03
CA PHE A 3 -0.35 10.52 -11.23
C PHE A 3 0.39 9.51 -12.09
N VAL A 4 1.71 9.60 -12.09
CA VAL A 4 2.53 8.69 -12.88
C VAL A 4 3.28 7.71 -11.98
N ALA A 5 3.38 6.46 -12.43
CA ALA A 5 4.06 5.42 -11.67
C ALA A 5 5.58 5.58 -11.75
N LEU A 6 6.23 5.62 -10.58
CA LEU A 6 7.67 5.78 -10.50
C LEU A 6 8.37 4.43 -10.49
N TYR A 7 7.63 3.40 -10.13
CA TYR A 7 8.16 2.04 -10.08
C TYR A 7 7.12 1.06 -10.58
N ASP A 8 7.55 -0.12 -10.98
CA ASP A 8 6.66 -1.17 -11.47
C ASP A 8 6.13 -1.97 -10.29
N TYR A 9 4.88 -2.42 -10.39
CA TYR A 9 4.27 -3.20 -9.32
C TYR A 9 3.36 -4.29 -9.88
N GLU A 10 3.55 -5.50 -9.39
CA GLU A 10 2.76 -6.65 -9.79
C GLU A 10 1.67 -6.91 -8.77
N ALA A 11 0.41 -6.94 -9.20
CA ALA A 11 -0.71 -7.17 -8.30
C ALA A 11 -0.65 -8.58 -7.72
N ARG A 12 -0.99 -8.68 -6.44
CA ARG A 12 -0.98 -9.96 -5.74
C ARG A 12 -2.41 -10.45 -5.54
N THR A 13 -3.34 -9.51 -5.53
CA THR A 13 -4.75 -9.83 -5.35
C THR A 13 -5.60 -9.08 -6.38
N GLU A 14 -6.91 -9.05 -6.15
CA GLU A 14 -7.81 -8.35 -7.08
C GLU A 14 -8.05 -6.93 -6.59
N ASP A 15 -7.76 -6.68 -5.33
CA ASP A 15 -7.94 -5.36 -4.74
C ASP A 15 -6.91 -4.41 -5.32
N ASP A 16 -5.68 -4.87 -5.39
CA ASP A 16 -4.59 -4.08 -5.93
C ASP A 16 -4.51 -4.30 -7.44
N LEU A 17 -3.81 -3.42 -8.15
CA LEU A 17 -3.70 -3.52 -9.60
C LEU A 17 -2.25 -3.42 -10.05
N SER A 18 -1.91 -4.15 -11.11
CA SER A 18 -0.56 -4.12 -11.66
C SER A 18 -0.37 -2.92 -12.57
N PHE A 19 0.84 -2.38 -12.58
CA PHE A 19 1.16 -1.24 -13.41
C PHE A 19 2.65 -1.18 -13.66
N HIS A 20 3.04 -0.56 -14.76
CA HIS A 20 4.44 -0.45 -15.12
C HIS A 20 4.95 0.96 -14.88
N LYS A 21 6.26 1.09 -14.75
CA LYS A 21 6.88 2.38 -14.52
C LYS A 21 6.64 3.32 -15.70
N GLY A 22 5.94 4.41 -15.44
CA GLY A 22 5.64 5.35 -16.49
C GLY A 22 4.16 5.39 -16.82
N GLU A 23 3.40 4.51 -16.20
CA GLU A 23 1.96 4.45 -16.42
C GLU A 23 1.25 5.55 -15.64
N LYS A 24 0.12 6.01 -16.17
CA LYS A 24 -0.65 7.07 -15.53
C LYS A 24 -2.07 6.60 -15.22
N PHE A 25 -2.59 7.04 -14.10
CA PHE A 25 -3.94 6.67 -13.68
C PHE A 25 -4.71 7.88 -13.17
N GLN A 26 -6.02 7.78 -13.17
CA GLN A 26 -6.88 8.84 -12.68
C GLN A 26 -7.40 8.47 -11.30
N ILE A 27 -7.03 9.25 -10.30
CA ILE A 27 -7.44 9.01 -8.92
C ILE A 27 -8.93 9.23 -8.75
N LEU A 28 -9.64 8.19 -8.33
CA LEU A 28 -11.07 8.29 -8.11
C LEU A 28 -11.38 8.61 -6.66
N ASN A 29 -10.63 7.98 -5.75
CA ASN A 29 -10.84 8.21 -4.33
C ASN A 29 -9.52 8.13 -3.56
N SER A 30 -9.02 9.28 -3.15
CA SER A 30 -7.78 9.36 -2.40
C SER A 30 -8.07 9.59 -0.92
N SER A 31 -9.34 9.68 -0.57
CA SER A 31 -9.76 9.92 0.79
C SER A 31 -9.98 8.61 1.57
N GLU A 32 -9.66 7.49 0.95
CA GLU A 32 -9.83 6.19 1.59
C GLU A 32 -8.70 5.91 2.58
N GLY A 33 -7.50 6.37 2.25
CA GLY A 33 -6.37 6.14 3.12
C GLY A 33 -5.05 6.21 2.38
N ASP A 34 -4.24 5.17 2.53
CA ASP A 34 -2.93 5.13 1.87
C ASP A 34 -3.06 4.55 0.48
N TRP A 35 -3.82 3.48 0.35
CA TRP A 35 -4.05 2.86 -0.94
C TRP A 35 -5.25 3.52 -1.59
N TRP A 36 -5.00 4.23 -2.67
CA TRP A 36 -6.06 4.96 -3.35
C TRP A 36 -6.67 4.17 -4.48
N GLU A 37 -7.94 4.43 -4.75
CA GLU A 37 -8.67 3.80 -5.84
C GLU A 37 -8.44 4.64 -7.08
N ALA A 38 -7.81 4.07 -8.09
CA ALA A 38 -7.52 4.80 -9.31
C ALA A 38 -7.84 4.00 -10.55
N ARG A 39 -8.28 4.72 -11.58
CA ARG A 39 -8.62 4.10 -12.85
C ARG A 39 -7.48 4.29 -13.82
N SER A 40 -6.91 3.19 -14.29
CA SER A 40 -5.80 3.25 -15.23
C SER A 40 -6.23 3.94 -16.52
N LEU A 41 -5.36 4.80 -17.04
CA LEU A 41 -5.64 5.51 -18.28
C LEU A 41 -5.11 4.71 -19.45
N THR A 42 -4.55 3.54 -19.14
CA THR A 42 -4.00 2.66 -20.15
C THR A 42 -5.03 1.62 -20.56
N THR A 43 -5.45 0.80 -19.62
CA THR A 43 -6.44 -0.24 -19.90
C THR A 43 -7.83 0.17 -19.46
N GLY A 44 -7.90 1.01 -18.43
CA GLY A 44 -9.18 1.47 -17.93
C GLY A 44 -9.61 0.74 -16.67
N GLU A 45 -8.77 -0.18 -16.22
CA GLU A 45 -9.06 -0.96 -15.03
C GLU A 45 -8.90 -0.13 -13.76
N THR A 46 -9.61 -0.51 -12.72
CA THR A 46 -9.54 0.17 -11.44
C THR A 46 -8.76 -0.66 -10.44
N GLY A 47 -8.64 -0.19 -9.21
CA GLY A 47 -7.92 -0.94 -8.22
C GLY A 47 -7.16 -0.06 -7.25
N TYR A 48 -6.68 -0.65 -6.17
CA TYR A 48 -5.94 0.07 -5.15
C TYR A 48 -4.47 0.16 -5.54
N ILE A 49 -3.96 1.37 -5.58
CA ILE A 49 -2.56 1.60 -5.93
C ILE A 49 -1.84 2.31 -4.78
N PRO A 50 -0.54 2.04 -4.59
CA PRO A 50 0.24 2.68 -3.54
C PRO A 50 0.54 4.13 -3.87
N SER A 51 0.18 5.03 -2.95
CA SER A 51 0.38 6.46 -3.15
C SER A 51 1.86 6.84 -3.18
N ASN A 52 2.73 5.93 -2.77
CA ASN A 52 4.16 6.20 -2.75
C ASN A 52 4.82 5.66 -4.02
N TYR A 53 4.06 4.89 -4.79
CA TYR A 53 4.56 4.31 -6.04
C TYR A 53 4.35 5.28 -7.19
N VAL A 54 3.54 6.31 -6.95
CA VAL A 54 3.23 7.29 -7.97
C VAL A 54 3.63 8.70 -7.52
N ALA A 55 3.58 9.63 -8.46
CA ALA A 55 3.90 11.02 -8.21
C ALA A 55 2.92 11.93 -8.94
N PRO A 56 2.50 13.04 -8.30
CA PRO A 56 1.57 13.99 -8.89
C PRO A 56 2.19 14.76 -10.06
N VAL A 57 1.47 14.81 -11.17
CA VAL A 57 1.92 15.52 -12.35
C VAL A 57 1.13 16.81 -12.50
N MET B 1 2.56 -15.20 13.91
CA MET B 1 4.04 -15.06 13.96
C MET B 1 4.45 -13.87 14.83
N ALA B 2 4.20 -12.66 14.33
CA ALA B 2 4.57 -11.46 15.06
C ALA B 2 3.59 -10.32 14.75
N THR B 3 3.72 -9.23 15.49
CA THR B 3 2.87 -8.06 15.29
C THR B 3 3.61 -6.99 14.49
N VAL B 4 2.87 -6.31 13.62
CA VAL B 4 3.47 -5.26 12.80
C VAL B 4 3.02 -3.88 13.28
N LYS B 5 3.99 -3.04 13.56
CA LYS B 5 3.73 -1.69 14.01
C LYS B 5 3.90 -0.72 12.85
N PHE B 6 2.93 0.17 12.67
CA PHE B 6 2.98 1.13 11.58
C PHE B 6 2.28 2.44 11.98
N LYS B 7 2.38 3.44 11.11
CA LYS B 7 1.78 4.73 11.36
C LYS B 7 0.75 5.07 10.29
N TYR B 8 -0.47 4.60 10.46
CA TYR B 8 -1.53 4.89 9.50
C TYR B 8 -1.98 6.33 9.64
N LYS B 9 -1.41 7.21 8.82
CA LYS B 9 -1.72 8.63 8.83
C LYS B 9 -1.34 9.25 10.18
N GLY B 10 -0.40 8.60 10.86
CA GLY B 10 0.04 9.06 12.15
C GLY B 10 -0.45 8.16 13.28
N GLU B 11 -1.46 7.37 12.99
CA GLU B 11 -2.02 6.46 13.99
C GLU B 11 -1.07 5.28 14.25
N GLU B 12 -0.53 5.24 15.45
CA GLU B 12 0.36 4.17 15.85
C GLU B 12 -0.43 2.88 16.07
N LYS B 13 -0.50 2.04 15.06
CA LYS B 13 -1.26 0.81 15.15
C LYS B 13 -0.35 -0.41 15.18
N GLN B 14 -0.86 -1.48 15.80
CA GLN B 14 -0.15 -2.74 15.89
C GLN B 14 -1.09 -3.86 15.47
N VAL B 15 -0.88 -4.39 14.28
CA VAL B 15 -1.74 -5.45 13.76
C VAL B 15 -0.92 -6.71 13.49
N ASP B 16 -1.55 -7.87 13.67
CA ASP B 16 -0.91 -9.15 13.44
C ASP B 16 -0.38 -9.26 12.01
N ILE B 17 0.80 -9.83 11.86
CA ILE B 17 1.43 -10.00 10.56
C ILE B 17 0.62 -10.98 9.71
N SER B 18 -0.22 -11.76 10.38
CA SER B 18 -1.07 -12.75 9.73
C SER B 18 -2.37 -12.12 9.24
N LYS B 19 -2.58 -10.85 9.56
CA LYS B 19 -3.79 -10.15 9.14
C LYS B 19 -3.51 -9.24 7.95
N ILE B 20 -2.31 -9.38 7.40
CA ILE B 20 -1.90 -8.58 6.25
C ILE B 20 -2.16 -9.35 4.96
N VAL B 21 -2.91 -8.75 4.05
CA VAL B 21 -3.22 -9.39 2.78
C VAL B 21 -2.01 -9.46 1.87
N PHE B 22 -1.46 -8.29 1.52
CA PHE B 22 -0.30 -8.22 0.65
C PHE B 22 0.73 -7.25 1.21
N VAL B 23 1.99 -7.51 0.89
CA VAL B 23 3.09 -6.65 1.35
C VAL B 23 3.82 -6.07 0.15
N THR B 24 3.77 -4.76 0.00
CA THR B 24 4.40 -4.08 -1.12
C THR B 24 5.49 -3.13 -0.65
N ARG B 25 6.71 -3.37 -1.11
CA ARG B 25 7.84 -2.51 -0.76
C ARG B 25 8.25 -1.70 -1.98
N TYR B 26 8.22 -0.38 -1.84
CA TYR B 26 8.58 0.51 -2.93
C TYR B 26 10.09 0.72 -3.02
N GLY B 27 10.74 0.84 -1.88
CA GLY B 27 12.16 1.08 -1.86
C GLY B 27 12.49 2.24 -0.96
N LYS B 28 11.46 2.84 -0.40
CA LYS B 28 11.58 3.96 0.51
C LYS B 28 10.59 3.80 1.66
N GLN B 29 9.39 3.35 1.31
CA GLN B 29 8.32 3.12 2.28
C GLN B 29 7.58 1.84 1.93
N ILE B 30 7.21 1.08 2.95
CA ILE B 30 6.47 -0.17 2.74
C ILE B 30 4.98 0.09 2.90
N PHE B 31 4.21 -0.36 1.92
CA PHE B 31 2.77 -0.19 1.93
C PHE B 31 2.07 -1.55 1.93
N PHE B 32 1.04 -1.68 2.77
CA PHE B 32 0.31 -2.93 2.84
C PHE B 32 -1.12 -2.69 3.30
N ARG B 33 -1.94 -3.73 3.23
CA ARG B 33 -3.33 -3.65 3.67
C ARG B 33 -3.59 -4.73 4.70
N TYR B 34 -4.26 -4.37 5.78
CA TYR B 34 -4.54 -5.32 6.85
C TYR B 34 -6.04 -5.40 7.13
N ASP B 35 -6.43 -6.42 7.87
CA ASP B 35 -7.81 -6.63 8.26
C ASP B 35 -7.90 -6.81 9.77
N LEU B 36 -9.06 -6.58 10.34
CA LEU B 36 -9.23 -6.71 11.79
C LEU B 36 -10.51 -7.47 12.11
N GLY B 37 -10.46 -8.27 13.18
CA GLY B 37 -11.60 -9.05 13.58
C GLY B 37 -12.75 -8.20 14.08
N GLY B 38 -12.46 -6.94 14.37
CA GLY B 38 -13.47 -6.02 14.85
C GLY B 38 -14.31 -5.44 13.73
N GLY B 39 -14.08 -5.89 12.51
CA GLY B 39 -14.84 -5.41 11.37
C GLY B 39 -14.39 -4.04 10.90
N LYS B 40 -13.08 -3.79 10.94
CA LYS B 40 -12.55 -2.52 10.50
C LYS B 40 -11.16 -2.69 9.92
N PRO B 41 -11.07 -2.96 8.60
CA PRO B 41 -9.79 -3.13 7.92
C PRO B 41 -9.11 -1.78 7.69
N GLY B 42 -7.92 -1.80 7.12
CA GLY B 42 -7.23 -0.56 6.87
C GLY B 42 -5.95 -0.75 6.10
N PHE B 43 -5.16 0.31 6.02
CA PHE B 43 -3.90 0.29 5.30
C PHE B 43 -2.75 0.54 6.26
N GLY B 44 -1.56 0.17 5.87
CA GLY B 44 -0.40 0.36 6.71
C GLY B 44 0.80 0.84 5.93
N VAL B 45 1.55 1.76 6.53
CA VAL B 45 2.74 2.30 5.91
C VAL B 45 3.89 2.37 6.91
N VAL B 46 5.03 1.83 6.52
CA VAL B 46 6.22 1.82 7.37
C VAL B 46 7.41 2.39 6.62
N SER B 47 8.11 3.33 7.22
CA SER B 47 9.27 3.95 6.61
C SER B 47 10.45 2.98 6.64
N GLU B 48 11.14 2.84 5.52
CA GLU B 48 12.28 1.95 5.44
C GLU B 48 13.52 2.62 6.03
N LYS B 49 13.36 3.86 6.46
CA LYS B 49 14.46 4.62 7.04
C LYS B 49 14.16 4.95 8.50
N ASP B 50 12.97 5.48 8.75
CA ASP B 50 12.57 5.89 10.09
C ASP B 50 11.85 4.77 10.83
N ALA B 51 12.40 3.56 10.76
CA ALA B 51 11.82 2.40 11.43
C ALA B 51 12.83 1.28 11.57
N PRO B 52 12.70 0.44 12.60
CA PRO B 52 13.60 -0.69 12.85
C PRO B 52 13.68 -1.64 11.65
N LYS B 53 14.89 -2.06 11.32
CA LYS B 53 15.11 -2.96 10.19
C LYS B 53 14.42 -4.30 10.42
N GLU B 54 14.30 -4.69 11.68
CA GLU B 54 13.66 -5.96 12.02
C GLU B 54 12.22 -6.00 11.52
N LEU B 55 11.51 -4.89 11.67
CA LEU B 55 10.13 -4.81 11.22
C LEU B 55 10.03 -4.90 9.71
N LEU B 56 11.01 -4.31 9.03
CA LEU B 56 11.06 -4.32 7.57
C LEU B 56 11.34 -5.74 7.08
N GLN B 57 12.23 -6.43 7.77
CA GLN B 57 12.60 -7.80 7.41
C GLN B 57 11.47 -8.76 7.74
N LYS B 58 10.58 -8.36 8.64
CA LYS B 58 9.44 -9.18 9.03
C LYS B 58 8.34 -8.99 7.99
N LEU B 59 8.28 -7.81 7.42
CA LEU B 59 7.29 -7.48 6.40
C LEU B 59 7.65 -8.11 5.06
N GLU B 60 8.83 -7.76 4.55
CA GLU B 60 9.27 -8.30 3.27
C GLU B 60 9.86 -9.69 3.45
N LYS B 61 9.20 -10.67 2.84
CA LYS B 61 9.65 -12.05 2.91
C LYS B 61 9.71 -12.63 1.50
N GLN B 62 10.29 -13.82 1.39
CA GLN B 62 10.41 -14.48 0.11
C GLN B 62 9.04 -14.93 -0.38
N LYS B 63 8.76 -14.68 -1.66
CA LYS B 63 7.49 -15.04 -2.28
C LYS B 63 6.36 -14.22 -1.68
N LYS B 64 6.52 -12.90 -1.72
CA LYS B 64 5.53 -11.99 -1.18
C LYS B 64 4.54 -11.58 -2.27
N THR A 1 -5.28 16.71 -11.57
CA THR A 1 -3.97 16.20 -11.11
C THR A 1 -3.87 14.70 -11.32
N LEU A 2 -3.15 14.30 -12.36
CA LEU A 2 -2.96 12.89 -12.66
C LEU A 2 -1.73 12.37 -11.95
N PHE A 3 -1.70 11.09 -11.67
CA PHE A 3 -0.57 10.47 -11.00
C PHE A 3 0.14 9.49 -11.91
N VAL A 4 1.45 9.64 -12.02
CA VAL A 4 2.25 8.76 -12.86
C VAL A 4 3.02 7.77 -11.99
N ALA A 5 3.13 6.54 -12.47
CA ALA A 5 3.84 5.48 -11.75
C ALA A 5 5.35 5.74 -11.73
N LEU A 6 5.93 5.64 -10.55
CA LEU A 6 7.35 5.84 -10.39
C LEU A 6 8.11 4.58 -10.79
N TYR A 7 7.60 3.44 -10.34
CA TYR A 7 8.22 2.15 -10.63
C TYR A 7 7.14 1.14 -10.97
N ASP A 8 7.56 -0.04 -11.39
CA ASP A 8 6.64 -1.11 -11.75
C ASP A 8 6.13 -1.80 -10.50
N TYR A 9 4.85 -2.16 -10.49
CA TYR A 9 4.28 -2.83 -9.33
C TYR A 9 3.50 -4.07 -9.74
N GLU A 10 3.87 -5.21 -9.17
CA GLU A 10 3.18 -6.46 -9.46
C GLU A 10 2.08 -6.67 -8.43
N ALA A 11 0.89 -7.04 -8.90
CA ALA A 11 -0.24 -7.24 -8.02
C ALA A 11 -0.28 -8.66 -7.45
N ARG A 12 -0.93 -8.80 -6.30
CA ARG A 12 -1.05 -10.10 -5.65
C ARG A 12 -2.50 -10.57 -5.71
N THR A 13 -3.43 -9.63 -5.58
CA THR A 13 -4.84 -9.96 -5.61
C THR A 13 -5.56 -9.14 -6.68
N GLU A 14 -6.87 -9.01 -6.55
CA GLU A 14 -7.65 -8.24 -7.49
C GLU A 14 -7.92 -6.85 -6.92
N ASP A 15 -7.60 -6.69 -5.65
CA ASP A 15 -7.77 -5.42 -4.95
C ASP A 15 -6.69 -4.45 -5.38
N ASP A 16 -5.45 -4.92 -5.32
CA ASP A 16 -4.31 -4.13 -5.72
C ASP A 16 -4.14 -4.22 -7.23
N LEU A 17 -3.90 -3.10 -7.87
CA LEU A 17 -3.78 -3.07 -9.33
C LEU A 17 -2.33 -3.09 -9.77
N SER A 18 -2.04 -3.92 -10.76
CA SER A 18 -0.71 -4.05 -11.32
C SER A 18 -0.49 -3.00 -12.39
N PHE A 19 0.66 -2.34 -12.37
CA PHE A 19 0.98 -1.31 -13.35
C PHE A 19 2.47 -1.28 -13.66
N HIS A 20 2.81 -0.73 -14.81
CA HIS A 20 4.19 -0.64 -15.25
C HIS A 20 4.74 0.77 -15.04
N LYS A 21 6.06 0.88 -15.10
CA LYS A 21 6.73 2.16 -14.93
C LYS A 21 6.32 3.13 -16.04
N GLY A 22 5.61 4.19 -15.65
CA GLY A 22 5.18 5.18 -16.62
C GLY A 22 3.66 5.22 -16.79
N GLU A 23 2.98 4.35 -16.07
CA GLU A 23 1.52 4.29 -16.11
C GLU A 23 0.91 5.54 -15.49
N LYS A 24 -0.23 5.96 -16.01
CA LYS A 24 -0.92 7.14 -15.51
C LYS A 24 -2.28 6.75 -14.93
N PHE A 25 -2.56 7.23 -13.73
CA PHE A 25 -3.80 6.92 -13.05
C PHE A 25 -4.63 8.16 -12.75
N GLN A 26 -5.95 8.00 -12.88
CA GLN A 26 -6.89 9.07 -12.59
C GLN A 26 -7.37 8.91 -11.16
N ILE A 27 -7.25 9.96 -10.37
CA ILE A 27 -7.65 9.92 -8.97
C ILE A 27 -9.17 9.85 -8.81
N LEU A 28 -9.63 8.74 -8.26
CA LEU A 28 -11.06 8.54 -8.02
C LEU A 28 -11.33 8.61 -6.53
N ASN A 29 -10.82 7.62 -5.80
CA ASN A 29 -11.00 7.56 -4.35
C ASN A 29 -9.68 7.91 -3.66
N SER A 30 -9.53 9.17 -3.28
CA SER A 30 -8.32 9.64 -2.61
C SER A 30 -8.55 9.73 -1.10
N SER A 31 -9.80 9.81 -0.70
CA SER A 31 -10.16 9.92 0.71
C SER A 31 -10.20 8.54 1.37
N GLU A 32 -9.54 7.58 0.75
CA GLU A 32 -9.48 6.22 1.29
C GLU A 32 -8.62 6.19 2.54
N GLY A 33 -7.51 6.93 2.50
CA GLY A 33 -6.62 6.98 3.63
C GLY A 33 -5.17 6.90 3.23
N ASP A 34 -4.80 5.78 2.62
CA ASP A 34 -3.43 5.56 2.19
C ASP A 34 -3.41 5.04 0.77
N TRP A 35 -3.93 3.83 0.58
CA TRP A 35 -4.01 3.24 -0.73
C TRP A 35 -5.19 3.83 -1.48
N TRP A 36 -4.91 4.54 -2.56
CA TRP A 36 -5.96 5.18 -3.33
C TRP A 36 -6.47 4.26 -4.44
N GLU A 37 -7.77 4.35 -4.70
CA GLU A 37 -8.37 3.56 -5.76
C GLU A 37 -8.44 4.41 -7.02
N ALA A 38 -7.63 4.08 -8.00
CA ALA A 38 -7.57 4.83 -9.22
C ALA A 38 -7.79 3.95 -10.45
N ARG A 39 -7.99 4.59 -11.58
CA ARG A 39 -8.20 3.87 -12.82
C ARG A 39 -7.11 4.21 -13.83
N SER A 40 -6.57 3.20 -14.49
CA SER A 40 -5.53 3.39 -15.47
C SER A 40 -6.10 4.06 -16.72
N LEU A 41 -5.36 5.02 -17.26
CA LEU A 41 -5.79 5.72 -18.45
C LEU A 41 -5.38 4.94 -19.69
N THR A 42 -4.55 3.92 -19.48
CA THR A 42 -4.06 3.10 -20.56
C THR A 42 -4.92 1.84 -20.75
N THR A 43 -5.04 1.05 -19.69
CA THR A 43 -5.82 -0.19 -19.78
C THR A 43 -7.29 0.05 -19.43
N GLY A 44 -7.53 0.96 -18.49
CA GLY A 44 -8.90 1.25 -18.07
C GLY A 44 -9.30 0.48 -16.84
N GLU A 45 -8.34 -0.23 -16.25
CA GLU A 45 -8.59 -1.02 -15.05
C GLU A 45 -8.63 -0.12 -13.82
N THR A 46 -9.46 -0.50 -12.85
CA THR A 46 -9.59 0.26 -11.61
C THR A 46 -9.21 -0.61 -10.42
N GLY A 47 -8.40 -0.07 -9.52
CA GLY A 47 -7.99 -0.81 -8.36
C GLY A 47 -7.17 0.04 -7.40
N TYR A 48 -6.70 -0.57 -6.32
CA TYR A 48 -5.91 0.14 -5.34
C TYR A 48 -4.45 0.21 -5.77
N ILE A 49 -3.87 1.39 -5.67
CA ILE A 49 -2.49 1.60 -6.04
C ILE A 49 -1.68 2.16 -4.88
N PRO A 50 -0.42 1.72 -4.73
CA PRO A 50 0.46 2.19 -3.66
C PRO A 50 0.85 3.65 -3.86
N SER A 51 0.55 4.47 -2.87
CA SER A 51 0.85 5.90 -2.91
C SER A 51 2.35 6.17 -2.91
N ASN A 52 3.13 5.18 -2.50
CA ASN A 52 4.58 5.31 -2.46
C ASN A 52 5.22 4.91 -3.79
N TYR A 53 4.40 4.48 -4.74
CA TYR A 53 4.89 4.06 -6.04
C TYR A 53 4.37 4.97 -7.15
N VAL A 54 3.67 6.03 -6.77
CA VAL A 54 3.13 6.97 -7.74
C VAL A 54 3.44 8.41 -7.33
N ALA A 55 3.43 9.30 -8.31
CA ALA A 55 3.70 10.72 -8.06
C ALA A 55 2.85 11.58 -8.99
N PRO A 56 2.37 12.74 -8.50
CA PRO A 56 1.55 13.64 -9.31
C PRO A 56 2.34 14.25 -10.47
N VAL A 57 1.69 14.43 -11.60
CA VAL A 57 2.33 15.01 -12.76
C VAL A 57 2.33 16.53 -12.66
N MET B 1 1.92 -16.20 12.46
CA MET B 1 3.29 -16.40 12.99
C MET B 1 3.62 -15.34 14.04
N ALA B 2 3.74 -14.08 13.63
CA ALA B 2 4.07 -13.01 14.55
C ALA B 2 3.23 -11.76 14.29
N THR B 3 3.28 -10.81 15.21
CA THR B 3 2.54 -9.56 15.10
C THR B 3 3.48 -8.42 14.72
N VAL B 4 3.02 -7.52 13.88
CA VAL B 4 3.83 -6.39 13.44
C VAL B 4 3.30 -5.09 14.03
N LYS B 5 4.21 -4.23 14.48
CA LYS B 5 3.85 -2.95 15.06
C LYS B 5 4.09 -1.85 14.03
N PHE B 6 3.04 -1.12 13.71
CA PHE B 6 3.14 -0.04 12.73
C PHE B 6 2.52 1.24 13.26
N LYS B 7 2.70 2.32 12.51
CA LYS B 7 2.17 3.62 12.88
C LYS B 7 1.12 4.07 11.87
N TYR B 8 -0.14 3.77 12.15
CA TYR B 8 -1.22 4.15 11.25
C TYR B 8 -1.60 5.61 11.48
N LYS B 9 -1.01 6.50 10.68
CA LYS B 9 -1.27 7.94 10.76
C LYS B 9 -1.01 8.47 12.16
N GLY B 10 -0.06 7.85 12.85
CA GLY B 10 0.27 8.27 14.20
C GLY B 10 -0.17 7.26 15.25
N GLU B 11 -1.19 6.46 14.92
CA GLU B 11 -1.69 5.46 15.85
C GLU B 11 -0.89 4.17 15.74
N GLU B 12 -0.09 3.89 16.75
CA GLU B 12 0.71 2.67 16.77
C GLU B 12 -0.10 1.48 17.24
N LYS B 13 -0.33 0.54 16.32
CA LYS B 13 -1.09 -0.66 16.62
C LYS B 13 -0.36 -1.89 16.12
N GLN B 14 -0.67 -3.04 16.70
CA GLN B 14 -0.02 -4.29 16.30
C GLN B 14 -1.04 -5.25 15.70
N VAL B 15 -0.73 -5.76 14.53
CA VAL B 15 -1.60 -6.71 13.83
C VAL B 15 -0.77 -7.89 13.35
N ASP B 16 -1.37 -9.07 13.33
CA ASP B 16 -0.68 -10.28 12.88
C ASP B 16 -0.21 -10.11 11.44
N ILE B 17 0.99 -10.59 11.17
CA ILE B 17 1.55 -10.51 9.83
C ILE B 17 0.73 -11.40 8.88
N SER B 18 0.03 -12.35 9.46
CA SER B 18 -0.81 -13.28 8.71
C SER B 18 -2.09 -12.59 8.25
N LYS B 19 -2.38 -11.43 8.85
CA LYS B 19 -3.57 -10.66 8.50
C LYS B 19 -3.23 -9.59 7.47
N ILE B 20 -1.96 -9.55 7.08
CA ILE B 20 -1.50 -8.58 6.10
C ILE B 20 -1.34 -9.26 4.74
N VAL B 21 -2.26 -8.97 3.84
CA VAL B 21 -2.24 -9.57 2.50
C VAL B 21 -1.00 -9.14 1.70
N PHE B 22 -1.04 -7.93 1.15
CA PHE B 22 0.07 -7.43 0.35
C PHE B 22 0.82 -6.31 1.06
N VAL B 23 2.14 -6.33 0.92
CA VAL B 23 3.02 -5.33 1.53
C VAL B 23 3.89 -4.71 0.44
N THR B 24 3.71 -3.43 0.17
CA THR B 24 4.49 -2.77 -0.85
C THR B 24 5.59 -1.89 -0.27
N ARG B 25 6.83 -2.25 -0.58
CA ARG B 25 7.98 -1.51 -0.11
C ARG B 25 8.60 -0.73 -1.28
N TYR B 26 8.99 0.51 -1.03
CA TYR B 26 9.57 1.36 -2.07
C TYR B 26 11.05 1.63 -1.82
N GLY B 27 11.48 1.46 -0.57
CA GLY B 27 12.86 1.72 -0.24
C GLY B 27 12.99 2.97 0.61
N LYS B 28 11.84 3.59 0.86
CA LYS B 28 11.77 4.81 1.66
C LYS B 28 10.63 4.70 2.67
N GLN B 29 9.51 4.17 2.23
CA GLN B 29 8.34 3.99 3.09
C GLN B 29 7.56 2.75 2.66
N ILE B 30 7.19 1.94 3.64
CA ILE B 30 6.43 0.73 3.39
C ILE B 30 4.94 0.99 3.53
N PHE B 31 4.17 0.50 2.58
CA PHE B 31 2.72 0.65 2.59
C PHE B 31 2.05 -0.71 2.41
N PHE B 32 1.25 -1.11 3.38
CA PHE B 32 0.57 -2.40 3.32
C PHE B 32 -0.88 -2.28 3.74
N ARG B 33 -1.64 -3.34 3.48
CA ARG B 33 -3.05 -3.39 3.82
C ARG B 33 -3.30 -4.60 4.72
N TYR B 34 -3.90 -4.38 5.88
CA TYR B 34 -4.14 -5.47 6.81
C TYR B 34 -5.62 -5.61 7.13
N ASP B 35 -6.00 -6.81 7.55
CA ASP B 35 -7.37 -7.11 7.92
C ASP B 35 -7.51 -7.18 9.44
N LEU B 36 -8.68 -6.87 9.95
CA LEU B 36 -8.92 -6.92 11.39
C LEU B 36 -10.25 -7.58 11.71
N GLY B 37 -10.22 -8.49 12.69
CA GLY B 37 -11.42 -9.20 13.10
C GLY B 37 -12.41 -8.32 13.83
N GLY B 38 -11.96 -7.12 14.19
CA GLY B 38 -12.82 -6.17 14.88
C GLY B 38 -13.89 -5.62 13.96
N GLY B 39 -13.70 -5.81 12.65
CA GLY B 39 -14.67 -5.34 11.69
C GLY B 39 -14.24 -4.08 10.98
N LYS B 40 -13.08 -3.55 11.36
CA LYS B 40 -12.56 -2.34 10.74
C LYS B 40 -11.10 -2.51 10.34
N PRO B 41 -10.85 -2.89 9.08
CA PRO B 41 -9.50 -3.05 8.55
C PRO B 41 -8.88 -1.70 8.19
N GLY B 42 -7.65 -1.71 7.71
CA GLY B 42 -7.00 -0.46 7.35
C GLY B 42 -5.68 -0.66 6.65
N PHE B 43 -4.90 0.41 6.57
CA PHE B 43 -3.60 0.37 5.91
C PHE B 43 -2.51 0.68 6.93
N GLY B 44 -1.30 0.25 6.63
CA GLY B 44 -0.20 0.52 7.53
C GLY B 44 0.99 1.11 6.81
N VAL B 45 1.54 2.17 7.38
CA VAL B 45 2.69 2.84 6.78
C VAL B 45 3.88 2.82 7.75
N VAL B 46 5.00 2.30 7.28
CA VAL B 46 6.21 2.23 8.09
C VAL B 46 7.37 2.87 7.34
N SER B 47 7.95 3.89 7.93
CA SER B 47 9.07 4.58 7.32
C SER B 47 10.31 3.71 7.34
N GLU B 48 10.97 3.58 6.20
CA GLU B 48 12.18 2.77 6.09
C GLU B 48 13.39 3.60 6.43
N LYS B 49 13.16 4.72 7.11
CA LYS B 49 14.22 5.62 7.50
C LYS B 49 14.02 6.10 8.94
N ASP B 50 12.78 6.37 9.31
CA ASP B 50 12.46 6.85 10.65
C ASP B 50 12.09 5.71 11.59
N ALA B 51 12.26 4.47 11.12
CA ALA B 51 11.95 3.31 11.94
C ALA B 51 13.10 2.32 11.92
N PRO B 52 13.23 1.49 12.98
CA PRO B 52 14.31 0.49 13.08
C PRO B 52 14.21 -0.58 12.01
N LYS B 53 15.37 -1.10 11.61
CA LYS B 53 15.45 -2.13 10.58
C LYS B 53 14.79 -3.43 11.04
N GLU B 54 14.70 -3.61 12.35
CA GLU B 54 14.07 -4.80 12.93
C GLU B 54 12.66 -4.98 12.40
N LEU B 55 11.93 -3.88 12.24
CA LEU B 55 10.57 -3.92 11.75
C LEU B 55 10.55 -4.05 10.23
N LEU B 56 11.48 -3.37 9.59
CA LEU B 56 11.59 -3.38 8.13
C LEU B 56 11.89 -4.78 7.60
N GLN B 57 12.78 -5.48 8.29
CA GLN B 57 13.18 -6.83 7.89
C GLN B 57 12.02 -7.82 8.05
N LYS B 58 11.13 -7.54 8.99
CA LYS B 58 9.99 -8.42 9.24
C LYS B 58 8.88 -8.18 8.21
N LEU B 59 8.79 -6.96 7.72
CA LEU B 59 7.77 -6.61 6.73
C LEU B 59 8.25 -6.95 5.32
N GLU B 60 9.55 -7.20 5.19
CA GLU B 60 10.14 -7.53 3.90
C GLU B 60 9.71 -8.92 3.45
N LYS B 61 8.62 -8.98 2.70
CA LYS B 61 8.11 -10.23 2.18
C LYS B 61 8.77 -10.52 0.83
N GLN B 62 9.78 -11.38 0.85
CA GLN B 62 10.51 -11.73 -0.36
C GLN B 62 9.58 -12.30 -1.41
N LYS B 63 9.48 -11.59 -2.53
CA LYS B 63 8.63 -11.97 -3.65
C LYS B 63 7.17 -12.03 -3.21
N LYS B 64 6.55 -10.87 -3.17
CA LYS B 64 5.15 -10.77 -2.77
C LYS B 64 4.24 -10.86 -3.99
N THR A 1 -4.81 17.00 -11.54
CA THR A 1 -3.45 16.48 -11.34
C THR A 1 -3.39 14.98 -11.58
N LEU A 2 -2.66 14.58 -12.62
CA LEU A 2 -2.53 13.16 -12.94
C LEU A 2 -1.34 12.59 -12.19
N PHE A 3 -1.36 11.28 -11.96
CA PHE A 3 -0.29 10.61 -11.26
C PHE A 3 0.40 9.60 -12.16
N VAL A 4 1.74 9.59 -12.11
CA VAL A 4 2.52 8.68 -12.93
C VAL A 4 3.20 7.63 -12.05
N ALA A 5 3.24 6.40 -12.54
CA ALA A 5 3.87 5.29 -11.82
C ALA A 5 5.37 5.47 -11.80
N LEU A 6 5.94 5.49 -10.61
CA LEU A 6 7.38 5.66 -10.44
C LEU A 6 8.14 4.38 -10.76
N TYR A 7 7.55 3.23 -10.44
CA TYR A 7 8.18 1.94 -10.67
C TYR A 7 7.15 0.89 -11.04
N ASP A 8 7.62 -0.27 -11.49
CA ASP A 8 6.74 -1.36 -11.87
C ASP A 8 6.22 -2.05 -10.62
N TYR A 9 4.96 -1.80 -10.29
CA TYR A 9 4.37 -2.40 -9.11
C TYR A 9 3.89 -3.82 -9.39
N GLU A 10 4.31 -4.73 -8.54
CA GLU A 10 3.94 -6.13 -8.65
C GLU A 10 2.80 -6.44 -7.69
N ALA A 11 1.64 -6.79 -8.24
CA ALA A 11 0.48 -7.10 -7.42
C ALA A 11 0.35 -8.60 -7.23
N ARG A 12 -0.58 -9.01 -6.37
CA ARG A 12 -0.81 -10.43 -6.11
C ARG A 12 -2.30 -10.75 -6.07
N THR A 13 -3.07 -9.88 -5.44
CA THR A 13 -4.51 -10.09 -5.33
C THR A 13 -5.25 -9.30 -6.40
N GLU A 14 -6.57 -9.28 -6.32
CA GLU A 14 -7.38 -8.56 -7.28
C GLU A 14 -7.69 -7.14 -6.81
N ASP A 15 -7.45 -6.88 -5.53
CA ASP A 15 -7.69 -5.56 -4.97
C ASP A 15 -6.57 -4.61 -5.37
N ASP A 16 -5.34 -5.10 -5.28
CA ASP A 16 -4.16 -4.34 -5.65
C ASP A 16 -4.00 -4.34 -7.17
N LEU A 17 -4.00 -3.15 -7.75
CA LEU A 17 -3.89 -3.00 -9.20
C LEU A 17 -2.45 -3.15 -9.67
N SER A 18 -2.28 -3.88 -10.76
CA SER A 18 -0.96 -4.11 -11.35
C SER A 18 -0.72 -3.09 -12.45
N PHE A 19 0.38 -2.35 -12.36
CA PHE A 19 0.69 -1.34 -13.36
C PHE A 19 2.18 -1.28 -13.66
N HIS A 20 2.50 -0.81 -14.85
CA HIS A 20 3.88 -0.70 -15.30
C HIS A 20 4.41 0.71 -15.02
N LYS A 21 5.72 0.83 -14.95
CA LYS A 21 6.38 2.10 -14.70
C LYS A 21 6.10 3.09 -15.84
N GLY A 22 5.73 4.31 -15.48
CA GLY A 22 5.45 5.32 -16.48
C GLY A 22 3.98 5.47 -16.81
N GLU A 23 3.16 4.55 -16.31
CA GLU A 23 1.72 4.60 -16.57
C GLU A 23 1.06 5.74 -15.80
N LYS A 24 0.00 6.29 -16.37
CA LYS A 24 -0.73 7.39 -15.75
C LYS A 24 -2.10 6.92 -15.29
N PHE A 25 -2.50 7.32 -14.11
CA PHE A 25 -3.79 6.92 -13.55
C PHE A 25 -4.58 8.11 -13.04
N GLN A 26 -5.90 7.95 -13.00
CA GLN A 26 -6.78 8.99 -12.50
C GLN A 26 -7.31 8.57 -11.14
N ILE A 27 -6.94 9.30 -10.10
CA ILE A 27 -7.36 8.99 -8.74
C ILE A 27 -8.85 9.31 -8.57
N LEU A 28 -9.62 8.27 -8.27
CA LEU A 28 -11.06 8.43 -8.08
C LEU A 28 -11.38 8.72 -6.63
N ASN A 29 -10.67 8.07 -5.72
CA ASN A 29 -10.90 8.26 -4.30
C ASN A 29 -9.58 8.38 -3.55
N SER A 30 -9.36 9.54 -2.94
CA SER A 30 -8.15 9.81 -2.17
C SER A 30 -8.45 9.72 -0.67
N SER A 31 -9.73 9.74 -0.33
CA SER A 31 -10.16 9.67 1.06
C SER A 31 -10.22 8.22 1.55
N GLU A 32 -9.64 7.32 0.78
CA GLU A 32 -9.62 5.92 1.16
C GLU A 32 -8.58 5.66 2.25
N GLY A 33 -7.52 6.46 2.22
CA GLY A 33 -6.47 6.32 3.20
C GLY A 33 -5.11 6.21 2.55
N ASP A 34 -4.51 5.04 2.63
CA ASP A 34 -3.20 4.80 2.05
C ASP A 34 -3.35 4.36 0.61
N TRP A 35 -4.07 3.29 0.41
CA TRP A 35 -4.32 2.76 -0.93
C TRP A 35 -5.47 3.53 -1.57
N TRP A 36 -5.16 4.25 -2.63
CA TRP A 36 -6.17 5.05 -3.30
C TRP A 36 -6.81 4.30 -4.46
N GLU A 37 -8.09 4.53 -4.65
CA GLU A 37 -8.82 3.91 -5.74
C GLU A 37 -8.59 4.72 -6.99
N ALA A 38 -7.92 4.15 -7.96
CA ALA A 38 -7.63 4.87 -9.19
C ALA A 38 -7.91 4.02 -10.42
N ARG A 39 -8.18 4.68 -11.53
CA ARG A 39 -8.46 4.00 -12.78
C ARG A 39 -7.32 4.27 -13.75
N SER A 40 -6.78 3.21 -14.31
CA SER A 40 -5.69 3.32 -15.27
C SER A 40 -6.19 3.95 -16.56
N LEU A 41 -5.44 4.92 -17.09
CA LEU A 41 -5.82 5.58 -18.33
C LEU A 41 -5.32 4.77 -19.52
N THR A 42 -4.60 3.70 -19.22
CA THR A 42 -4.06 2.83 -20.25
C THR A 42 -5.05 1.72 -20.61
N THR A 43 -5.38 0.87 -19.64
CA THR A 43 -6.32 -0.22 -19.89
C THR A 43 -7.75 0.17 -19.53
N GLY A 44 -7.89 1.17 -18.67
CA GLY A 44 -9.21 1.61 -18.27
C GLY A 44 -9.74 0.80 -17.10
N GLU A 45 -8.86 0.06 -16.44
CA GLU A 45 -9.24 -0.76 -15.30
C GLU A 45 -9.11 0.01 -13.99
N THR A 46 -9.87 -0.40 -13.00
CA THR A 46 -9.85 0.24 -11.70
C THR A 46 -9.23 -0.68 -10.65
N GLY A 47 -8.70 -0.10 -9.59
CA GLY A 47 -8.11 -0.88 -8.54
C GLY A 47 -7.42 -0.01 -7.52
N TYR A 48 -6.96 -0.61 -6.43
CA TYR A 48 -6.29 0.13 -5.37
C TYR A 48 -4.80 0.20 -5.65
N ILE A 49 -4.25 1.41 -5.64
CA ILE A 49 -2.84 1.60 -5.88
C ILE A 49 -2.16 2.28 -4.70
N PRO A 50 -0.90 1.91 -4.42
CA PRO A 50 -0.14 2.49 -3.32
C PRO A 50 0.31 3.92 -3.64
N SER A 51 0.07 4.82 -2.70
CA SER A 51 0.40 6.24 -2.88
C SER A 51 1.91 6.50 -2.79
N ASN A 52 2.69 5.46 -2.53
CA ASN A 52 4.13 5.59 -2.42
C ASN A 52 4.83 5.04 -3.67
N TYR A 53 4.07 4.82 -4.72
CA TYR A 53 4.61 4.30 -5.96
C TYR A 53 4.22 5.20 -7.14
N VAL A 54 3.62 6.34 -6.83
CA VAL A 54 3.18 7.28 -7.85
C VAL A 54 3.60 8.70 -7.49
N ALA A 55 3.71 9.54 -8.51
CA ALA A 55 4.09 10.94 -8.31
C ALA A 55 3.20 11.84 -9.16
N PRO A 56 2.85 13.04 -8.64
CA PRO A 56 2.00 14.00 -9.36
C PRO A 56 2.73 14.59 -10.57
N VAL A 57 2.07 14.61 -11.70
CA VAL A 57 2.65 15.14 -12.91
C VAL A 57 2.36 16.64 -13.02
N MET B 1 1.68 -16.21 14.93
CA MET B 1 3.13 -16.38 15.17
C MET B 1 3.70 -15.21 15.96
N ALA B 2 3.40 -14.00 15.52
CA ALA B 2 3.90 -12.80 16.19
C ALA B 2 3.03 -11.59 15.87
N THR B 3 2.63 -10.88 16.90
CA THR B 3 1.81 -9.69 16.75
C THR B 3 2.67 -8.49 16.40
N VAL B 4 2.51 -7.98 15.18
CA VAL B 4 3.28 -6.82 14.73
C VAL B 4 2.56 -5.52 15.08
N LYS B 5 3.29 -4.60 15.70
CA LYS B 5 2.74 -3.31 16.08
C LYS B 5 3.07 -2.25 15.04
N PHE B 6 2.05 -1.68 14.44
CA PHE B 6 2.23 -0.65 13.43
C PHE B 6 1.33 0.55 13.72
N LYS B 7 1.81 1.74 13.38
CA LYS B 7 1.06 2.97 13.59
C LYS B 7 0.20 3.28 12.38
N TYR B 8 -1.11 3.14 12.53
CA TYR B 8 -2.02 3.40 11.44
C TYR B 8 -2.87 4.63 11.71
N LYS B 9 -2.53 5.72 11.02
CA LYS B 9 -3.25 6.99 11.14
C LYS B 9 -3.25 7.51 12.58
N GLY B 10 -2.15 7.32 13.28
CA GLY B 10 -2.06 7.77 14.66
C GLY B 10 -2.57 6.74 15.64
N GLU B 11 -3.03 5.61 15.14
CA GLU B 11 -3.53 4.54 15.99
C GLU B 11 -2.59 3.33 15.95
N GLU B 12 -2.02 2.98 17.09
CA GLU B 12 -1.11 1.85 17.18
C GLU B 12 -1.92 0.54 17.12
N LYS B 13 -1.74 -0.20 16.05
CA LYS B 13 -2.44 -1.46 15.86
C LYS B 13 -1.47 -2.62 15.99
N GLN B 14 -1.95 -3.74 16.50
CA GLN B 14 -1.13 -4.93 16.65
C GLN B 14 -1.87 -6.13 16.07
N VAL B 15 -1.37 -6.62 14.95
CA VAL B 15 -1.98 -7.75 14.27
C VAL B 15 -0.96 -8.86 14.04
N ASP B 16 -1.39 -10.11 14.19
CA ASP B 16 -0.51 -11.25 13.98
C ASP B 16 -0.06 -11.30 12.53
N ILE B 17 1.19 -11.70 12.33
CA ILE B 17 1.80 -11.79 11.00
C ILE B 17 1.00 -12.69 10.05
N SER B 18 0.18 -13.58 10.59
CA SER B 18 -0.61 -14.50 9.80
C SER B 18 -1.94 -13.88 9.35
N LYS B 19 -2.32 -12.76 9.96
CA LYS B 19 -3.59 -12.11 9.62
C LYS B 19 -3.38 -11.01 8.58
N ILE B 20 -2.24 -11.03 7.93
CA ILE B 20 -1.91 -10.07 6.90
C ILE B 20 -2.01 -10.73 5.54
N VAL B 21 -2.67 -10.06 4.60
CA VAL B 21 -2.84 -10.60 3.26
C VAL B 21 -1.55 -10.48 2.45
N PHE B 22 -1.22 -9.26 2.05
CA PHE B 22 -0.02 -9.03 1.26
C PHE B 22 0.75 -7.83 1.82
N VAL B 23 2.06 -7.82 1.57
CA VAL B 23 2.92 -6.75 2.05
C VAL B 23 3.87 -6.30 0.95
N THR B 24 3.89 -5.01 0.65
CA THR B 24 4.77 -4.48 -0.39
C THR B 24 5.64 -3.35 0.17
N ARG B 25 6.95 -3.47 -0.03
CA ARG B 25 7.88 -2.46 0.45
C ARG B 25 8.46 -1.66 -0.71
N TYR B 26 8.57 -0.35 -0.53
CA TYR B 26 9.09 0.53 -1.57
C TYR B 26 10.55 0.91 -1.30
N GLY B 27 10.99 0.71 -0.07
CA GLY B 27 12.35 1.05 0.29
C GLY B 27 12.39 2.32 1.11
N LYS B 28 11.21 2.72 1.60
CA LYS B 28 11.05 3.91 2.42
C LYS B 28 9.93 3.64 3.42
N GLN B 29 8.79 3.21 2.89
CA GLN B 29 7.63 2.89 3.70
C GLN B 29 7.11 1.51 3.31
N ILE B 30 6.52 0.82 4.28
CA ILE B 30 5.97 -0.51 4.04
C ILE B 30 4.44 -0.42 4.00
N PHE B 31 3.86 -0.90 2.91
CA PHE B 31 2.42 -0.88 2.75
C PHE B 31 1.86 -2.29 2.73
N PHE B 32 0.86 -2.56 3.58
CA PHE B 32 0.26 -3.87 3.64
C PHE B 32 -1.23 -3.78 3.96
N ARG B 33 -1.90 -4.93 3.95
CA ARG B 33 -3.33 -4.99 4.23
C ARG B 33 -3.62 -6.19 5.14
N TYR B 34 -4.33 -5.94 6.23
CA TYR B 34 -4.66 -7.01 7.17
C TYR B 34 -6.15 -7.31 7.13
N ASP B 35 -6.51 -8.50 7.58
CA ASP B 35 -7.91 -8.92 7.59
C ASP B 35 -8.29 -9.52 8.94
N LEU B 36 -9.07 -8.78 9.71
CA LEU B 36 -9.50 -9.23 11.03
C LEU B 36 -10.87 -9.90 10.95
N GLY B 37 -11.04 -10.94 11.74
CA GLY B 37 -12.30 -11.67 11.75
C GLY B 37 -13.35 -11.01 12.62
N GLY B 38 -13.08 -9.78 13.03
CA GLY B 38 -14.02 -9.04 13.85
C GLY B 38 -14.86 -8.09 13.03
N GLY B 39 -14.87 -8.31 11.72
CA GLY B 39 -15.64 -7.46 10.83
C GLY B 39 -15.02 -6.10 10.65
N LYS B 40 -13.69 -6.03 10.73
CA LYS B 40 -12.99 -4.77 10.59
C LYS B 40 -11.61 -4.97 9.97
N PRO B 41 -11.52 -4.86 8.63
CA PRO B 41 -10.25 -4.97 7.93
C PRO B 41 -9.59 -3.61 7.77
N GLY B 42 -8.42 -3.56 7.18
CA GLY B 42 -7.74 -2.28 7.01
C GLY B 42 -6.36 -2.43 6.41
N PHE B 43 -5.63 -1.33 6.38
CA PHE B 43 -4.28 -1.31 5.84
C PHE B 43 -3.28 -0.94 6.91
N GLY B 44 -2.01 -0.88 6.53
CA GLY B 44 -0.97 -0.51 7.46
C GLY B 44 0.20 0.13 6.77
N VAL B 45 0.80 1.12 7.41
CA VAL B 45 1.94 1.83 6.84
C VAL B 45 3.01 2.07 7.91
N VAL B 46 4.23 1.63 7.63
CA VAL B 46 5.34 1.80 8.55
C VAL B 46 6.53 2.42 7.83
N SER B 47 7.27 3.27 8.53
CA SER B 47 8.44 3.91 7.96
C SER B 47 9.69 3.16 8.37
N GLU B 48 10.61 2.97 7.43
CA GLU B 48 11.85 2.25 7.68
C GLU B 48 12.81 3.07 8.54
N LYS B 49 12.52 4.34 8.72
CA LYS B 49 13.37 5.21 9.52
C LYS B 49 12.78 5.40 10.91
N ASP B 50 11.53 5.01 11.08
CA ASP B 50 10.84 5.15 12.35
C ASP B 50 10.89 3.88 13.16
N ALA B 51 10.43 2.78 12.56
CA ALA B 51 10.41 1.50 13.23
C ALA B 51 11.72 0.76 13.01
N PRO B 52 12.21 0.02 14.03
CA PRO B 52 13.45 -0.76 13.92
C PRO B 52 13.34 -1.84 12.86
N LYS B 53 14.50 -2.25 12.34
CA LYS B 53 14.56 -3.29 11.31
C LYS B 53 13.91 -4.58 11.80
N GLU B 54 13.93 -4.80 13.10
CA GLU B 54 13.34 -6.00 13.69
C GLU B 54 11.89 -6.16 13.24
N LEU B 55 11.14 -5.05 13.23
CA LEU B 55 9.74 -5.08 12.83
C LEU B 55 9.62 -5.06 11.32
N LEU B 56 10.50 -4.32 10.67
CA LEU B 56 10.48 -4.21 9.21
C LEU B 56 10.70 -5.57 8.57
N GLN B 57 11.61 -6.35 9.15
CA GLN B 57 11.93 -7.69 8.65
C GLN B 57 10.77 -8.64 8.91
N LYS B 58 9.94 -8.33 9.89
CA LYS B 58 8.79 -9.17 10.22
C LYS B 58 7.69 -8.98 9.19
N LEU B 59 7.68 -7.82 8.57
CA LEU B 59 6.69 -7.50 7.55
C LEU B 59 7.21 -7.90 6.18
N GLU B 60 8.53 -7.84 6.01
CA GLU B 60 9.16 -8.21 4.76
C GLU B 60 9.11 -9.73 4.58
N LYS B 61 8.11 -10.20 3.87
CA LYS B 61 7.93 -11.61 3.60
C LYS B 61 8.53 -11.97 2.25
N GLN B 62 9.34 -13.02 2.23
CA GLN B 62 9.96 -13.48 0.99
C GLN B 62 8.88 -13.96 0.04
N LYS B 63 8.87 -13.38 -1.17
CA LYS B 63 7.89 -13.73 -2.19
C LYS B 63 6.49 -13.37 -1.72
N LYS B 64 6.17 -12.08 -1.79
CA LYS B 64 4.87 -11.60 -1.37
C LYS B 64 3.79 -12.11 -2.32
N THR A 1 -4.97 17.01 -12.13
CA THR A 1 -3.67 16.43 -11.72
C THR A 1 -3.61 14.94 -12.04
N LEU A 2 -2.50 14.50 -12.61
CA LEU A 2 -2.33 13.09 -12.95
C LEU A 2 -1.23 12.48 -12.09
N PHE A 3 -1.30 11.18 -11.90
CA PHE A 3 -0.29 10.48 -11.12
C PHE A 3 0.48 9.54 -12.02
N VAL A 4 1.80 9.69 -12.03
CA VAL A 4 2.64 8.85 -12.86
C VAL A 4 3.33 7.78 -12.03
N ALA A 5 3.46 6.59 -12.59
CA ALA A 5 4.10 5.48 -11.91
C ALA A 5 5.60 5.68 -11.84
N LEU A 6 6.15 5.66 -10.64
CA LEU A 6 7.58 5.84 -10.43
C LEU A 6 8.31 4.56 -10.77
N TYR A 7 7.70 3.44 -10.43
CA TYR A 7 8.27 2.13 -10.68
C TYR A 7 7.16 1.13 -10.99
N ASP A 8 7.51 0.04 -11.66
CA ASP A 8 6.53 -0.98 -12.01
C ASP A 8 6.03 -1.69 -10.77
N TYR A 9 4.77 -2.10 -10.79
CA TYR A 9 4.18 -2.78 -9.64
C TYR A 9 3.53 -4.09 -10.07
N GLU A 10 3.84 -5.14 -9.33
CA GLU A 10 3.30 -6.47 -9.58
C GLU A 10 2.08 -6.68 -8.71
N ALA A 11 0.97 -7.10 -9.31
CA ALA A 11 -0.27 -7.33 -8.57
C ALA A 11 -0.14 -8.56 -7.68
N ARG A 12 -0.64 -8.45 -6.46
CA ARG A 12 -0.57 -9.54 -5.52
C ARG A 12 -1.97 -10.09 -5.22
N THR A 13 -2.97 -9.24 -5.25
CA THR A 13 -4.33 -9.64 -4.98
C THR A 13 -5.28 -9.04 -6.02
N GLU A 14 -6.57 -9.05 -5.71
CA GLU A 14 -7.57 -8.51 -6.62
C GLU A 14 -7.87 -7.04 -6.28
N ASP A 15 -7.52 -6.64 -5.07
CA ASP A 15 -7.77 -5.28 -4.61
C ASP A 15 -6.76 -4.32 -5.23
N ASP A 16 -5.53 -4.78 -5.39
CA ASP A 16 -4.47 -3.96 -5.97
C ASP A 16 -4.37 -4.22 -7.47
N LEU A 17 -3.92 -3.22 -8.20
CA LEU A 17 -3.80 -3.33 -9.64
C LEU A 17 -2.35 -3.12 -10.06
N SER A 18 -1.86 -3.97 -10.95
CA SER A 18 -0.49 -3.88 -11.44
C SER A 18 -0.38 -2.81 -12.52
N PHE A 19 0.81 -2.24 -12.65
CA PHE A 19 1.06 -1.21 -13.64
C PHE A 19 2.54 -1.11 -13.96
N HIS A 20 2.85 -0.52 -15.10
CA HIS A 20 4.24 -0.37 -15.52
C HIS A 20 4.71 1.06 -15.27
N LYS A 21 6.02 1.22 -15.13
CA LYS A 21 6.61 2.54 -14.89
C LYS A 21 6.33 3.48 -16.06
N GLY A 22 5.72 4.61 -15.77
CA GLY A 22 5.41 5.57 -16.82
C GLY A 22 3.92 5.74 -17.05
N GLU A 23 3.13 4.83 -16.49
CA GLU A 23 1.68 4.88 -16.65
C GLU A 23 1.07 6.03 -15.86
N LYS A 24 -0.04 6.55 -16.36
CA LYS A 24 -0.75 7.65 -15.72
C LYS A 24 -2.09 7.14 -15.19
N PHE A 25 -2.45 7.55 -13.98
CA PHE A 25 -3.69 7.11 -13.38
C PHE A 25 -4.58 8.27 -12.97
N GLN A 26 -5.88 8.03 -12.99
CA GLN A 26 -6.86 9.02 -12.60
C GLN A 26 -7.44 8.63 -11.24
N ILE A 27 -7.01 9.32 -10.20
CA ILE A 27 -7.46 9.04 -8.84
C ILE A 27 -8.95 9.31 -8.70
N LEU A 28 -9.69 8.30 -8.25
CA LEU A 28 -11.13 8.44 -8.06
C LEU A 28 -11.44 8.69 -6.59
N ASN A 29 -10.73 8.00 -5.71
CA ASN A 29 -10.93 8.15 -4.28
C ASN A 29 -9.60 8.36 -3.56
N SER A 30 -9.50 9.47 -2.85
CA SER A 30 -8.29 9.80 -2.12
C SER A 30 -8.66 10.26 -0.70
N SER A 31 -9.86 9.93 -0.26
CA SER A 31 -10.32 10.33 1.07
C SER A 31 -10.62 9.13 1.95
N GLU A 32 -10.58 7.93 1.40
CA GLU A 32 -10.85 6.72 2.16
C GLU A 32 -9.59 6.25 2.90
N GLY A 33 -9.01 5.13 2.46
CA GLY A 33 -7.82 4.62 3.10
C GLY A 33 -6.60 5.45 2.77
N ASP A 34 -5.41 4.92 3.03
CA ASP A 34 -4.18 5.64 2.74
C ASP A 34 -3.65 5.23 1.37
N TRP A 35 -4.42 4.39 0.70
CA TRP A 35 -4.10 3.93 -0.64
C TRP A 35 -5.02 4.67 -1.60
N TRP A 36 -4.61 4.80 -2.85
CA TRP A 36 -5.42 5.52 -3.81
C TRP A 36 -6.12 4.60 -4.80
N GLU A 37 -7.42 4.81 -4.94
CA GLU A 37 -8.22 4.07 -5.89
C GLU A 37 -8.21 4.84 -7.19
N ALA A 38 -7.62 4.28 -8.24
CA ALA A 38 -7.53 4.97 -9.51
C ALA A 38 -7.85 4.07 -10.69
N ARG A 39 -8.14 4.71 -11.81
CA ARG A 39 -8.43 3.99 -13.04
C ARG A 39 -7.25 4.15 -14.00
N SER A 40 -6.66 3.03 -14.41
CA SER A 40 -5.54 3.08 -15.34
C SER A 40 -6.03 3.52 -16.71
N LEU A 41 -5.31 4.44 -17.34
CA LEU A 41 -5.68 4.93 -18.65
C LEU A 41 -5.28 3.92 -19.72
N THR A 42 -4.49 2.94 -19.32
CA THR A 42 -4.02 1.90 -20.23
C THR A 42 -5.05 0.80 -20.41
N THR A 43 -5.47 0.19 -19.31
CA THR A 43 -6.42 -0.90 -19.33
C THR A 43 -7.86 -0.41 -19.16
N GLY A 44 -8.03 0.66 -18.40
CA GLY A 44 -9.35 1.18 -18.15
C GLY A 44 -10.00 0.51 -16.95
N GLU A 45 -9.18 -0.08 -16.10
CA GLU A 45 -9.66 -0.76 -14.91
C GLU A 45 -9.29 -0.01 -13.66
N THR A 46 -10.01 -0.28 -12.57
CA THR A 46 -9.76 0.37 -11.30
C THR A 46 -8.91 -0.52 -10.40
N GLY A 47 -8.62 -0.05 -9.19
CA GLY A 47 -7.83 -0.81 -8.26
C GLY A 47 -7.04 0.07 -7.33
N TYR A 48 -6.66 -0.46 -6.18
CA TYR A 48 -5.89 0.30 -5.20
C TYR A 48 -4.42 0.30 -5.61
N ILE A 49 -3.89 1.47 -5.90
CA ILE A 49 -2.51 1.60 -6.30
C ILE A 49 -1.65 2.04 -5.12
N PRO A 50 -0.43 1.50 -5.00
CA PRO A 50 0.49 1.85 -3.91
C PRO A 50 0.86 3.34 -3.97
N SER A 51 0.50 4.05 -2.91
CA SER A 51 0.76 5.49 -2.82
C SER A 51 2.25 5.82 -2.75
N ASN A 52 3.09 4.79 -2.66
CA ASN A 52 4.53 4.98 -2.58
C ASN A 52 5.22 4.58 -3.88
N TYR A 53 4.45 4.20 -4.89
CA TYR A 53 5.01 3.81 -6.17
C TYR A 53 4.60 4.78 -7.28
N VAL A 54 3.90 5.83 -6.90
CA VAL A 54 3.44 6.83 -7.86
C VAL A 54 3.74 8.23 -7.37
N ALA A 55 3.77 9.17 -8.30
CA ALA A 55 4.04 10.56 -7.96
C ALA A 55 3.09 11.49 -8.72
N PRO A 56 2.63 12.56 -8.06
CA PRO A 56 1.71 13.53 -8.68
C PRO A 56 2.44 14.45 -9.65
N VAL A 57 1.90 14.58 -10.86
CA VAL A 57 2.50 15.42 -11.87
C VAL A 57 1.99 16.86 -11.72
N MET B 1 3.18 -13.89 15.63
CA MET B 1 4.57 -13.57 16.02
C MET B 1 4.61 -12.35 16.94
N ALA B 2 4.29 -11.19 16.39
CA ALA B 2 4.30 -9.96 17.18
C ALA B 2 3.42 -8.90 16.53
N THR B 3 3.17 -7.82 17.27
CA THR B 3 2.35 -6.72 16.78
C THR B 3 3.22 -5.63 16.15
N VAL B 4 2.76 -5.09 15.04
CA VAL B 4 3.49 -4.04 14.34
C VAL B 4 2.88 -2.67 14.62
N LYS B 5 3.72 -1.72 15.00
CA LYS B 5 3.28 -0.37 15.28
C LYS B 5 3.42 0.50 14.05
N PHE B 6 2.31 1.02 13.57
CA PHE B 6 2.29 1.85 12.38
C PHE B 6 1.41 3.07 12.59
N LYS B 7 1.35 3.91 11.57
CA LYS B 7 0.52 5.11 11.62
C LYS B 7 -0.45 5.11 10.46
N TYR B 8 -1.69 5.48 10.74
CA TYR B 8 -2.72 5.56 9.73
C TYR B 8 -3.48 6.85 9.89
N LYS B 9 -3.40 7.73 8.88
CA LYS B 9 -4.08 9.02 8.91
C LYS B 9 -3.61 9.87 10.10
N GLY B 10 -2.41 9.58 10.59
CA GLY B 10 -1.87 10.32 11.72
C GLY B 10 -2.16 9.66 13.04
N GLU B 11 -2.85 8.53 13.01
CA GLU B 11 -3.18 7.81 14.23
C GLU B 11 -2.28 6.59 14.40
N GLU B 12 -1.78 6.38 15.61
CA GLU B 12 -0.90 5.24 15.89
C GLU B 12 -1.73 4.01 16.23
N LYS B 13 -1.48 2.92 15.53
CA LYS B 13 -2.19 1.69 15.75
C LYS B 13 -1.24 0.50 15.68
N GLN B 14 -1.60 -0.57 16.38
CA GLN B 14 -0.80 -1.78 16.40
C GLN B 14 -1.64 -2.99 16.00
N VAL B 15 -1.18 -3.71 14.99
CA VAL B 15 -1.88 -4.88 14.49
C VAL B 15 -0.90 -6.03 14.27
N ASP B 16 -1.37 -7.25 14.50
CA ASP B 16 -0.55 -8.44 14.31
C ASP B 16 -0.06 -8.54 12.88
N ILE B 17 1.19 -8.96 12.71
CA ILE B 17 1.79 -9.10 11.39
C ILE B 17 1.06 -10.19 10.60
N SER B 18 0.47 -11.14 11.31
CA SER B 18 -0.26 -12.24 10.68
C SER B 18 -1.60 -11.77 10.12
N LYS B 19 -1.99 -10.55 10.49
CA LYS B 19 -3.26 -9.99 10.03
C LYS B 19 -3.02 -9.04 8.87
N ILE B 20 -1.77 -8.94 8.45
CA ILE B 20 -1.40 -8.08 7.33
C ILE B 20 -1.37 -8.89 6.04
N VAL B 21 -2.06 -8.42 5.02
CA VAL B 21 -2.14 -9.12 3.75
C VAL B 21 -0.88 -8.85 2.89
N PHE B 22 -0.92 -7.78 2.09
CA PHE B 22 0.20 -7.45 1.23
C PHE B 22 1.04 -6.34 1.84
N VAL B 23 2.34 -6.36 1.53
CA VAL B 23 3.29 -5.37 2.03
C VAL B 23 4.06 -4.76 0.86
N THR B 24 3.87 -3.46 0.64
CA THR B 24 4.54 -2.78 -0.45
C THR B 24 5.63 -1.84 0.06
N ARG B 25 6.88 -2.28 -0.09
CA ARG B 25 8.03 -1.49 0.34
C ARG B 25 8.67 -0.78 -0.86
N TYR B 26 9.21 0.41 -0.64
CA TYR B 26 9.83 1.18 -1.73
C TYR B 26 11.14 1.83 -1.26
N GLY B 27 11.54 1.53 -0.04
CA GLY B 27 12.77 2.10 0.49
C GLY B 27 12.55 3.51 0.98
N LYS B 28 11.29 3.83 1.25
CA LYS B 28 10.89 5.16 1.71
C LYS B 28 9.85 5.00 2.80
N GLN B 29 8.74 4.37 2.44
CA GLN B 29 7.64 4.13 3.34
C GLN B 29 6.98 2.79 3.00
N ILE B 30 6.72 1.99 4.03
CA ILE B 30 6.08 0.70 3.83
C ILE B 30 4.57 0.83 3.93
N PHE B 31 3.89 0.51 2.84
CA PHE B 31 2.43 0.57 2.80
C PHE B 31 1.86 -0.84 2.81
N PHE B 32 0.84 -1.07 3.61
CA PHE B 32 0.21 -2.38 3.68
C PHE B 32 -1.24 -2.29 4.08
N ARG B 33 -1.92 -3.43 4.05
CA ARG B 33 -3.33 -3.52 4.43
C ARG B 33 -3.54 -4.68 5.39
N TYR B 34 -4.39 -4.49 6.37
CA TYR B 34 -4.66 -5.52 7.36
C TYR B 34 -6.15 -5.68 7.58
N ASP B 35 -6.53 -6.68 8.36
CA ASP B 35 -7.93 -6.93 8.67
C ASP B 35 -8.07 -7.39 10.12
N LEU B 36 -8.93 -6.73 10.86
CA LEU B 36 -9.16 -7.07 12.26
C LEU B 36 -10.42 -7.89 12.42
N GLY B 37 -10.37 -8.88 13.32
CA GLY B 37 -11.51 -9.75 13.56
C GLY B 37 -12.73 -9.01 14.06
N GLY B 38 -12.53 -7.83 14.62
CA GLY B 38 -13.64 -7.03 15.11
C GLY B 38 -14.42 -6.37 13.99
N GLY B 39 -13.94 -6.54 12.76
CA GLY B 39 -14.61 -5.95 11.62
C GLY B 39 -14.11 -4.56 11.31
N LYS B 40 -12.82 -4.33 11.55
CA LYS B 40 -12.21 -3.03 11.31
C LYS B 40 -11.00 -3.14 10.39
N PRO B 41 -11.23 -3.29 9.08
CA PRO B 41 -10.16 -3.39 8.10
C PRO B 41 -9.61 -2.02 7.73
N GLY B 42 -8.32 -1.96 7.40
CA GLY B 42 -7.73 -0.69 7.05
C GLY B 42 -6.32 -0.83 6.52
N PHE B 43 -5.68 0.30 6.30
CA PHE B 43 -4.32 0.33 5.79
C PHE B 43 -3.38 0.88 6.85
N GLY B 44 -2.09 0.85 6.56
CA GLY B 44 -1.11 1.37 7.49
C GLY B 44 0.20 1.67 6.79
N VAL B 45 0.95 2.63 7.31
CA VAL B 45 2.22 3.02 6.71
C VAL B 45 3.29 3.18 7.78
N VAL B 46 4.49 2.68 7.47
CA VAL B 46 5.62 2.79 8.38
C VAL B 46 6.80 3.46 7.66
N SER B 47 7.42 4.42 8.32
CA SER B 47 8.55 5.12 7.73
C SER B 47 9.79 4.23 7.74
N GLU B 48 10.43 4.10 6.60
CA GLU B 48 11.62 3.27 6.48
C GLU B 48 12.87 4.05 6.88
N LYS B 49 12.66 5.26 7.39
CA LYS B 49 13.78 6.12 7.80
C LYS B 49 13.68 6.46 9.29
N ASP B 50 12.46 6.71 9.75
CA ASP B 50 12.24 7.07 11.15
C ASP B 50 12.15 5.86 12.05
N ALA B 51 11.31 4.91 11.66
CA ALA B 51 11.11 3.70 12.43
C ALA B 51 12.36 2.82 12.45
N PRO B 52 12.59 2.11 13.56
CA PRO B 52 13.75 1.22 13.69
C PRO B 52 13.78 0.13 12.63
N LYS B 53 14.98 -0.27 12.25
CA LYS B 53 15.16 -1.32 11.24
C LYS B 53 14.52 -2.63 11.68
N GLU B 54 14.44 -2.81 12.99
CA GLU B 54 13.85 -4.01 13.57
C GLU B 54 12.45 -4.27 13.02
N LEU B 55 11.66 -3.22 12.89
CA LEU B 55 10.31 -3.34 12.38
C LEU B 55 10.32 -3.56 10.87
N LEU B 56 11.25 -2.93 10.19
CA LEU B 56 11.38 -3.05 8.75
C LEU B 56 11.78 -4.47 8.37
N GLN B 57 12.62 -5.09 9.19
CA GLN B 57 13.08 -6.45 8.94
C GLN B 57 11.97 -7.47 9.21
N LYS B 58 10.91 -7.01 9.88
CA LYS B 58 9.78 -7.87 10.18
C LYS B 58 8.69 -7.67 9.13
N LEU B 59 8.54 -6.42 8.70
CA LEU B 59 7.54 -6.08 7.68
C LEU B 59 7.92 -6.63 6.32
N GLU B 60 9.22 -6.66 6.02
CA GLU B 60 9.69 -7.17 4.75
C GLU B 60 9.60 -8.69 4.74
N LYS B 61 8.46 -9.20 4.29
CA LYS B 61 8.25 -10.63 4.19
C LYS B 61 9.11 -11.18 3.06
N GLN B 62 10.14 -11.93 3.43
CA GLN B 62 11.06 -12.52 2.46
C GLN B 62 10.28 -13.27 1.39
N LYS B 63 10.50 -12.89 0.14
CA LYS B 63 9.82 -13.51 -1.00
C LYS B 63 8.32 -13.21 -0.94
N LYS B 64 7.98 -11.92 -0.95
CA LYS B 64 6.60 -11.50 -0.89
C LYS B 64 5.88 -11.82 -2.21
N THR A 1 -6.36 14.91 -10.77
CA THR A 1 -4.89 14.99 -10.67
C THR A 1 -4.25 13.73 -11.25
N LEU A 2 -3.42 13.91 -12.27
CA LEU A 2 -2.75 12.80 -12.91
C LEU A 2 -1.51 12.37 -12.14
N PHE A 3 -1.44 11.09 -11.85
CA PHE A 3 -0.31 10.53 -11.14
C PHE A 3 0.40 9.51 -12.02
N VAL A 4 1.71 9.68 -12.18
CA VAL A 4 2.50 8.78 -13.01
C VAL A 4 3.22 7.75 -12.14
N ALA A 5 3.18 6.50 -12.57
CA ALA A 5 3.83 5.42 -11.85
C ALA A 5 5.35 5.54 -11.99
N LEU A 6 6.01 5.69 -10.85
CA LEU A 6 7.45 5.83 -10.80
C LEU A 6 8.13 4.50 -11.16
N TYR A 7 7.46 3.41 -10.80
CA TYR A 7 7.99 2.08 -11.08
C TYR A 7 6.84 1.10 -11.25
N ASP A 8 7.18 -0.16 -11.47
CA ASP A 8 6.19 -1.22 -11.64
C ASP A 8 5.80 -1.79 -10.28
N TYR A 9 4.65 -2.44 -10.22
CA TYR A 9 4.17 -3.03 -8.98
C TYR A 9 3.50 -4.38 -9.24
N GLU A 10 3.99 -5.40 -8.53
CA GLU A 10 3.44 -6.75 -8.66
C GLU A 10 2.29 -6.93 -7.69
N ALA A 11 1.09 -7.11 -8.23
CA ALA A 11 -0.11 -7.28 -7.42
C ALA A 11 -0.24 -8.72 -6.94
N ARG A 12 -0.95 -8.90 -5.84
CA ARG A 12 -1.14 -10.23 -5.27
C ARG A 12 -2.63 -10.58 -5.24
N THR A 13 -3.49 -9.57 -5.31
CA THR A 13 -4.93 -9.79 -5.28
C THR A 13 -5.60 -9.06 -6.44
N GLU A 14 -6.91 -8.82 -6.31
CA GLU A 14 -7.66 -8.13 -7.35
C GLU A 14 -7.92 -6.68 -6.94
N ASP A 15 -7.80 -6.42 -5.65
CA ASP A 15 -8.00 -5.08 -5.11
C ASP A 15 -6.85 -4.18 -5.54
N ASP A 16 -5.64 -4.69 -5.37
CA ASP A 16 -4.44 -3.97 -5.76
C ASP A 16 -4.24 -4.11 -7.27
N LEU A 17 -4.04 -2.97 -7.92
CA LEU A 17 -3.89 -2.92 -9.37
C LEU A 17 -2.43 -3.09 -9.80
N SER A 18 -2.22 -3.87 -10.86
CA SER A 18 -0.88 -4.09 -11.38
C SER A 18 -0.60 -3.07 -12.48
N PHE A 19 0.61 -2.50 -12.48
CA PHE A 19 0.98 -1.51 -13.47
C PHE A 19 2.50 -1.49 -13.68
N HIS A 20 2.94 -0.64 -14.60
CA HIS A 20 4.35 -0.53 -14.90
C HIS A 20 4.80 0.92 -14.87
N LYS A 21 6.10 1.13 -15.02
CA LYS A 21 6.68 2.46 -15.01
C LYS A 21 6.17 3.29 -16.19
N GLY A 22 5.57 4.44 -15.89
CA GLY A 22 5.04 5.29 -16.93
C GLY A 22 3.52 5.28 -16.98
N GLU A 23 2.92 4.45 -16.15
CA GLU A 23 1.47 4.34 -16.09
C GLU A 23 0.85 5.63 -15.55
N LYS A 24 -0.18 6.12 -16.25
CA LYS A 24 -0.86 7.34 -15.85
C LYS A 24 -2.18 6.99 -15.16
N PHE A 25 -2.29 7.39 -13.91
CA PHE A 25 -3.49 7.09 -13.13
C PHE A 25 -4.29 8.34 -12.80
N GLN A 26 -5.60 8.18 -12.83
CA GLN A 26 -6.52 9.26 -12.48
C GLN A 26 -7.15 8.91 -11.14
N ILE A 27 -6.69 9.58 -10.09
CA ILE A 27 -7.16 9.32 -8.73
C ILE A 27 -8.66 9.55 -8.61
N LEU A 28 -9.37 8.52 -8.16
CA LEU A 28 -10.81 8.61 -8.01
C LEU A 28 -11.18 8.78 -6.53
N ASN A 29 -10.64 7.92 -5.69
CA ASN A 29 -10.90 7.97 -4.26
C ASN A 29 -9.61 7.84 -3.46
N SER A 30 -9.25 8.90 -2.76
CA SER A 30 -8.05 8.92 -1.94
C SER A 30 -8.37 9.41 -0.53
N SER A 31 -9.67 9.53 -0.25
CA SER A 31 -10.13 10.02 1.03
C SER A 31 -10.46 8.88 1.99
N GLU A 32 -10.31 7.65 1.53
CA GLU A 32 -10.60 6.49 2.37
C GLU A 32 -9.36 6.12 3.18
N GLY A 33 -8.54 5.21 2.63
CA GLY A 33 -7.34 4.79 3.33
C GLY A 33 -6.11 5.50 2.80
N ASP A 34 -4.94 4.96 3.09
CA ASP A 34 -3.70 5.56 2.63
C ASP A 34 -3.45 5.18 1.17
N TRP A 35 -3.97 4.03 0.77
CA TRP A 35 -3.85 3.58 -0.62
C TRP A 35 -4.93 4.28 -1.42
N TRP A 36 -4.64 4.61 -2.66
CA TRP A 36 -5.61 5.34 -3.47
C TRP A 36 -6.26 4.46 -4.53
N GLU A 37 -7.55 4.70 -4.76
CA GLU A 37 -8.31 4.00 -5.76
C GLU A 37 -8.26 4.82 -7.04
N ALA A 38 -7.70 4.26 -8.10
CA ALA A 38 -7.59 4.98 -9.36
C ALA A 38 -7.81 4.08 -10.54
N ARG A 39 -8.06 4.69 -11.69
CA ARG A 39 -8.29 3.96 -12.92
C ARG A 39 -7.18 4.25 -13.92
N SER A 40 -6.72 3.21 -14.60
CA SER A 40 -5.67 3.35 -15.59
C SER A 40 -6.20 4.03 -16.84
N LEU A 41 -5.46 5.02 -17.34
CA LEU A 41 -5.86 5.72 -18.56
C LEU A 41 -5.23 5.05 -19.77
N THR A 42 -4.56 3.93 -19.54
CA THR A 42 -3.92 3.18 -20.60
C THR A 42 -4.75 1.95 -20.97
N THR A 43 -5.11 1.16 -19.97
CA THR A 43 -5.91 -0.04 -20.21
C THR A 43 -7.36 0.19 -19.82
N GLY A 44 -7.56 0.90 -18.71
CA GLY A 44 -8.90 1.17 -18.22
C GLY A 44 -9.19 0.42 -16.94
N GLU A 45 -8.23 -0.37 -16.50
CA GLU A 45 -8.37 -1.17 -15.28
C GLU A 45 -8.46 -0.26 -14.06
N THR A 46 -9.29 -0.64 -13.09
CA THR A 46 -9.47 0.14 -11.89
C THR A 46 -9.03 -0.67 -10.66
N GLY A 47 -8.45 -0.01 -9.67
CA GLY A 47 -8.01 -0.69 -8.48
C GLY A 47 -7.21 0.21 -7.57
N TYR A 48 -6.77 -0.33 -6.44
CA TYR A 48 -5.99 0.44 -5.48
C TYR A 48 -4.53 0.39 -5.86
N ILE A 49 -3.87 1.54 -5.78
CA ILE A 49 -2.47 1.66 -6.12
C ILE A 49 -1.66 2.21 -4.96
N PRO A 50 -0.41 1.75 -4.81
CA PRO A 50 0.49 2.20 -3.75
C PRO A 50 0.89 3.67 -3.95
N SER A 51 0.57 4.49 -2.95
CA SER A 51 0.86 5.91 -2.99
C SER A 51 2.36 6.23 -2.93
N ASN A 52 3.18 5.21 -2.77
CA ASN A 52 4.62 5.38 -2.70
C ASN A 52 5.28 5.01 -4.02
N TYR A 53 4.46 4.72 -5.02
CA TYR A 53 4.97 4.34 -6.34
C TYR A 53 4.40 5.24 -7.43
N VAL A 54 3.80 6.34 -7.03
CA VAL A 54 3.21 7.28 -7.99
C VAL A 54 3.56 8.71 -7.63
N ALA A 55 3.73 9.55 -8.65
CA ALA A 55 4.06 10.95 -8.45
C ALA A 55 3.14 11.84 -9.26
N PRO A 56 2.75 13.00 -8.70
CA PRO A 56 1.86 13.94 -9.39
C PRO A 56 2.55 14.64 -10.56
N VAL A 57 1.88 14.66 -11.71
CA VAL A 57 2.43 15.30 -12.89
C VAL A 57 2.04 16.77 -12.90
N MET B 1 3.50 -13.68 15.27
CA MET B 1 4.95 -13.39 15.25
C MET B 1 5.24 -12.14 16.07
N ALA B 2 4.81 -10.99 15.58
CA ALA B 2 5.02 -9.71 16.25
C ALA B 2 3.96 -8.69 15.85
N THR B 3 3.66 -7.78 16.74
CA THR B 3 2.69 -6.74 16.50
C THR B 3 3.38 -5.47 16.00
N VAL B 4 2.98 -5.00 14.83
CA VAL B 4 3.57 -3.82 14.23
C VAL B 4 2.71 -2.58 14.49
N LYS B 5 3.37 -1.51 14.91
CA LYS B 5 2.70 -0.25 15.18
C LYS B 5 2.97 0.71 14.02
N PHE B 6 1.93 1.02 13.26
CA PHE B 6 2.07 1.90 12.11
C PHE B 6 1.02 3.00 12.14
N LYS B 7 0.98 3.79 11.08
CA LYS B 7 0.02 4.86 10.97
C LYS B 7 -1.00 4.55 9.89
N TYR B 8 -2.21 5.03 10.09
CA TYR B 8 -3.29 4.83 9.14
C TYR B 8 -4.11 6.11 9.02
N LYS B 9 -3.89 6.84 7.93
CA LYS B 9 -4.59 8.10 7.67
C LYS B 9 -4.31 9.10 8.80
N GLY B 10 -3.13 9.00 9.40
CA GLY B 10 -2.78 9.91 10.47
C GLY B 10 -2.88 9.25 11.83
N GLU B 11 -3.82 8.31 11.96
CA GLU B 11 -4.04 7.59 13.22
C GLU B 11 -2.95 6.54 13.43
N GLU B 12 -2.89 5.99 14.62
CA GLU B 12 -1.92 4.96 14.94
C GLU B 12 -2.62 3.65 15.20
N LYS B 13 -2.17 2.58 14.56
CA LYS B 13 -2.78 1.27 14.72
C LYS B 13 -1.72 0.20 14.95
N GLN B 14 -2.10 -0.82 15.73
CA GLN B 14 -1.20 -1.93 16.03
C GLN B 14 -1.78 -3.22 15.48
N VAL B 15 -1.17 -3.76 14.44
CA VAL B 15 -1.64 -4.99 13.82
C VAL B 15 -0.49 -5.97 13.69
N ASP B 16 -0.77 -7.24 13.96
CA ASP B 16 0.24 -8.28 13.87
C ASP B 16 0.68 -8.49 12.42
N ILE B 17 1.97 -8.72 12.23
CA ILE B 17 2.52 -8.93 10.91
C ILE B 17 1.92 -10.17 10.24
N SER B 18 1.43 -11.08 11.07
CA SER B 18 0.82 -12.32 10.57
C SER B 18 -0.58 -12.06 10.01
N LYS B 19 -1.00 -10.80 10.04
CA LYS B 19 -2.32 -10.41 9.52
C LYS B 19 -2.16 -9.50 8.31
N ILE B 20 -0.92 -9.39 7.84
CA ILE B 20 -0.62 -8.55 6.68
C ILE B 20 -0.57 -9.40 5.40
N VAL B 21 -1.25 -8.94 4.36
CA VAL B 21 -1.30 -9.66 3.10
C VAL B 21 -0.02 -9.47 2.28
N PHE B 22 0.28 -8.23 1.93
CA PHE B 22 1.48 -7.94 1.14
C PHE B 22 2.14 -6.66 1.62
N VAL B 23 3.44 -6.55 1.38
CA VAL B 23 4.22 -5.39 1.78
C VAL B 23 4.91 -4.76 0.58
N THR B 24 4.64 -3.48 0.35
CA THR B 24 5.25 -2.76 -0.76
C THR B 24 6.19 -1.66 -0.27
N ARG B 25 7.49 -1.89 -0.42
CA ARG B 25 8.49 -0.93 0.02
C ARG B 25 9.04 -0.16 -1.18
N TYR B 26 9.44 1.08 -0.95
CA TYR B 26 9.97 1.93 -2.02
C TYR B 26 11.35 2.48 -1.67
N GLY B 27 11.65 2.54 -0.38
CA GLY B 27 12.93 3.09 0.05
C GLY B 27 12.76 4.46 0.65
N LYS B 28 11.52 4.77 1.00
CA LYS B 28 11.15 6.05 1.59
C LYS B 28 10.04 5.82 2.61
N GLN B 29 8.99 5.13 2.16
CA GLN B 29 7.85 4.82 3.01
C GLN B 29 7.31 3.44 2.62
N ILE B 30 7.00 2.63 3.63
CA ILE B 30 6.47 1.29 3.39
C ILE B 30 4.94 1.31 3.42
N PHE B 31 4.34 0.76 2.38
CA PHE B 31 2.89 0.69 2.30
C PHE B 31 2.44 -0.76 2.23
N PHE B 32 1.49 -1.14 3.05
CA PHE B 32 1.03 -2.52 3.07
C PHE B 32 -0.48 -2.60 3.32
N ARG B 33 -1.02 -3.80 3.18
CA ARG B 33 -2.44 -4.04 3.40
C ARG B 33 -2.62 -5.21 4.36
N TYR B 34 -3.54 -5.08 5.31
CA TYR B 34 -3.78 -6.13 6.29
C TYR B 34 -5.26 -6.44 6.42
N ASP B 35 -5.56 -7.55 7.07
CA ASP B 35 -6.94 -7.98 7.28
C ASP B 35 -7.12 -8.38 8.74
N LEU B 36 -7.95 -7.63 9.44
CA LEU B 36 -8.21 -7.89 10.85
C LEU B 36 -9.35 -8.88 11.02
N GLY B 37 -9.15 -9.84 11.92
CA GLY B 37 -10.16 -10.86 12.17
C GLY B 37 -11.44 -10.28 12.78
N GLY B 38 -11.40 -9.01 13.15
CA GLY B 38 -12.56 -8.35 13.71
C GLY B 38 -13.61 -8.03 12.66
N GLY B 39 -13.23 -8.16 11.40
CA GLY B 39 -14.15 -7.89 10.32
C GLY B 39 -13.89 -6.55 9.66
N LYS B 40 -12.71 -5.99 9.89
CA LYS B 40 -12.37 -4.72 9.29
C LYS B 40 -10.93 -4.70 8.78
N PRO B 41 -10.75 -4.80 7.44
CA PRO B 41 -9.43 -4.77 6.83
C PRO B 41 -8.99 -3.32 6.55
N GLY B 42 -7.75 -3.14 6.15
CA GLY B 42 -7.28 -1.79 5.87
C GLY B 42 -5.84 -1.76 5.41
N PHE B 43 -5.31 -0.56 5.26
CA PHE B 43 -3.93 -0.37 4.83
C PHE B 43 -3.10 0.25 5.96
N GLY B 44 -1.79 0.26 5.76
CA GLY B 44 -0.90 0.84 6.75
C GLY B 44 0.36 1.40 6.13
N VAL B 45 0.94 2.42 6.76
CA VAL B 45 2.15 3.03 6.23
C VAL B 45 3.17 3.29 7.34
N VAL B 46 4.44 3.06 7.04
CA VAL B 46 5.54 3.29 7.97
C VAL B 46 6.68 4.01 7.27
N SER B 47 7.24 5.02 7.92
CA SER B 47 8.34 5.77 7.34
C SER B 47 9.64 4.98 7.42
N GLU B 48 10.39 4.96 6.33
CA GLU B 48 11.65 4.25 6.28
C GLU B 48 12.79 5.16 6.72
N LYS B 49 12.42 6.33 7.22
CA LYS B 49 13.39 7.32 7.66
C LYS B 49 13.05 7.86 9.04
N ASP B 50 11.77 8.16 9.26
CA ASP B 50 11.32 8.72 10.53
C ASP B 50 10.77 7.67 11.48
N ALA B 51 11.34 6.47 11.42
CA ALA B 51 10.89 5.39 12.30
C ALA B 51 12.05 4.44 12.59
N PRO B 52 11.99 3.72 13.73
CA PRO B 52 13.02 2.75 14.11
C PRO B 52 13.17 1.66 13.07
N LYS B 53 14.41 1.34 12.73
CA LYS B 53 14.69 0.34 11.71
C LYS B 53 14.28 -1.06 12.16
N GLU B 54 14.09 -1.25 13.47
CA GLU B 54 13.71 -2.55 13.99
C GLU B 54 12.38 -3.00 13.39
N LEU B 55 11.43 -2.08 13.32
CA LEU B 55 10.12 -2.38 12.74
C LEU B 55 10.25 -2.63 11.25
N LEU B 56 11.10 -1.84 10.60
CA LEU B 56 11.32 -1.97 9.17
C LEU B 56 11.96 -3.31 8.84
N GLN B 57 12.91 -3.72 9.67
CA GLN B 57 13.62 -4.98 9.49
C GLN B 57 12.68 -6.17 9.58
N LYS B 58 11.70 -6.08 10.49
CA LYS B 58 10.74 -7.16 10.67
C LYS B 58 9.66 -7.11 9.59
N LEU B 59 9.30 -5.90 9.18
CA LEU B 59 8.26 -5.72 8.16
C LEU B 59 8.66 -6.37 6.84
N GLU B 60 9.82 -5.99 6.30
CA GLU B 60 10.27 -6.55 5.04
C GLU B 60 11.04 -7.84 5.26
N LYS B 61 10.32 -8.94 5.26
CA LYS B 61 10.92 -10.24 5.42
C LYS B 61 11.54 -10.64 4.09
N GLN B 62 12.61 -11.40 4.11
CA GLN B 62 13.25 -11.83 2.89
C GLN B 62 12.29 -12.74 2.11
N LYS B 63 12.25 -12.55 0.80
CA LYS B 63 11.39 -13.34 -0.09
C LYS B 63 9.92 -12.94 0.11
N LYS B 64 9.66 -11.65 -0.03
CA LYS B 64 8.31 -11.11 0.11
C LYS B 64 7.65 -10.93 -1.25
N THR A 1 -5.21 16.32 -10.48
CA THR A 1 -3.81 16.02 -10.85
C THR A 1 -3.67 14.57 -11.27
N LEU A 2 -2.87 14.33 -12.29
CA LEU A 2 -2.62 12.98 -12.77
C LEU A 2 -1.39 12.41 -12.09
N PHE A 3 -1.36 11.10 -11.92
CA PHE A 3 -0.24 10.45 -11.26
C PHE A 3 0.44 9.47 -12.20
N VAL A 4 1.76 9.47 -12.17
CA VAL A 4 2.55 8.59 -13.01
C VAL A 4 3.28 7.56 -12.14
N ALA A 5 3.33 6.32 -12.61
CA ALA A 5 4.00 5.25 -11.88
C ALA A 5 5.50 5.41 -11.95
N LEU A 6 6.14 5.50 -10.78
CA LEU A 6 7.58 5.66 -10.70
C LEU A 6 8.27 4.31 -10.93
N TYR A 7 7.68 3.26 -10.39
CA TYR A 7 8.24 1.91 -10.51
C TYR A 7 7.15 0.92 -10.89
N ASP A 8 7.55 -0.23 -11.42
CA ASP A 8 6.61 -1.26 -11.82
C ASP A 8 6.08 -2.00 -10.60
N TYR A 9 4.77 -1.98 -10.41
CA TYR A 9 4.16 -2.64 -9.28
C TYR A 9 3.33 -3.83 -9.74
N GLU A 10 3.72 -5.01 -9.30
CA GLU A 10 3.00 -6.22 -9.66
C GLU A 10 2.00 -6.55 -8.58
N ALA A 11 0.73 -6.60 -8.95
CA ALA A 11 -0.34 -6.90 -8.03
C ALA A 11 -0.34 -8.38 -7.64
N ARG A 12 -0.91 -8.67 -6.49
CA ARG A 12 -0.98 -10.04 -6.01
C ARG A 12 -2.42 -10.44 -5.74
N THR A 13 -3.27 -9.46 -5.45
CA THR A 13 -4.66 -9.72 -5.17
C THR A 13 -5.57 -9.04 -6.21
N GLU A 14 -6.86 -9.01 -5.92
CA GLU A 14 -7.83 -8.40 -6.84
C GLU A 14 -8.17 -6.97 -6.41
N ASP A 15 -7.61 -6.56 -5.28
CA ASP A 15 -7.84 -5.22 -4.76
C ASP A 15 -6.80 -4.25 -5.28
N ASP A 16 -5.55 -4.70 -5.28
CA ASP A 16 -4.44 -3.89 -5.76
C ASP A 16 -4.36 -3.97 -7.29
N LEU A 17 -3.93 -2.88 -7.90
CA LEU A 17 -3.84 -2.81 -9.35
C LEU A 17 -2.40 -2.96 -9.84
N SER A 18 -2.21 -3.83 -10.82
CA SER A 18 -0.90 -4.06 -11.41
C SER A 18 -0.65 -3.03 -12.51
N PHE A 19 0.56 -2.47 -12.53
CA PHE A 19 0.91 -1.47 -13.53
C PHE A 19 2.41 -1.42 -13.73
N HIS A 20 2.83 -0.80 -14.81
CA HIS A 20 4.25 -0.68 -15.13
C HIS A 20 4.73 0.75 -14.96
N LYS A 21 6.03 0.92 -14.92
CA LYS A 21 6.65 2.23 -14.77
C LYS A 21 6.29 3.13 -15.95
N GLY A 22 5.75 4.30 -15.65
CA GLY A 22 5.36 5.23 -16.70
C GLY A 22 3.86 5.27 -16.90
N GLU A 23 3.16 4.41 -16.17
CA GLU A 23 1.71 4.32 -16.25
C GLU A 23 1.05 5.58 -15.69
N LYS A 24 -0.10 5.94 -16.24
CA LYS A 24 -0.82 7.12 -15.79
C LYS A 24 -2.20 6.70 -15.28
N PHE A 25 -2.59 7.22 -14.12
CA PHE A 25 -3.88 6.87 -13.54
C PHE A 25 -4.66 8.11 -13.11
N GLN A 26 -5.97 7.95 -13.07
CA GLN A 26 -6.86 9.02 -12.62
C GLN A 26 -7.42 8.63 -11.26
N ILE A 27 -7.05 9.39 -10.24
CA ILE A 27 -7.51 9.12 -8.88
C ILE A 27 -9.03 9.25 -8.78
N LEU A 28 -9.67 8.24 -8.22
CA LEU A 28 -11.11 8.25 -8.06
C LEU A 28 -11.49 8.46 -6.61
N ASN A 29 -10.82 7.76 -5.71
CA ASN A 29 -11.11 7.87 -4.29
C ASN A 29 -9.83 7.88 -3.47
N SER A 30 -9.50 9.05 -2.91
CA SER A 30 -8.30 9.20 -2.09
C SER A 30 -8.67 9.21 -0.60
N SER A 31 -9.96 9.31 -0.32
CA SER A 31 -10.45 9.35 1.05
C SER A 31 -10.62 7.95 1.62
N GLU A 32 -10.15 6.96 0.90
CA GLU A 32 -10.26 5.57 1.34
C GLU A 32 -9.20 5.25 2.39
N GLY A 33 -8.16 6.07 2.44
CA GLY A 33 -7.10 5.86 3.40
C GLY A 33 -5.75 6.17 2.81
N ASP A 34 -4.76 5.36 3.14
CA ASP A 34 -3.41 5.56 2.63
C ASP A 34 -3.34 5.04 1.20
N TRP A 35 -4.06 3.96 0.93
CA TRP A 35 -4.10 3.40 -0.41
C TRP A 35 -5.28 4.01 -1.15
N TRP A 36 -5.02 4.57 -2.32
CA TRP A 36 -6.08 5.22 -3.09
C TRP A 36 -6.51 4.35 -4.26
N GLU A 37 -7.79 4.43 -4.60
CA GLU A 37 -8.33 3.67 -5.71
C GLU A 37 -8.37 4.56 -6.94
N ALA A 38 -7.70 4.14 -8.00
CA ALA A 38 -7.64 4.93 -9.22
C ALA A 38 -7.88 4.06 -10.45
N ARG A 39 -8.20 4.72 -11.54
CA ARG A 39 -8.45 4.04 -12.80
C ARG A 39 -7.31 4.34 -13.77
N SER A 40 -6.74 3.30 -14.33
CA SER A 40 -5.65 3.44 -15.28
C SER A 40 -6.16 4.10 -16.55
N LEU A 41 -5.42 5.08 -17.06
CA LEU A 41 -5.80 5.78 -18.27
C LEU A 41 -5.33 5.00 -19.49
N THR A 42 -4.51 3.99 -19.25
CA THR A 42 -3.98 3.17 -20.33
C THR A 42 -4.86 1.95 -20.60
N THR A 43 -5.00 1.07 -19.61
CA THR A 43 -5.80 -0.13 -19.77
C THR A 43 -7.26 0.13 -19.42
N GLY A 44 -7.49 0.98 -18.42
CA GLY A 44 -8.83 1.27 -17.99
C GLY A 44 -9.21 0.53 -16.73
N GLU A 45 -8.24 -0.22 -16.21
CA GLU A 45 -8.45 -1.00 -14.99
C GLU A 45 -8.53 -0.10 -13.76
N THR A 46 -9.36 -0.47 -12.81
CA THR A 46 -9.53 0.29 -11.59
C THR A 46 -9.11 -0.55 -10.37
N GLY A 47 -8.36 0.05 -9.46
CA GLY A 47 -7.93 -0.67 -8.28
C GLY A 47 -7.12 0.20 -7.35
N TYR A 48 -6.70 -0.37 -6.24
CA TYR A 48 -5.90 0.35 -5.26
C TYR A 48 -4.46 0.39 -5.70
N ILE A 49 -3.90 1.59 -5.77
CA ILE A 49 -2.53 1.77 -6.18
C ILE A 49 -1.70 2.35 -5.04
N PRO A 50 -0.45 1.85 -4.89
CA PRO A 50 0.46 2.34 -3.85
C PRO A 50 0.80 3.82 -4.05
N SER A 51 0.33 4.64 -3.13
CA SER A 51 0.55 6.08 -3.19
C SER A 51 2.04 6.45 -3.11
N ASN A 52 2.85 5.52 -2.64
CA ASN A 52 4.28 5.75 -2.50
C ASN A 52 5.04 5.27 -3.75
N TYR A 53 4.31 4.86 -4.77
CA TYR A 53 4.93 4.40 -6.01
C TYR A 53 4.50 5.27 -7.18
N VAL A 54 3.75 6.31 -6.89
CA VAL A 54 3.26 7.21 -7.94
C VAL A 54 3.60 8.66 -7.61
N ALA A 55 3.81 9.45 -8.65
CA ALA A 55 4.13 10.86 -8.48
C ALA A 55 3.21 11.71 -9.35
N PRO A 56 2.78 12.89 -8.86
CA PRO A 56 1.91 13.79 -9.62
C PRO A 56 2.67 14.50 -10.74
N VAL A 57 2.05 14.56 -11.91
CA VAL A 57 2.65 15.20 -13.07
C VAL A 57 1.84 16.41 -13.50
N MET B 1 3.12 -15.17 14.16
CA MET B 1 4.52 -14.77 14.42
C MET B 1 4.60 -13.60 15.39
N ALA B 2 4.24 -12.40 14.94
CA ALA B 2 4.29 -11.23 15.79
C ALA B 2 3.23 -10.21 15.38
N THR B 3 3.10 -9.15 16.18
CA THR B 3 2.13 -8.11 15.91
C THR B 3 2.83 -6.84 15.44
N VAL B 4 2.34 -6.26 14.35
CA VAL B 4 2.92 -5.04 13.79
C VAL B 4 2.18 -3.81 14.29
N LYS B 5 2.94 -2.88 14.87
CA LYS B 5 2.37 -1.64 15.39
C LYS B 5 2.69 -0.49 14.45
N PHE B 6 1.66 0.03 13.80
CA PHE B 6 1.81 1.12 12.86
C PHE B 6 0.98 2.33 13.27
N LYS B 7 1.09 3.41 12.50
CA LYS B 7 0.34 4.62 12.78
C LYS B 7 -0.53 4.99 11.58
N TYR B 8 -1.78 4.56 11.62
CA TYR B 8 -2.71 4.85 10.55
C TYR B 8 -3.27 6.26 10.69
N LYS B 9 -2.60 7.21 10.05
CA LYS B 9 -3.01 8.61 10.07
C LYS B 9 -3.10 9.15 11.49
N GLY B 10 -2.11 8.82 12.31
CA GLY B 10 -2.09 9.30 13.69
C GLY B 10 -2.61 8.29 14.69
N GLU B 11 -3.31 7.27 14.22
CA GLU B 11 -3.86 6.26 15.11
C GLU B 11 -2.92 5.06 15.22
N GLU B 12 -2.43 4.81 16.42
CA GLU B 12 -1.55 3.68 16.66
C GLU B 12 -2.36 2.40 16.71
N LYS B 13 -2.10 1.49 15.79
CA LYS B 13 -2.83 0.24 15.73
C LYS B 13 -1.87 -0.94 15.58
N GLN B 14 -2.15 -2.01 16.32
CA GLN B 14 -1.33 -3.20 16.26
C GLN B 14 -2.11 -4.35 15.64
N VAL B 15 -1.64 -4.83 14.49
CA VAL B 15 -2.30 -5.92 13.80
C VAL B 15 -1.30 -7.05 13.57
N ASP B 16 -1.76 -8.28 13.74
CA ASP B 16 -0.92 -9.46 13.55
C ASP B 16 -0.32 -9.47 12.15
N ILE B 17 0.97 -9.81 12.07
CA ILE B 17 1.68 -9.85 10.79
C ILE B 17 1.06 -10.84 9.81
N SER B 18 0.41 -11.86 10.35
CA SER B 18 -0.23 -12.89 9.52
C SER B 18 -1.55 -12.40 8.92
N LYS B 19 -1.89 -11.15 9.18
CA LYS B 19 -3.12 -10.57 8.66
C LYS B 19 -2.83 -9.49 7.63
N ILE B 20 -1.58 -9.36 7.23
CA ILE B 20 -1.19 -8.36 6.26
C ILE B 20 -1.23 -8.97 4.85
N VAL B 21 -2.06 -8.40 3.99
CA VAL B 21 -2.23 -8.89 2.63
C VAL B 21 -1.02 -8.56 1.75
N PHE B 22 -0.86 -7.28 1.42
CA PHE B 22 0.25 -6.84 0.59
C PHE B 22 1.00 -5.69 1.23
N VAL B 23 2.30 -5.63 0.96
CA VAL B 23 3.17 -4.59 1.50
C VAL B 23 3.96 -3.92 0.38
N THR B 24 3.98 -2.60 0.37
CA THR B 24 4.71 -1.85 -0.65
C THR B 24 5.58 -0.76 0.00
N ARG B 25 6.89 -0.89 -0.14
CA ARG B 25 7.83 0.07 0.43
C ARG B 25 8.61 0.78 -0.69
N TYR B 26 8.90 2.05 -0.50
CA TYR B 26 9.64 2.82 -1.51
C TYR B 26 10.96 3.38 -0.95
N GLY B 27 11.31 2.95 0.25
CA GLY B 27 12.55 3.43 0.86
C GLY B 27 12.35 4.67 1.68
N LYS B 28 11.09 4.95 2.01
CA LYS B 28 10.73 6.11 2.81
C LYS B 28 9.63 5.73 3.80
N GLN B 29 8.51 5.30 3.25
CA GLN B 29 7.38 4.87 4.05
C GLN B 29 6.87 3.53 3.54
N ILE B 30 6.36 2.73 4.46
CA ILE B 30 5.83 1.42 4.15
C ILE B 30 4.32 1.46 4.10
N PHE B 31 3.76 1.30 2.92
CA PHE B 31 2.33 1.31 2.73
C PHE B 31 1.82 -0.11 2.55
N PHE B 32 0.83 -0.49 3.36
CA PHE B 32 0.29 -1.84 3.27
C PHE B 32 -1.17 -1.87 3.73
N ARG B 33 -1.81 -3.03 3.56
CA ARG B 33 -3.19 -3.21 3.96
C ARG B 33 -3.31 -4.47 4.81
N TYR B 34 -4.03 -4.35 5.91
CA TYR B 34 -4.22 -5.48 6.80
C TYR B 34 -5.66 -5.95 6.76
N ASP B 35 -5.90 -7.11 7.36
CA ASP B 35 -7.23 -7.68 7.42
C ASP B 35 -7.52 -8.12 8.84
N LEU B 36 -8.80 -8.14 9.21
CA LEU B 36 -9.21 -8.53 10.55
C LEU B 36 -10.43 -9.41 10.48
N GLY B 37 -10.46 -10.44 11.32
CA GLY B 37 -11.60 -11.35 11.36
C GLY B 37 -12.87 -10.64 11.77
N GLY B 38 -12.68 -9.49 12.42
CA GLY B 38 -13.81 -8.70 12.84
C GLY B 38 -14.54 -8.08 11.66
N GLY B 39 -13.88 -8.03 10.52
CA GLY B 39 -14.48 -7.48 9.32
C GLY B 39 -14.02 -6.08 9.03
N LYS B 40 -12.81 -5.75 9.44
CA LYS B 40 -12.27 -4.41 9.21
C LYS B 40 -10.87 -4.46 8.58
N PRO B 41 -10.80 -4.56 7.25
CA PRO B 41 -9.54 -4.60 6.52
C PRO B 41 -9.07 -3.20 6.11
N GLY B 42 -8.53 -2.46 7.06
CA GLY B 42 -8.06 -1.11 6.78
C GLY B 42 -6.64 -1.06 6.26
N PHE B 43 -6.06 0.13 6.24
CA PHE B 43 -4.70 0.30 5.75
C PHE B 43 -3.77 0.69 6.89
N GLY B 44 -2.47 0.72 6.59
CA GLY B 44 -1.49 1.09 7.59
C GLY B 44 -0.22 1.62 6.94
N VAL B 45 0.49 2.49 7.64
CA VAL B 45 1.72 3.06 7.11
C VAL B 45 2.76 3.20 8.22
N VAL B 46 4.02 2.92 7.88
CA VAL B 46 5.12 3.02 8.82
C VAL B 46 6.28 3.76 8.17
N SER B 47 7.03 4.50 8.96
CA SER B 47 8.17 5.25 8.44
C SER B 47 9.45 4.42 8.55
N GLU B 48 10.25 4.44 7.49
CA GLU B 48 11.49 3.67 7.47
C GLU B 48 12.61 4.40 8.21
N LYS B 49 12.36 5.66 8.56
CA LYS B 49 13.37 6.46 9.26
C LYS B 49 12.98 6.74 10.70
N ASP B 50 11.69 6.74 10.98
CA ASP B 50 11.21 7.05 12.33
C ASP B 50 10.90 5.78 13.14
N ALA B 51 10.79 4.65 12.46
CA ALA B 51 10.49 3.40 13.15
C ALA B 51 11.70 2.48 13.19
N PRO B 52 11.80 1.61 14.22
CA PRO B 52 12.91 0.67 14.37
C PRO B 52 12.95 -0.35 13.23
N LYS B 53 14.15 -0.78 12.86
CA LYS B 53 14.33 -1.74 11.78
C LYS B 53 13.70 -3.07 12.12
N GLU B 54 13.51 -3.32 13.42
CA GLU B 54 12.90 -4.54 13.91
C GLU B 54 11.54 -4.78 13.25
N LEU B 55 10.73 -3.73 13.18
CA LEU B 55 9.40 -3.82 12.58
C LEU B 55 9.49 -3.79 11.06
N LEU B 56 10.42 -3.01 10.54
CA LEU B 56 10.61 -2.87 9.11
C LEU B 56 11.00 -4.20 8.48
N GLN B 57 11.84 -4.96 9.18
CA GLN B 57 12.30 -6.26 8.69
C GLN B 57 11.17 -7.30 8.69
N LYS B 58 10.10 -6.99 9.41
CA LYS B 58 8.96 -7.90 9.48
C LYS B 58 7.96 -7.56 8.37
N LEU B 59 8.05 -6.35 7.85
CA LEU B 59 7.18 -5.90 6.78
C LEU B 59 7.82 -6.16 5.43
N GLU B 60 9.13 -5.96 5.36
CA GLU B 60 9.88 -6.19 4.14
C GLU B 60 10.14 -7.68 3.97
N LYS B 61 9.18 -8.37 3.39
CA LYS B 61 9.30 -9.81 3.18
C LYS B 61 9.91 -10.11 1.82
N GLN B 62 10.37 -11.34 1.64
CA GLN B 62 10.96 -11.76 0.38
C GLN B 62 9.85 -12.13 -0.58
N LYS B 63 9.87 -11.52 -1.77
CA LYS B 63 8.86 -11.77 -2.80
C LYS B 63 7.50 -11.31 -2.29
N LYS B 64 7.51 -10.20 -1.55
CA LYS B 64 6.30 -9.63 -0.97
C LYS B 64 5.31 -9.21 -2.05
#